data_7EC0
#
_entry.id   7EC0
#
_cell.length_a   82.459
_cell.length_b   101.203
_cell.length_c   103.363
_cell.angle_alpha   90.000
_cell.angle_beta   93.500
_cell.angle_gamma   90.000
#
_symmetry.space_group_name_H-M   'P 1 21 1'
#
loop_
_entity.id
_entity.type
_entity.pdbx_description
1 polymer 'Juvenile hormone acid methyltransferase'
2 non-polymer S-ADENOSYL-L-HOMOCYSTEINE
3 non-polymer 'Methyl farnesoate'
4 water water
#
_entity_poly.entity_id   1
_entity_poly.type   'polypeptide(L)'
_entity_poly.pdbx_seq_one_letter_code
;MHHHHHHSSGVDLGTENLYFQMNDDAELYRNSSSMQRRDALNSLTEYLPKFKWKESKEKILDIGCADGSVTNIISSCCPT
DFELFEACDVNVKSVKYATEHYGTSKMRFRVMDIESDLPKEMKGKFDHVFSFYTLHWIENQEKAFQNIYDLTADDGECFL
TLLAQMPVFNLFDALKHTEKWRHWLRYIKNFISPYYETSDPDVVIELLLKRVGFRYVDVRCRQKKFEFYDLKSFRNLLEA
VSPFKVGQELQEELIDDVMEVAKEMRIIDTQNSTAKLIYNLVVIHCRK
;
_entity_poly.pdbx_strand_id   A,D,G,J,M,P
#
# COMPACT_ATOMS: atom_id res chain seq x y z
N SER A 33 21.82 -30.26 4.73
CA SER A 33 21.32 -28.97 4.17
C SER A 33 20.35 -28.31 5.15
N SER A 34 20.58 -27.03 5.46
CA SER A 34 19.81 -26.19 6.42
C SER A 34 18.34 -26.05 5.98
N MET A 35 18.14 -25.99 4.66
CA MET A 35 16.80 -25.85 4.01
C MET A 35 15.93 -27.07 4.35
N GLN A 36 16.50 -28.27 4.28
CA GLN A 36 15.82 -29.57 4.57
C GLN A 36 15.54 -29.69 6.08
N ARG A 37 16.47 -29.26 6.93
CA ARG A 37 16.33 -29.27 8.41
C ARG A 37 15.10 -28.44 8.80
N ARG A 38 15.04 -27.19 8.34
CA ARG A 38 13.92 -26.24 8.66
C ARG A 38 12.60 -26.86 8.22
N ASP A 39 12.48 -27.20 6.93
CA ASP A 39 11.23 -27.75 6.32
C ASP A 39 10.74 -28.94 7.15
N ALA A 40 11.65 -29.85 7.51
CA ALA A 40 11.36 -31.05 8.34
C ALA A 40 10.76 -30.63 9.68
N LEU A 41 11.45 -29.74 10.40
CA LEU A 41 11.04 -29.22 11.74
C LEU A 41 9.69 -28.50 11.64
N ASN A 42 9.54 -27.60 10.67
CA ASN A 42 8.28 -26.84 10.41
C ASN A 42 7.15 -27.83 10.11
N SER A 43 7.42 -28.84 9.27
CA SER A 43 6.44 -29.87 8.81
C SER A 43 5.99 -30.72 10.01
N LEU A 44 6.92 -31.17 10.84
CA LEU A 44 6.64 -32.01 12.04
C LEU A 44 5.87 -31.18 13.07
N THR A 45 6.36 -29.98 13.38
CA THR A 45 5.78 -29.05 14.40
C THR A 45 4.30 -28.81 14.12
N GLU A 46 3.93 -28.70 12.84
CA GLU A 46 2.53 -28.41 12.41
C GLU A 46 1.66 -29.67 12.54
N TYR A 47 2.14 -30.81 12.04
CA TYR A 47 1.33 -32.05 11.83
C TYR A 47 1.41 -32.99 13.04
N LEU A 48 2.37 -32.78 13.95
CA LEU A 48 2.57 -33.63 15.16
C LEU A 48 1.24 -33.75 15.91
N PRO A 49 0.53 -32.64 16.22
CA PRO A 49 -0.73 -32.71 16.97
C PRO A 49 -1.92 -33.34 16.22
N LYS A 50 -1.77 -33.65 14.93
CA LYS A 50 -2.85 -34.25 14.11
C LYS A 50 -2.70 -35.77 14.07
N PHE A 51 -1.54 -36.29 14.48
CA PHE A 51 -1.23 -37.75 14.43
C PHE A 51 -2.01 -38.49 15.51
N LYS A 52 -2.27 -39.76 15.25
CA LYS A 52 -2.93 -40.70 16.19
C LYS A 52 -1.88 -41.69 16.67
N TRP A 53 -1.71 -41.83 17.98
CA TRP A 53 -0.64 -42.67 18.58
C TRP A 53 -1.22 -43.87 19.31
N LYS A 54 -0.63 -45.04 19.10
CA LYS A 54 -1.03 -46.28 19.82
C LYS A 54 -0.39 -46.28 21.21
N GLU A 55 -1.03 -46.99 22.14
CA GLU A 55 -0.66 -46.98 23.58
C GLU A 55 0.79 -47.41 23.76
N SER A 56 1.24 -48.48 23.11
CA SER A 56 2.59 -49.02 23.41
C SER A 56 3.17 -49.85 22.26
N LYS A 57 4.49 -50.03 22.29
CA LYS A 57 5.24 -50.92 21.37
C LYS A 57 4.98 -50.51 19.92
N GLU A 58 5.21 -49.23 19.58
CA GLU A 58 4.99 -48.74 18.19
C GLU A 58 6.25 -48.93 17.35
N LYS A 59 6.08 -49.37 16.10
CA LYS A 59 7.16 -49.52 15.09
C LYS A 59 7.12 -48.33 14.14
N ILE A 60 8.22 -47.61 13.97
CA ILE A 60 8.27 -46.42 13.08
C ILE A 60 9.37 -46.62 12.04
N LEU A 61 9.22 -46.00 10.86
CA LEU A 61 10.19 -46.12 9.76
C LEU A 61 10.35 -44.77 9.05
N ASP A 62 11.59 -44.39 8.76
CA ASP A 62 11.91 -43.17 7.98
C ASP A 62 12.61 -43.60 6.69
N ILE A 63 12.05 -43.22 5.55
CA ILE A 63 12.62 -43.53 4.20
C ILE A 63 13.45 -42.33 3.74
N GLY A 64 14.61 -42.59 3.13
CA GLY A 64 15.53 -41.54 2.64
C GLY A 64 16.25 -40.88 3.80
N CYS A 65 16.82 -41.69 4.69
CA CYS A 65 17.51 -41.25 5.92
C CYS A 65 18.73 -40.39 5.59
N ALA A 66 19.40 -40.65 4.46
CA ALA A 66 20.60 -39.89 4.06
C ALA A 66 21.65 -39.98 5.19
N ASP A 67 22.11 -38.83 5.68
CA ASP A 67 23.12 -38.69 6.75
C ASP A 67 22.55 -39.14 8.10
N GLY A 68 21.24 -38.95 8.32
CA GLY A 68 20.58 -39.29 9.60
C GLY A 68 20.38 -38.09 10.52
N SER A 69 20.68 -36.86 10.09
CA SER A 69 20.45 -35.64 10.92
C SER A 69 18.94 -35.44 11.11
N VAL A 70 18.20 -35.51 10.00
CA VAL A 70 16.71 -35.33 9.94
C VAL A 70 16.02 -36.50 10.66
N THR A 71 16.51 -37.73 10.47
CA THR A 71 15.95 -38.97 11.07
C THR A 71 16.03 -38.84 12.59
N ASN A 72 17.12 -38.26 13.09
CA ASN A 72 17.36 -37.99 14.53
C ASN A 72 16.37 -36.93 15.02
N ILE A 73 16.08 -35.91 14.21
CA ILE A 73 15.04 -34.88 14.50
C ILE A 73 13.69 -35.58 14.64
N ILE A 74 13.26 -36.33 13.62
CA ILE A 74 11.99 -37.11 13.61
C ILE A 74 11.90 -37.93 14.91
N SER A 75 12.95 -38.71 15.20
CA SER A 75 13.04 -39.58 16.40
C SER A 75 12.97 -38.73 17.67
N SER A 76 13.76 -37.65 17.72
CA SER A 76 13.89 -36.75 18.90
C SER A 76 12.57 -36.02 19.18
N CYS A 77 11.83 -35.65 18.14
CA CYS A 77 10.58 -34.84 18.23
C CYS A 77 9.44 -35.69 18.82
N CYS A 78 8.97 -36.70 18.09
CA CYS A 78 7.77 -37.51 18.42
C CYS A 78 7.96 -38.24 19.74
N PRO A 79 6.91 -38.38 20.58
CA PRO A 79 6.99 -39.13 21.83
C PRO A 79 7.52 -40.57 21.65
N ASP A 81 10.03 -43.41 24.29
CA ASP A 81 9.73 -44.85 24.57
C ASP A 81 9.31 -45.56 23.29
N PHE A 82 9.50 -44.96 22.12
CA PHE A 82 9.16 -45.57 20.82
C PHE A 82 9.86 -46.92 20.75
N GLU A 83 9.10 -47.98 20.46
CA GLU A 83 9.60 -49.37 20.52
C GLU A 83 10.76 -49.54 19.54
N LEU A 84 10.60 -49.06 18.32
CA LEU A 84 11.61 -49.30 17.25
C LEU A 84 11.67 -48.11 16.31
N PHE A 85 12.85 -47.82 15.79
CA PHE A 85 13.00 -46.79 14.74
C PHE A 85 13.85 -47.33 13.60
N GLU A 86 13.21 -47.77 12.54
CA GLU A 86 13.93 -48.25 11.32
C GLU A 86 14.16 -47.05 10.40
N ALA A 87 15.30 -47.05 9.71
CA ALA A 87 15.65 -46.10 8.63
C ALA A 87 16.18 -46.89 7.43
N CYS A 88 16.12 -46.33 6.23
CA CYS A 88 16.63 -46.99 4.99
C CYS A 88 17.07 -45.95 3.95
N ASP A 89 17.72 -46.42 2.89
CA ASP A 89 18.35 -45.61 1.82
C ASP A 89 18.76 -46.55 0.67
N VAL A 90 19.18 -45.99 -0.47
CA VAL A 90 19.79 -46.74 -1.61
C VAL A 90 21.30 -46.51 -1.60
N ASN A 91 21.76 -45.37 -1.07
CA ASN A 91 23.20 -45.05 -0.93
C ASN A 91 23.79 -45.95 0.15
N VAL A 92 24.77 -46.80 -0.19
CA VAL A 92 25.37 -47.73 0.80
C VAL A 92 26.32 -46.96 1.72
N LYS A 93 27.00 -45.92 1.22
CA LYS A 93 27.95 -45.12 2.04
C LYS A 93 27.19 -44.32 3.09
N SER A 94 26.04 -43.72 2.72
CA SER A 94 25.24 -42.87 3.62
C SER A 94 24.78 -43.67 4.84
N VAL A 95 24.22 -44.86 4.61
CA VAL A 95 23.69 -45.71 5.71
C VAL A 95 24.86 -46.13 6.61
N LYS A 96 26.04 -46.38 6.03
CA LYS A 96 27.26 -46.76 6.80
C LYS A 96 27.67 -45.57 7.68
N TYR A 97 27.70 -44.35 7.11
CA TYR A 97 27.96 -43.09 7.86
C TYR A 97 26.94 -42.96 8.99
N ALA A 98 25.65 -43.07 8.67
CA ALA A 98 24.49 -42.83 9.56
C ALA A 98 24.51 -43.83 10.74
N THR A 99 24.82 -45.10 10.48
CA THR A 99 24.87 -46.20 11.47
C THR A 99 25.85 -45.84 12.59
N GLU A 100 27.07 -45.42 12.23
CA GLU A 100 28.18 -45.14 13.16
C GLU A 100 27.81 -43.97 14.09
N HIS A 101 27.18 -42.93 13.53
CA HIS A 101 26.95 -41.62 14.19
C HIS A 101 25.64 -41.61 14.97
N TYR A 102 24.58 -42.23 14.44
CA TYR A 102 23.23 -42.23 15.07
C TYR A 102 22.77 -43.65 15.44
N GLY A 103 23.65 -44.65 15.35
CA GLY A 103 23.29 -46.05 15.64
C GLY A 103 22.97 -46.28 17.12
N THR A 104 21.88 -47.01 17.40
CA THR A 104 21.47 -47.48 18.75
C THR A 104 20.75 -48.83 18.58
N SER A 105 20.39 -49.48 19.70
CA SER A 105 19.70 -50.79 19.72
C SER A 105 18.32 -50.66 19.06
N LYS A 106 17.61 -49.55 19.32
CA LYS A 106 16.23 -49.29 18.83
C LYS A 106 16.27 -48.77 17.38
N MET A 107 17.22 -47.89 17.07
CA MET A 107 17.28 -47.17 15.76
C MET A 107 18.33 -47.83 14.85
N ARG A 108 17.87 -48.72 13.98
CA ARG A 108 18.73 -49.48 13.02
C ARG A 108 18.54 -48.90 11.61
N PHE A 109 19.62 -48.91 10.83
CA PHE A 109 19.65 -48.42 9.42
C PHE A 109 20.07 -49.58 8.51
N ARG A 110 19.50 -49.62 7.31
CA ARG A 110 19.78 -50.67 6.28
C ARG A 110 19.65 -50.06 4.88
N VAL A 111 19.91 -50.86 3.86
CA VAL A 111 19.75 -50.46 2.42
C VAL A 111 18.43 -51.05 1.92
N MET A 112 17.64 -50.26 1.19
CA MET A 112 16.32 -50.69 0.63
C MET A 112 15.85 -49.65 -0.40
N ASP A 113 15.48 -50.13 -1.58
CA ASP A 113 14.89 -49.31 -2.68
C ASP A 113 13.37 -49.48 -2.64
N ILE A 114 12.65 -48.43 -2.24
CA ILE A 114 11.16 -48.40 -2.13
C ILE A 114 10.54 -48.65 -3.51
N GLU A 115 11.32 -48.48 -4.58
CA GLU A 115 10.91 -48.73 -5.99
C GLU A 115 10.95 -50.23 -6.29
N SER A 116 11.69 -51.01 -5.48
CA SER A 116 11.88 -52.47 -5.63
C SER A 116 10.70 -53.22 -5.01
N ASP A 117 10.82 -54.56 -4.93
CA ASP A 117 9.82 -55.45 -4.28
C ASP A 117 10.09 -55.46 -2.78
N LEU A 118 9.04 -55.19 -1.99
CA LEU A 118 9.13 -55.15 -0.52
C LEU A 118 9.62 -56.51 -0.01
N PRO A 119 10.51 -56.54 1.01
CA PRO A 119 10.80 -57.78 1.71
C PRO A 119 9.49 -58.08 2.45
N LYS A 120 9.04 -59.33 2.46
CA LYS A 120 7.69 -59.67 3.00
C LYS A 120 7.61 -59.42 4.52
N GLU A 121 8.75 -59.34 5.22
CA GLU A 121 8.79 -59.16 6.71
C GLU A 121 8.29 -57.77 7.12
N MET A 122 8.26 -56.79 6.21
CA MET A 122 7.94 -55.37 6.53
C MET A 122 6.51 -55.02 6.10
N LYS A 123 5.78 -55.97 5.50
CA LYS A 123 4.35 -55.79 5.12
C LYS A 123 3.53 -55.54 6.37
N GLY A 124 2.88 -54.37 6.45
CA GLY A 124 1.94 -53.99 7.52
C GLY A 124 2.59 -53.96 8.90
N LYS A 125 3.89 -53.66 8.95
CA LYS A 125 4.72 -53.77 10.18
C LYS A 125 4.78 -52.41 10.91
N PHE A 126 4.79 -51.30 10.16
CA PHE A 126 5.09 -49.94 10.69
C PHE A 126 3.79 -49.18 10.95
N ASP A 127 3.67 -48.60 12.16
CA ASP A 127 2.49 -47.84 12.64
C ASP A 127 2.56 -46.40 12.12
N HIS A 128 3.78 -45.87 11.96
CA HIS A 128 4.07 -44.57 11.27
C HIS A 128 5.20 -44.78 10.27
N VAL A 129 5.03 -44.30 9.04
CA VAL A 129 6.10 -44.26 8.00
C VAL A 129 6.35 -42.79 7.63
N PHE A 130 7.61 -42.37 7.63
CA PHE A 130 8.04 -40.99 7.32
C PHE A 130 9.03 -41.02 6.16
N SER A 131 8.89 -40.10 5.21
CA SER A 131 9.88 -39.88 4.12
C SER A 131 9.88 -38.40 3.74
N PHE A 132 11.03 -37.74 3.89
CA PHE A 132 11.17 -36.29 3.57
C PHE A 132 12.22 -36.09 2.49
N TYR A 133 11.90 -35.31 1.44
CA TYR A 133 12.86 -34.92 0.38
C TYR A 133 13.45 -36.19 -0.25
N THR A 134 12.60 -37.16 -0.62
CA THR A 134 13.03 -38.50 -1.09
C THR A 134 12.24 -38.92 -2.35
N LEU A 135 10.91 -38.91 -2.28
CA LEU A 135 10.03 -39.57 -3.28
C LEU A 135 10.09 -38.86 -4.63
N HIS A 136 10.69 -37.66 -4.69
CA HIS A 136 10.94 -36.93 -5.97
C HIS A 136 12.12 -37.54 -6.73
N TRP A 137 13.02 -38.24 -6.03
CA TRP A 137 14.17 -38.97 -6.65
C TRP A 137 13.68 -40.13 -7.53
N ILE A 138 12.46 -40.61 -7.29
CA ILE A 138 12.00 -41.98 -7.68
C ILE A 138 11.18 -41.92 -8.98
N GLU A 139 11.47 -42.84 -9.90
CA GLU A 139 10.84 -42.95 -11.24
C GLU A 139 9.46 -43.59 -11.09
N ASN A 140 9.41 -44.87 -10.70
CA ASN A 140 8.14 -45.64 -10.55
C ASN A 140 7.37 -45.08 -9.36
N GLN A 141 6.64 -43.99 -9.62
CA GLN A 141 5.90 -43.19 -8.61
C GLN A 141 4.79 -44.04 -7.98
N GLU A 142 4.15 -44.91 -8.77
CA GLU A 142 2.95 -45.69 -8.34
C GLU A 142 3.37 -46.86 -7.42
N LYS A 143 4.48 -47.54 -7.71
CA LYS A 143 4.97 -48.66 -6.86
C LYS A 143 5.47 -48.12 -5.51
N ALA A 144 6.13 -46.96 -5.49
CA ALA A 144 6.68 -46.31 -4.28
C ALA A 144 5.58 -46.09 -3.25
N PHE A 145 4.46 -45.50 -3.69
CA PHE A 145 3.27 -45.19 -2.86
C PHE A 145 2.53 -46.49 -2.48
N GLN A 146 2.44 -47.44 -3.41
CA GLN A 146 1.83 -48.78 -3.18
C GLN A 146 2.65 -49.52 -2.13
N ASN A 147 3.99 -49.41 -2.19
CA ASN A 147 4.92 -50.05 -1.22
C ASN A 147 4.77 -49.38 0.15
N ILE A 148 4.60 -48.06 0.18
CA ILE A 148 4.40 -47.27 1.43
C ILE A 148 3.12 -47.76 2.12
N TYR A 149 2.01 -47.84 1.37
CA TYR A 149 0.70 -48.37 1.84
C TYR A 149 0.88 -49.79 2.40
N ASP A 150 1.62 -50.64 1.69
CA ASP A 150 1.90 -52.05 2.07
C ASP A 150 2.81 -52.08 3.31
N LEU A 151 3.72 -51.11 3.42
CA LEU A 151 4.63 -50.97 4.58
C LEU A 151 3.84 -50.64 5.84
N THR A 152 2.75 -49.88 5.68
CA THR A 152 1.90 -49.33 6.77
C THR A 152 1.05 -50.40 7.43
N ALA A 153 0.87 -50.30 8.75
CA ALA A 153 0.06 -51.22 9.58
C ALA A 153 -1.43 -50.94 9.38
N ASP A 154 -2.28 -51.87 9.82
CA ASP A 154 -3.76 -51.87 9.55
C ASP A 154 -4.36 -50.49 9.82
N ASP A 155 -4.08 -49.90 10.99
CA ASP A 155 -4.61 -48.56 11.39
C ASP A 155 -3.43 -47.61 11.61
N GLY A 156 -2.44 -47.65 10.70
CA GLY A 156 -1.25 -46.78 10.72
C GLY A 156 -1.45 -45.55 9.86
N GLU A 157 -0.55 -44.57 9.97
CA GLU A 157 -0.58 -43.34 9.16
C GLU A 157 0.82 -43.04 8.61
N CYS A 158 0.88 -42.24 7.54
CA CYS A 158 2.12 -41.80 6.85
C CYS A 158 2.23 -40.28 6.90
N PHE A 159 3.45 -39.76 6.99
CA PHE A 159 3.77 -38.31 6.83
C PHE A 159 4.98 -38.15 5.90
N LEU A 160 4.71 -37.77 4.65
CA LEU A 160 5.72 -37.66 3.56
C LEU A 160 5.89 -36.19 3.15
N THR A 161 7.10 -35.82 2.75
CA THR A 161 7.38 -34.52 2.08
C THR A 161 8.08 -34.80 0.76
N LEU A 162 7.79 -33.97 -0.23
CA LEU A 162 8.11 -34.20 -1.66
C LEU A 162 8.37 -32.84 -2.30
N LEU A 163 9.33 -32.73 -3.21
CA LEU A 163 9.57 -31.45 -3.93
C LEU A 163 8.76 -31.46 -5.22
N ALA A 164 8.02 -30.38 -5.48
CA ALA A 164 7.43 -30.12 -6.81
C ALA A 164 8.41 -29.21 -7.57
N GLN A 165 7.99 -27.99 -7.89
CA GLN A 165 8.83 -26.97 -8.57
C GLN A 165 9.97 -26.57 -7.62
N MET A 166 11.20 -26.53 -8.13
CA MET A 166 12.40 -26.10 -7.36
C MET A 166 13.41 -25.49 -8.32
N PRO A 167 13.90 -24.26 -8.08
CA PRO A 167 14.85 -23.62 -9.00
C PRO A 167 16.15 -24.40 -9.22
N VAL A 168 16.67 -25.06 -8.18
CA VAL A 168 17.94 -25.84 -8.23
C VAL A 168 17.86 -26.87 -9.37
N PHE A 169 16.67 -27.42 -9.64
CA PHE A 169 16.42 -28.34 -10.78
C PHE A 169 16.72 -27.63 -12.10
N ASN A 170 16.20 -26.40 -12.23
CA ASN A 170 16.33 -25.55 -13.44
C ASN A 170 17.79 -25.12 -13.62
N LEU A 171 18.52 -24.92 -12.53
CA LEU A 171 19.94 -24.47 -12.59
C LEU A 171 20.77 -25.49 -13.34
N PHE A 172 20.65 -26.76 -12.96
CA PHE A 172 21.41 -27.88 -13.60
C PHE A 172 20.83 -28.15 -14.98
N ASP A 173 19.51 -28.07 -15.13
CA ASP A 173 18.80 -28.36 -16.41
C ASP A 173 19.33 -27.41 -17.50
N ALA A 174 19.80 -26.22 -17.12
CA ALA A 174 20.33 -25.19 -18.04
C ALA A 174 21.73 -25.58 -18.56
N LEU A 175 22.34 -26.64 -18.00
CA LEU A 175 23.69 -27.12 -18.35
C LEU A 175 23.62 -28.41 -19.19
N LYS A 176 22.42 -28.94 -19.45
CA LYS A 176 22.24 -30.31 -20.01
C LYS A 176 22.55 -30.33 -21.52
N HIS A 177 22.24 -29.26 -22.25
CA HIS A 177 22.46 -29.16 -23.73
C HIS A 177 23.82 -28.51 -24.01
N THR A 178 24.51 -27.99 -22.99
CA THR A 178 25.89 -27.44 -23.10
C THR A 178 26.85 -28.59 -23.37
N GLU A 179 27.69 -28.45 -24.40
CA GLU A 179 28.66 -29.50 -24.84
C GLU A 179 29.57 -29.89 -23.67
N LYS A 180 29.97 -28.91 -22.85
CA LYS A 180 30.86 -29.11 -21.67
C LYS A 180 30.26 -30.18 -20.74
N TRP A 181 28.98 -30.07 -20.40
CA TRP A 181 28.31 -30.92 -19.38
C TRP A 181 27.27 -31.86 -20.01
N ARG A 182 27.16 -31.89 -21.35
CA ARG A 182 26.08 -32.61 -22.08
C ARG A 182 26.11 -34.11 -21.71
N HIS A 183 27.31 -34.67 -21.54
CA HIS A 183 27.53 -36.13 -21.26
C HIS A 183 27.41 -36.41 -19.76
N TRP A 184 27.82 -35.47 -18.92
CA TRP A 184 27.83 -35.64 -17.43
C TRP A 184 26.40 -35.54 -16.87
N LEU A 185 25.56 -34.68 -17.45
CA LEU A 185 24.17 -34.41 -16.99
C LEU A 185 23.16 -35.12 -17.89
N ARG A 186 23.58 -36.24 -18.49
CA ARG A 186 22.77 -37.14 -19.36
C ARG A 186 21.52 -37.62 -18.61
N TYR A 187 21.74 -38.14 -17.40
CA TYR A 187 20.71 -38.78 -16.54
C TYR A 187 20.18 -37.74 -15.53
N ILE A 188 20.10 -36.47 -15.92
CA ILE A 188 19.55 -35.34 -15.11
C ILE A 188 18.11 -35.67 -14.69
N LYS A 189 17.29 -36.13 -15.63
CA LYS A 189 15.82 -36.23 -15.49
C LYS A 189 15.45 -37.32 -14.48
N ASN A 190 16.40 -38.20 -14.20
CA ASN A 190 16.26 -39.27 -13.16
C ASN A 190 16.19 -38.66 -11.77
N PHE A 191 16.78 -37.46 -11.60
CA PHE A 191 16.98 -36.80 -10.29
C PHE A 191 16.03 -35.61 -10.12
N ILE A 192 15.56 -35.00 -11.22
CA ILE A 192 14.56 -33.90 -11.19
C ILE A 192 13.19 -34.48 -10.82
N SER A 193 12.44 -33.79 -9.97
CA SER A 193 11.08 -34.19 -9.50
C SER A 193 10.17 -34.43 -10.70
N PRO A 194 9.38 -35.53 -10.71
CA PRO A 194 8.32 -35.72 -11.69
C PRO A 194 7.26 -34.61 -11.67
N TYR A 195 7.11 -33.92 -10.54
CA TYR A 195 6.03 -32.93 -10.27
C TYR A 195 6.52 -31.49 -10.44
N TYR A 196 7.75 -31.30 -10.93
CA TYR A 196 8.40 -29.96 -10.99
C TYR A 196 7.74 -29.07 -12.05
N GLU A 197 7.12 -29.67 -13.06
CA GLU A 197 6.41 -28.93 -14.15
C GLU A 197 4.95 -29.41 -14.26
N THR A 198 4.44 -30.08 -13.22
CA THR A 198 3.07 -30.66 -13.20
C THR A 198 2.05 -29.61 -12.76
N SER A 199 0.90 -29.55 -13.44
CA SER A 199 -0.30 -28.78 -13.03
C SER A 199 -1.05 -29.57 -11.95
N ASP A 200 -1.37 -28.91 -10.82
CA ASP A 200 -2.17 -29.47 -9.69
C ASP A 200 -1.53 -30.76 -9.18
N PRO A 201 -0.22 -30.77 -8.82
CA PRO A 201 0.42 -31.98 -8.30
C PRO A 201 -0.34 -32.55 -7.09
N ASP A 202 -0.91 -31.69 -6.24
CA ASP A 202 -1.70 -32.09 -5.04
C ASP A 202 -2.88 -32.99 -5.48
N VAL A 203 -3.55 -32.65 -6.59
CA VAL A 203 -4.71 -33.41 -7.14
C VAL A 203 -4.21 -34.74 -7.70
N VAL A 204 -3.08 -34.72 -8.40
CA VAL A 204 -2.43 -35.93 -9.00
C VAL A 204 -2.05 -36.90 -7.87
N ILE A 205 -1.31 -36.41 -6.88
CA ILE A 205 -0.76 -37.22 -5.74
C ILE A 205 -1.94 -37.78 -4.94
N GLU A 206 -2.92 -36.93 -4.63
CA GLU A 206 -4.15 -37.29 -3.86
C GLU A 206 -4.85 -38.48 -4.52
N LEU A 207 -5.19 -38.34 -5.81
CA LEU A 207 -5.92 -39.37 -6.60
C LEU A 207 -5.14 -40.68 -6.57
N LEU A 208 -3.83 -40.60 -6.74
CA LEU A 208 -2.89 -41.75 -6.73
C LEU A 208 -2.97 -42.45 -5.36
N LEU A 209 -2.96 -41.69 -4.27
CA LEU A 209 -2.97 -42.24 -2.89
C LEU A 209 -4.30 -42.90 -2.57
N LYS A 210 -5.42 -42.31 -3.01
CA LYS A 210 -6.78 -42.86 -2.78
C LYS A 210 -6.94 -44.17 -3.57
N ARG A 211 -6.40 -44.22 -4.78
CA ARG A 211 -6.46 -45.39 -5.69
C ARG A 211 -5.59 -46.53 -5.15
N VAL A 212 -4.54 -46.20 -4.40
CA VAL A 212 -3.65 -47.19 -3.72
C VAL A 212 -4.48 -47.93 -2.65
N GLY A 213 -5.35 -47.20 -1.96
CA GLY A 213 -6.26 -47.76 -0.94
C GLY A 213 -6.25 -47.01 0.39
N PHE A 214 -5.55 -45.87 0.47
CA PHE A 214 -5.50 -45.01 1.69
C PHE A 214 -6.89 -44.41 1.94
N ARG A 215 -7.43 -44.66 3.13
CA ARG A 215 -8.79 -44.26 3.60
C ARG A 215 -8.84 -42.73 3.79
N TYR A 216 -7.85 -42.17 4.49
CA TYR A 216 -7.69 -40.71 4.69
C TYR A 216 -6.44 -40.24 3.92
N VAL A 217 -6.58 -39.18 3.12
CA VAL A 217 -5.43 -38.52 2.44
C VAL A 217 -5.59 -37.01 2.49
N ASP A 218 -4.56 -36.34 3.01
CA ASP A 218 -4.41 -34.86 3.04
C ASP A 218 -3.07 -34.53 2.40
N VAL A 219 -3.10 -34.00 1.18
CA VAL A 219 -1.86 -33.53 0.50
C VAL A 219 -2.00 -32.04 0.17
N ARG A 220 -1.03 -31.27 0.67
CA ARG A 220 -0.91 -29.81 0.48
C ARG A 220 0.30 -29.55 -0.40
N CYS A 221 0.18 -28.61 -1.34
CA CYS A 221 1.32 -27.95 -2.00
C CYS A 221 1.70 -26.71 -1.19
N ARG A 222 2.83 -26.77 -0.48
CA ARG A 222 3.30 -25.66 0.40
C ARG A 222 4.39 -24.87 -0.33
N GLN A 223 4.05 -23.64 -0.75
CA GLN A 223 5.05 -22.65 -1.23
C GLN A 223 6.00 -22.35 -0.07
N LYS A 224 7.30 -22.35 -0.35
CA LYS A 224 8.35 -22.08 0.66
C LYS A 224 9.31 -21.02 0.14
N LYS A 225 9.94 -20.30 1.07
CA LYS A 225 11.06 -19.39 0.78
C LYS A 225 12.21 -19.74 1.73
N PHE A 226 13.43 -19.89 1.18
CA PHE A 226 14.69 -19.95 1.97
C PHE A 226 15.66 -18.90 1.41
N GLU A 227 16.24 -18.10 2.31
CA GLU A 227 17.13 -16.95 1.97
C GLU A 227 18.57 -17.27 2.42
N PHE A 228 19.52 -17.08 1.52
CA PHE A 228 20.99 -17.13 1.79
C PHE A 228 21.52 -15.70 1.82
N TYR A 229 22.19 -15.34 2.92
CA TYR A 229 22.67 -13.95 3.21
C TYR A 229 24.07 -13.76 2.65
N ASP A 230 24.78 -14.85 2.34
CA ASP A 230 26.08 -14.85 1.61
C ASP A 230 25.98 -15.82 0.43
N LEU A 231 27.01 -15.84 -0.42
CA LEU A 231 27.14 -16.75 -1.59
C LEU A 231 27.79 -18.07 -1.16
N LYS A 232 28.55 -18.06 -0.06
CA LYS A 232 29.25 -19.26 0.48
C LYS A 232 28.22 -20.31 0.88
N SER A 233 27.18 -19.92 1.62
CA SER A 233 26.14 -20.83 2.17
C SER A 233 25.24 -21.35 1.04
N PHE A 234 25.01 -20.55 -0.01
CA PHE A 234 24.29 -20.98 -1.25
C PHE A 234 25.17 -21.97 -2.02
N ARG A 235 26.45 -21.62 -2.20
CA ARG A 235 27.47 -22.48 -2.85
C ARG A 235 27.50 -23.85 -2.16
N ASN A 236 27.44 -23.86 -0.83
CA ASN A 236 27.51 -25.08 0.03
C ASN A 236 26.30 -25.99 -0.27
N LEU A 237 25.09 -25.41 -0.39
CA LEU A 237 23.85 -26.16 -0.72
C LEU A 237 24.05 -26.89 -2.05
N LEU A 238 24.41 -26.15 -3.11
CA LEU A 238 24.60 -26.68 -4.48
C LEU A 238 25.58 -27.87 -4.45
N GLU A 239 26.62 -27.80 -3.62
CA GLU A 239 27.63 -28.88 -3.46
C GLU A 239 26.99 -30.10 -2.79
N ALA A 240 26.26 -29.88 -1.70
CA ALA A 240 25.58 -30.93 -0.89
C ALA A 240 24.57 -31.69 -1.76
N VAL A 241 23.75 -30.96 -2.53
CA VAL A 241 22.53 -31.50 -3.20
C VAL A 241 22.86 -31.96 -4.63
N SER A 242 24.00 -31.54 -5.19
CA SER A 242 24.50 -32.00 -6.52
C SER A 242 24.51 -33.53 -6.54
N PRO A 243 23.71 -34.18 -7.41
CA PRO A 243 23.70 -35.64 -7.51
C PRO A 243 24.70 -36.25 -8.50
N PHE A 244 25.65 -35.45 -8.99
CA PHE A 244 26.60 -35.87 -10.05
C PHE A 244 28.00 -36.05 -9.45
N LYS A 245 28.56 -37.24 -9.65
CA LYS A 245 29.94 -37.62 -9.27
C LYS A 245 30.89 -37.27 -10.42
N VAL A 246 31.13 -35.98 -10.67
CA VAL A 246 31.95 -35.56 -11.84
C VAL A 246 33.44 -35.62 -11.47
N GLY A 247 33.75 -35.70 -10.17
CA GLY A 247 35.14 -35.80 -9.70
C GLY A 247 35.69 -34.45 -9.28
N GLN A 248 36.64 -34.50 -8.34
CA GLN A 248 37.30 -33.36 -7.64
C GLN A 248 37.75 -32.26 -8.62
N GLU A 249 38.25 -32.62 -9.80
CA GLU A 249 38.80 -31.65 -10.81
C GLU A 249 37.68 -31.02 -11.65
N LEU A 250 36.40 -31.40 -11.44
CA LEU A 250 35.27 -30.93 -12.28
C LEU A 250 34.12 -30.35 -11.44
N GLN A 251 33.83 -30.93 -10.26
CA GLN A 251 32.72 -30.47 -9.38
C GLN A 251 32.80 -28.95 -9.22
N GLU A 252 33.95 -28.44 -8.75
CA GLU A 252 34.16 -26.97 -8.54
C GLU A 252 33.81 -26.23 -9.84
N GLU A 253 34.38 -26.67 -10.97
CA GLU A 253 34.13 -26.06 -12.31
C GLU A 253 32.63 -26.14 -12.64
N LEU A 254 31.97 -27.24 -12.25
CA LEU A 254 30.50 -27.45 -12.43
C LEU A 254 29.73 -26.45 -11.56
N ILE A 255 30.08 -26.34 -10.28
CA ILE A 255 29.37 -25.47 -9.30
C ILE A 255 29.50 -24.01 -9.76
N ASP A 256 30.73 -23.57 -10.09
CA ASP A 256 31.02 -22.23 -10.65
C ASP A 256 30.04 -21.92 -11.80
N ASP A 257 29.86 -22.87 -12.72
CA ASP A 257 28.99 -22.72 -13.93
C ASP A 257 27.52 -22.64 -13.51
N VAL A 258 27.13 -23.40 -12.46
CA VAL A 258 25.75 -23.39 -11.89
C VAL A 258 25.52 -22.06 -11.18
N MET A 259 26.54 -21.53 -10.49
CA MET A 259 26.49 -20.23 -9.77
C MET A 259 26.28 -19.10 -10.77
N GLU A 260 26.93 -19.18 -11.94
CA GLU A 260 26.82 -18.16 -13.03
C GLU A 260 25.39 -18.19 -13.59
N VAL A 261 24.84 -19.38 -13.85
CA VAL A 261 23.45 -19.57 -14.36
C VAL A 261 22.48 -19.00 -13.32
N ALA A 262 22.77 -19.19 -12.02
CA ALA A 262 21.98 -18.65 -10.88
C ALA A 262 21.92 -17.12 -10.96
N LYS A 263 23.05 -16.47 -11.28
CA LYS A 263 23.13 -15.00 -11.48
C LYS A 263 22.20 -14.60 -12.63
N GLU A 264 22.24 -15.34 -13.74
CA GLU A 264 21.42 -15.08 -14.95
C GLU A 264 19.93 -15.29 -14.62
N MET A 265 19.61 -16.30 -13.82
CA MET A 265 18.21 -16.70 -13.50
C MET A 265 17.65 -15.86 -12.34
N ARG A 266 18.46 -14.96 -11.77
CA ARG A 266 18.06 -14.01 -10.69
C ARG A 266 17.68 -14.80 -9.44
N ILE A 267 18.34 -15.92 -9.20
CA ILE A 267 18.20 -16.72 -7.94
C ILE A 267 19.16 -16.15 -6.90
N ILE A 268 20.34 -15.69 -7.33
CA ILE A 268 21.25 -14.87 -6.49
C ILE A 268 21.18 -13.41 -6.98
N ASP A 269 21.08 -12.47 -6.04
CA ASP A 269 21.12 -11.01 -6.31
C ASP A 269 22.59 -10.58 -6.36
N THR A 270 23.06 -10.17 -7.55
CA THR A 270 24.49 -9.85 -7.82
C THR A 270 24.92 -8.67 -6.95
N GLN A 271 24.01 -7.74 -6.69
CA GLN A 271 24.24 -6.51 -5.89
C GLN A 271 24.50 -6.82 -4.42
N ASN A 272 23.57 -7.52 -3.77
CA ASN A 272 23.65 -7.85 -2.32
C ASN A 272 24.67 -8.96 -2.07
N SER A 273 24.92 -9.79 -3.07
CA SER A 273 25.60 -11.11 -2.94
C SER A 273 24.77 -12.00 -1.99
N THR A 274 23.46 -12.02 -2.23
CA THR A 274 22.46 -12.90 -1.53
C THR A 274 21.83 -13.85 -2.53
N ALA A 275 21.05 -14.83 -2.05
CA ALA A 275 20.31 -15.82 -2.86
C ALA A 275 18.95 -16.11 -2.23
N LYS A 276 17.98 -16.47 -3.07
CA LYS A 276 16.55 -16.67 -2.72
C LYS A 276 16.03 -17.90 -3.45
N LEU A 277 15.55 -18.90 -2.70
CA LEU A 277 14.87 -20.09 -3.29
C LEU A 277 13.38 -20.05 -2.92
N ILE A 278 12.53 -19.84 -3.94
CA ILE A 278 11.05 -19.98 -3.85
C ILE A 278 10.67 -21.28 -4.57
N TYR A 279 10.09 -22.21 -3.83
CA TYR A 279 9.83 -23.61 -4.28
C TYR A 279 8.57 -24.16 -3.61
N ASN A 280 8.12 -25.30 -4.10
CA ASN A 280 6.92 -26.01 -3.60
C ASN A 280 7.34 -27.33 -2.99
N LEU A 281 7.01 -27.51 -1.70
CA LEU A 281 7.18 -28.78 -0.98
C LEU A 281 5.81 -29.41 -0.84
N VAL A 282 5.55 -30.56 -1.43
CA VAL A 282 4.21 -31.17 -1.25
C VAL A 282 4.30 -32.03 0.01
N VAL A 283 3.43 -31.76 0.99
CA VAL A 283 3.42 -32.49 2.28
C VAL A 283 2.16 -33.35 2.31
N ILE A 284 2.32 -34.63 2.69
CA ILE A 284 1.29 -35.70 2.56
C ILE A 284 1.02 -36.30 3.94
N HIS A 285 -0.24 -36.36 4.34
CA HIS A 285 -0.72 -36.99 5.60
C HIS A 285 -1.82 -37.99 5.26
N CYS A 286 -1.53 -39.29 5.38
CA CYS A 286 -2.41 -40.43 5.03
C CYS A 286 -2.70 -41.30 6.26
N ARG A 287 -3.89 -41.91 6.31
CA ARG A 287 -4.23 -43.02 7.24
C ARG A 287 -4.70 -44.22 6.41
N LYS A 288 -4.15 -45.40 6.71
CA LYS A 288 -4.42 -46.68 6.00
C LYS A 288 -5.89 -47.09 6.23
N SER B 33 -6.47 -12.55 -20.65
CA SER B 33 -5.42 -13.44 -21.23
C SER B 33 -5.90 -14.89 -21.26
N SER B 34 -5.29 -15.71 -22.12
CA SER B 34 -5.63 -17.15 -22.31
C SER B 34 -5.36 -17.94 -21.03
N MET B 35 -4.24 -17.63 -20.37
CA MET B 35 -3.80 -18.25 -19.10
C MET B 35 -4.90 -18.09 -18.03
N GLN B 36 -5.49 -16.89 -17.95
CA GLN B 36 -6.53 -16.52 -16.94
C GLN B 36 -7.84 -17.24 -17.25
N ARG B 37 -8.17 -17.42 -18.53
CA ARG B 37 -9.41 -18.11 -18.99
C ARG B 37 -9.35 -19.61 -18.64
N ARG B 38 -8.23 -20.26 -18.94
CA ARG B 38 -8.03 -21.71 -18.64
C ARG B 38 -8.18 -21.94 -17.13
N ASP B 39 -7.46 -21.14 -16.33
CA ASP B 39 -7.43 -21.28 -14.84
C ASP B 39 -8.84 -21.03 -14.28
N ALA B 40 -9.58 -20.06 -14.85
CA ALA B 40 -10.99 -19.77 -14.50
C ALA B 40 -11.86 -21.01 -14.78
N LEU B 41 -11.80 -21.52 -16.02
CA LEU B 41 -12.58 -22.70 -16.48
C LEU B 41 -12.23 -23.95 -15.65
N ASN B 42 -10.94 -24.26 -15.53
CA ASN B 42 -10.44 -25.44 -14.78
C ASN B 42 -10.93 -25.38 -13.33
N SER B 43 -10.91 -24.19 -12.72
CA SER B 43 -11.33 -23.93 -11.31
C SER B 43 -12.83 -24.21 -11.16
N LEU B 44 -13.66 -23.54 -11.96
CA LEU B 44 -15.14 -23.69 -11.94
C LEU B 44 -15.51 -25.16 -12.19
N THR B 45 -14.95 -25.76 -13.24
CA THR B 45 -15.20 -27.19 -13.62
C THR B 45 -15.06 -28.08 -12.38
N GLU B 46 -14.03 -27.84 -11.55
CA GLU B 46 -13.68 -28.70 -10.38
C GLU B 46 -14.63 -28.42 -9.21
N TYR B 47 -14.86 -27.15 -8.88
CA TYR B 47 -15.53 -26.72 -7.61
C TYR B 47 -17.04 -26.54 -7.81
N LEU B 48 -17.51 -26.47 -9.06
CA LEU B 48 -18.94 -26.31 -9.41
C LEU B 48 -19.77 -27.36 -8.66
N PRO B 49 -19.38 -28.67 -8.67
CA PRO B 49 -20.14 -29.70 -7.98
C PRO B 49 -20.11 -29.64 -6.44
N LYS B 50 -19.34 -28.71 -5.85
CA LYS B 50 -19.16 -28.58 -4.38
C LYS B 50 -20.01 -27.42 -3.83
N PHE B 51 -20.67 -26.66 -4.70
CA PHE B 51 -21.49 -25.47 -4.31
C PHE B 51 -22.92 -25.90 -4.00
N LYS B 52 -23.60 -25.11 -3.15
CA LYS B 52 -25.04 -25.27 -2.80
C LYS B 52 -25.80 -24.01 -3.25
N TRP B 53 -26.90 -24.19 -4.00
CA TRP B 53 -27.77 -23.09 -4.52
C TRP B 53 -29.05 -23.04 -3.67
N LYS B 54 -29.71 -24.19 -3.50
CA LYS B 54 -30.68 -24.47 -2.40
C LYS B 54 -31.96 -23.62 -2.51
N GLU B 55 -32.20 -22.97 -3.66
CA GLU B 55 -33.38 -22.08 -3.86
C GLU B 55 -33.41 -21.57 -5.30
N SER B 56 -34.42 -20.73 -5.61
CA SER B 56 -34.56 -19.97 -6.88
C SER B 56 -34.16 -18.50 -6.65
N LYS B 57 -33.91 -17.77 -7.74
CA LYS B 57 -33.58 -16.30 -7.72
C LYS B 57 -32.32 -16.09 -6.87
N GLU B 58 -31.14 -16.37 -7.46
CA GLU B 58 -29.83 -16.33 -6.77
C GLU B 58 -29.06 -15.08 -7.23
N LYS B 59 -28.68 -14.20 -6.31
CA LYS B 59 -27.86 -13.00 -6.64
C LYS B 59 -26.38 -13.36 -6.54
N ILE B 60 -25.59 -12.99 -7.56
CA ILE B 60 -24.15 -13.37 -7.71
C ILE B 60 -23.33 -12.11 -7.94
N LEU B 61 -22.04 -12.12 -7.56
CA LEU B 61 -21.11 -10.97 -7.74
C LEU B 61 -19.73 -11.49 -8.13
N ASP B 62 -19.07 -10.80 -9.07
CA ASP B 62 -17.65 -11.05 -9.47
C ASP B 62 -16.83 -9.81 -9.15
N ILE B 63 -15.71 -9.96 -8.45
CA ILE B 63 -14.86 -8.80 -8.06
C ILE B 63 -13.61 -8.80 -8.94
N GLY B 64 -13.33 -7.68 -9.62
CA GLY B 64 -12.24 -7.59 -10.60
C GLY B 64 -12.67 -8.18 -11.93
N CYS B 65 -13.76 -7.66 -12.49
CA CYS B 65 -14.38 -8.13 -13.76
C CYS B 65 -13.49 -7.81 -14.96
N ALA B 66 -12.74 -6.71 -14.92
CA ALA B 66 -11.88 -6.25 -16.02
C ALA B 66 -12.73 -6.10 -17.30
N ASP B 67 -12.36 -6.80 -18.38
CA ASP B 67 -13.07 -6.73 -19.69
C ASP B 67 -14.42 -7.47 -19.61
N GLY B 68 -14.58 -8.40 -18.67
CA GLY B 68 -15.85 -9.13 -18.44
C GLY B 68 -15.93 -10.44 -19.20
N SER B 69 -14.85 -10.84 -19.88
CA SER B 69 -14.79 -12.08 -20.71
C SER B 69 -14.79 -13.32 -19.79
N VAL B 70 -14.16 -13.22 -18.63
CA VAL B 70 -14.11 -14.30 -17.59
C VAL B 70 -15.43 -14.34 -16.81
N THR B 71 -15.98 -13.17 -16.50
CA THR B 71 -17.29 -13.01 -15.83
C THR B 71 -18.38 -13.69 -16.65
N ASN B 72 -18.29 -13.58 -17.97
CA ASN B 72 -19.22 -14.24 -18.92
C ASN B 72 -19.11 -15.75 -18.71
N ILE B 73 -17.88 -16.25 -18.54
CA ILE B 73 -17.62 -17.70 -18.29
C ILE B 73 -18.32 -18.09 -16.98
N ILE B 74 -18.11 -17.31 -15.91
CA ILE B 74 -18.72 -17.55 -14.57
C ILE B 74 -20.25 -17.56 -14.70
N SER B 75 -20.83 -16.50 -15.27
CA SER B 75 -22.29 -16.32 -15.46
C SER B 75 -22.86 -17.50 -16.24
N SER B 76 -22.21 -17.86 -17.35
CA SER B 76 -22.66 -18.91 -18.31
C SER B 76 -22.59 -20.29 -17.65
N CYS B 77 -21.43 -20.61 -17.07
CA CYS B 77 -21.16 -21.92 -16.41
C CYS B 77 -22.15 -22.14 -15.26
N CYS B 78 -22.45 -21.10 -14.50
CA CYS B 78 -23.39 -21.24 -13.35
C CYS B 78 -24.74 -21.69 -13.90
N PRO B 79 -25.25 -22.84 -13.41
CA PRO B 79 -26.42 -23.50 -14.00
C PRO B 79 -27.70 -22.67 -13.88
N THR B 80 -27.86 -22.01 -12.74
CA THR B 80 -29.10 -21.29 -12.38
C THR B 80 -29.25 -20.03 -13.23
N ASP B 81 -30.47 -19.53 -13.30
CA ASP B 81 -30.77 -18.19 -13.85
C ASP B 81 -30.77 -17.25 -12.65
N PHE B 82 -29.66 -16.53 -12.49
CA PHE B 82 -29.43 -15.59 -11.37
C PHE B 82 -30.41 -14.45 -11.56
N GLU B 83 -31.20 -14.12 -10.55
CA GLU B 83 -32.10 -12.96 -10.66
C GLU B 83 -31.27 -11.75 -11.09
N LEU B 84 -30.10 -11.58 -10.46
CA LEU B 84 -29.20 -10.44 -10.71
C LEU B 84 -27.75 -10.93 -10.59
N PHE B 85 -26.89 -10.50 -11.51
CA PHE B 85 -25.43 -10.76 -11.43
C PHE B 85 -24.72 -9.41 -11.51
N GLU B 86 -23.98 -9.02 -10.47
CA GLU B 86 -23.21 -7.75 -10.52
C GLU B 86 -21.73 -8.08 -10.71
N ALA B 87 -20.98 -7.14 -11.27
CA ALA B 87 -19.52 -7.29 -11.47
C ALA B 87 -18.84 -5.92 -11.35
N CYS B 88 -17.85 -5.80 -10.46
CA CYS B 88 -17.20 -4.52 -10.11
C CYS B 88 -15.70 -4.54 -10.49
N ASP B 89 -15.09 -3.36 -10.52
CA ASP B 89 -13.66 -3.11 -10.88
C ASP B 89 -13.35 -1.64 -10.63
N VAL B 90 -12.14 -1.32 -10.18
CA VAL B 90 -11.67 0.08 -9.92
C VAL B 90 -11.34 0.75 -11.26
N ASN B 91 -10.88 -0.02 -12.24
CA ASN B 91 -10.46 0.51 -13.57
C ASN B 91 -11.69 0.93 -14.36
N VAL B 92 -11.82 2.23 -14.57
CA VAL B 92 -13.01 2.90 -15.21
C VAL B 92 -13.14 2.44 -16.66
N LYS B 93 -12.04 2.40 -17.41
CA LYS B 93 -12.10 2.06 -18.87
C LYS B 93 -12.54 0.61 -19.03
N SER B 94 -12.07 -0.28 -18.15
CA SER B 94 -12.40 -1.73 -18.15
C SER B 94 -13.90 -1.93 -17.91
N VAL B 95 -14.46 -1.22 -16.94
CA VAL B 95 -15.92 -1.30 -16.61
C VAL B 95 -16.72 -0.86 -17.84
N LYS B 96 -16.29 0.24 -18.46
CA LYS B 96 -16.98 0.81 -19.65
C LYS B 96 -16.91 -0.20 -20.81
N TYR B 97 -15.73 -0.74 -21.07
CA TYR B 97 -15.55 -1.77 -22.14
C TYR B 97 -16.52 -2.93 -21.86
N ALA B 98 -16.63 -3.33 -20.59
CA ALA B 98 -17.43 -4.49 -20.13
C ALA B 98 -18.92 -4.19 -20.22
N THR B 99 -19.35 -3.03 -19.69
CA THR B 99 -20.76 -2.57 -19.71
C THR B 99 -21.23 -2.41 -21.16
N GLU B 100 -20.32 -2.00 -22.06
CA GLU B 100 -20.61 -1.75 -23.50
C GLU B 100 -20.73 -3.08 -24.25
N HIS B 101 -20.08 -4.15 -23.77
CA HIS B 101 -19.91 -5.43 -24.51
C HIS B 101 -20.80 -6.54 -23.91
N TYR B 102 -20.79 -6.72 -22.59
CA TYR B 102 -21.45 -7.86 -21.89
C TYR B 102 -22.66 -7.40 -21.07
N GLY B 103 -22.85 -6.07 -20.93
CA GLY B 103 -23.93 -5.47 -20.12
C GLY B 103 -25.31 -5.91 -20.59
N THR B 104 -26.16 -6.35 -19.65
CA THR B 104 -27.59 -6.71 -19.85
C THR B 104 -28.43 -6.08 -18.75
N SER B 105 -29.72 -6.40 -18.70
CA SER B 105 -30.68 -5.91 -17.67
C SER B 105 -30.38 -6.53 -16.30
N LYS B 106 -29.71 -7.70 -16.28
CA LYS B 106 -29.36 -8.44 -15.04
C LYS B 106 -27.85 -8.58 -14.88
N MET B 107 -27.07 -8.15 -15.88
CA MET B 107 -25.58 -8.19 -15.87
C MET B 107 -25.06 -6.75 -15.81
N ARG B 108 -25.01 -6.20 -14.60
CA ARG B 108 -24.71 -4.76 -14.35
C ARG B 108 -23.25 -4.66 -13.91
N PHE B 109 -22.47 -3.81 -14.57
CA PHE B 109 -21.05 -3.55 -14.24
C PHE B 109 -20.93 -2.16 -13.62
N ARG B 110 -20.51 -2.10 -12.36
CA ARG B 110 -20.38 -0.83 -11.60
C ARG B 110 -18.92 -0.66 -11.16
N VAL B 111 -18.53 0.57 -10.86
CA VAL B 111 -17.19 0.89 -10.31
C VAL B 111 -17.23 0.61 -8.81
N MET B 112 -16.16 0.00 -8.26
CA MET B 112 -16.06 -0.23 -6.81
C MET B 112 -14.63 -0.63 -6.41
N ASP B 113 -14.17 -0.12 -5.27
CA ASP B 113 -12.94 -0.55 -4.57
C ASP B 113 -13.34 -1.51 -3.45
N ILE B 114 -12.80 -2.73 -3.46
CA ILE B 114 -13.13 -3.79 -2.46
C ILE B 114 -12.26 -3.58 -1.21
N GLU B 115 -11.28 -2.69 -1.28
CA GLU B 115 -10.47 -2.22 -0.12
C GLU B 115 -11.24 -1.14 0.64
N SER B 116 -12.19 -0.48 -0.01
CA SER B 116 -12.97 0.67 0.53
C SER B 116 -14.16 0.16 1.35
N ASP B 117 -14.87 1.08 2.00
CA ASP B 117 -16.10 0.79 2.80
C ASP B 117 -17.21 0.38 1.83
N LEU B 118 -17.92 -0.70 2.15
CA LEU B 118 -19.09 -1.19 1.36
C LEU B 118 -20.30 -0.32 1.66
N PRO B 119 -21.16 -0.08 0.65
CA PRO B 119 -22.47 0.53 0.90
C PRO B 119 -23.37 -0.49 1.61
N LYS B 120 -24.31 0.00 2.42
CA LYS B 120 -25.21 -0.84 3.27
C LYS B 120 -26.08 -1.74 2.36
N GLU B 121 -26.37 -1.27 1.15
CA GLU B 121 -27.22 -1.97 0.12
C GLU B 121 -26.72 -3.41 -0.10
N MET B 122 -25.39 -3.59 -0.17
CA MET B 122 -24.71 -4.85 -0.61
C MET B 122 -24.30 -5.73 0.57
N LYS B 123 -24.33 -5.22 1.80
CA LYS B 123 -24.02 -6.01 3.02
C LYS B 123 -24.94 -7.24 3.07
N GLY B 124 -24.38 -8.44 2.91
CA GLY B 124 -25.08 -9.72 3.07
C GLY B 124 -26.04 -10.03 1.94
N LYS B 125 -25.77 -9.50 0.75
CA LYS B 125 -26.73 -9.45 -0.39
C LYS B 125 -26.53 -10.66 -1.32
N PHE B 126 -25.30 -11.15 -1.46
CA PHE B 126 -24.88 -12.08 -2.55
C PHE B 126 -24.80 -13.53 -2.04
N ASP B 127 -25.52 -14.43 -2.71
CA ASP B 127 -25.57 -15.88 -2.40
C ASP B 127 -24.23 -16.53 -2.77
N HIS B 128 -23.61 -16.06 -3.87
CA HIS B 128 -22.23 -16.42 -4.28
C HIS B 128 -21.45 -15.14 -4.60
N VAL B 129 -20.22 -15.03 -4.07
CA VAL B 129 -19.24 -13.98 -4.48
C VAL B 129 -18.06 -14.68 -5.16
N PHE B 130 -17.68 -14.20 -6.35
CA PHE B 130 -16.54 -14.70 -7.16
C PHE B 130 -15.48 -13.62 -7.27
N SER B 131 -14.21 -14.03 -7.34
CA SER B 131 -13.05 -13.13 -7.60
C SER B 131 -11.85 -13.95 -8.05
N PHE B 132 -11.44 -13.79 -9.31
CA PHE B 132 -10.25 -14.46 -9.92
C PHE B 132 -9.21 -13.42 -10.33
N TYR B 133 -7.94 -13.74 -10.07
CA TYR B 133 -6.73 -13.00 -10.54
C TYR B 133 -6.80 -11.52 -10.16
N THR B 134 -7.34 -11.22 -8.97
CA THR B 134 -7.61 -9.83 -8.51
C THR B 134 -7.00 -9.55 -7.13
N LEU B 135 -7.25 -10.43 -6.15
CA LEU B 135 -6.92 -10.18 -4.72
C LEU B 135 -5.41 -10.06 -4.50
N HIS B 136 -4.58 -10.46 -5.48
CA HIS B 136 -3.10 -10.27 -5.44
C HIS B 136 -2.72 -8.85 -5.86
N TRP B 137 -3.68 -8.05 -6.35
CA TRP B 137 -3.48 -6.62 -6.72
C TRP B 137 -3.53 -5.74 -5.47
N ILE B 138 -4.06 -6.27 -4.37
CA ILE B 138 -4.72 -5.48 -3.29
C ILE B 138 -3.81 -5.40 -2.06
N GLU B 139 -3.53 -4.16 -1.64
CA GLU B 139 -2.69 -3.83 -0.45
C GLU B 139 -3.46 -4.24 0.81
N ASN B 140 -4.62 -3.61 1.05
CA ASN B 140 -5.44 -3.83 2.28
C ASN B 140 -6.10 -5.22 2.17
N GLN B 141 -5.31 -6.26 2.44
CA GLN B 141 -5.68 -7.68 2.30
C GLN B 141 -6.80 -8.02 3.31
N GLU B 142 -6.71 -7.50 4.53
CA GLU B 142 -7.63 -7.86 5.65
C GLU B 142 -9.02 -7.23 5.41
N LYS B 143 -9.08 -5.98 4.94
CA LYS B 143 -10.38 -5.31 4.66
C LYS B 143 -11.08 -6.01 3.48
N ALA B 144 -10.34 -6.37 2.43
CA ALA B 144 -10.85 -7.07 1.23
C ALA B 144 -11.59 -8.35 1.66
N PHE B 145 -10.93 -9.20 2.46
CA PHE B 145 -11.46 -10.50 2.92
C PHE B 145 -12.65 -10.31 3.87
N GLN B 146 -12.61 -9.24 4.66
CA GLN B 146 -13.75 -8.88 5.56
C GLN B 146 -14.92 -8.34 4.74
N ASN B 147 -14.64 -7.52 3.73
CA ASN B 147 -15.66 -6.99 2.79
C ASN B 147 -16.31 -8.15 2.04
N ILE B 148 -15.50 -9.12 1.58
CA ILE B 148 -16.01 -10.32 0.84
C ILE B 148 -16.95 -11.10 1.77
N TYR B 149 -16.56 -11.30 3.04
CA TYR B 149 -17.42 -11.90 4.09
C TYR B 149 -18.71 -11.08 4.23
N ASP B 150 -18.59 -9.77 4.45
CA ASP B 150 -19.75 -8.84 4.67
C ASP B 150 -20.69 -8.88 3.46
N LEU B 151 -20.14 -8.99 2.24
CA LEU B 151 -20.91 -9.03 0.97
C LEU B 151 -21.76 -10.30 0.89
N THR B 152 -21.20 -11.42 1.36
CA THR B 152 -21.83 -12.77 1.29
C THR B 152 -23.07 -12.84 2.18
N ALA B 153 -24.08 -13.59 1.72
CA ALA B 153 -25.37 -13.79 2.42
C ALA B 153 -25.20 -14.80 3.56
N ASP B 154 -26.19 -14.83 4.47
CA ASP B 154 -26.21 -15.68 5.69
C ASP B 154 -25.75 -17.11 5.36
N ASP B 155 -26.39 -17.76 4.39
CA ASP B 155 -26.11 -19.16 3.97
C ASP B 155 -25.38 -19.16 2.63
N GLY B 156 -24.60 -18.12 2.35
CA GLY B 156 -23.88 -17.94 1.07
C GLY B 156 -22.53 -18.64 1.10
N GLU B 157 -21.85 -18.68 -0.06
CA GLU B 157 -20.46 -19.19 -0.17
C GLU B 157 -19.68 -18.33 -1.17
N CYS B 158 -18.34 -18.39 -1.10
CA CYS B 158 -17.41 -17.58 -1.92
C CYS B 158 -16.45 -18.51 -2.66
N PHE B 159 -16.00 -18.11 -3.85
CA PHE B 159 -14.98 -18.85 -4.65
C PHE B 159 -13.98 -17.85 -5.23
N LEU B 160 -12.78 -17.83 -4.68
CA LEU B 160 -11.71 -16.85 -5.01
C LEU B 160 -10.49 -17.60 -5.55
N THR B 161 -9.84 -17.06 -6.58
CA THR B 161 -8.50 -17.50 -7.04
C THR B 161 -7.57 -16.29 -6.96
N LEU B 162 -6.29 -16.53 -6.69
CA LEU B 162 -5.29 -15.45 -6.79
C LEU B 162 -3.88 -16.02 -6.87
N LEU B 163 -3.00 -15.20 -7.45
CA LEU B 163 -1.59 -15.54 -7.73
C LEU B 163 -0.77 -15.41 -6.45
N ALA B 164 0.06 -16.44 -6.18
CA ALA B 164 1.19 -16.40 -5.24
C ALA B 164 2.46 -16.11 -6.05
N GLN B 165 3.41 -17.05 -6.11
CA GLN B 165 4.65 -16.90 -6.93
C GLN B 165 4.25 -17.00 -8.41
N MET B 166 4.76 -16.06 -9.22
CA MET B 166 4.49 -15.96 -10.68
C MET B 166 5.73 -15.37 -11.35
N PRO B 167 6.45 -16.14 -12.19
CA PRO B 167 7.69 -15.66 -12.82
C PRO B 167 7.59 -14.29 -13.49
N VAL B 168 6.42 -13.91 -14.00
CA VAL B 168 6.18 -12.60 -14.69
C VAL B 168 6.54 -11.46 -13.74
N PHE B 169 6.22 -11.61 -12.44
CA PHE B 169 6.58 -10.64 -11.37
C PHE B 169 8.09 -10.41 -11.40
N ASN B 170 8.85 -11.51 -11.40
CA ASN B 170 10.34 -11.53 -11.39
C ASN B 170 10.88 -10.92 -12.70
N LEU B 171 10.22 -11.17 -13.83
CA LEU B 171 10.65 -10.67 -15.16
C LEU B 171 10.72 -9.14 -15.15
N PHE B 172 9.67 -8.49 -14.63
CA PHE B 172 9.59 -7.02 -14.52
C PHE B 172 10.44 -6.54 -13.33
N ASP B 173 10.43 -7.29 -12.22
CA ASP B 173 11.16 -6.94 -10.98
C ASP B 173 12.65 -6.72 -11.30
N ALA B 174 13.20 -7.49 -12.25
CA ALA B 174 14.63 -7.47 -12.65
C ALA B 174 14.97 -6.17 -13.40
N LEU B 175 13.98 -5.32 -13.67
CA LEU B 175 14.12 -4.07 -14.47
C LEU B 175 13.98 -2.83 -13.58
N LYS B 176 13.64 -2.99 -12.30
CA LYS B 176 13.23 -1.87 -11.41
C LYS B 176 14.45 -1.05 -10.93
N HIS B 177 15.66 -1.63 -10.94
CA HIS B 177 16.91 -0.95 -10.48
C HIS B 177 17.82 -0.61 -11.67
N THR B 178 17.25 -0.52 -12.88
CA THR B 178 17.98 -0.13 -14.13
C THR B 178 17.62 1.32 -14.48
N GLU B 179 18.63 2.15 -14.78
CA GLU B 179 18.47 3.55 -15.26
C GLU B 179 17.28 3.64 -16.22
N LYS B 180 17.22 2.74 -17.21
CA LYS B 180 16.21 2.72 -18.30
C LYS B 180 14.79 2.80 -17.73
N TRP B 181 14.47 2.02 -16.68
CA TRP B 181 13.08 1.75 -16.22
C TRP B 181 12.86 2.03 -14.74
N ARG B 182 13.89 2.48 -14.03
CA ARG B 182 13.94 2.66 -12.55
C ARG B 182 12.70 3.41 -12.06
N HIS B 183 12.28 4.42 -12.82
CA HIS B 183 11.26 5.44 -12.45
C HIS B 183 9.85 4.97 -12.86
N TRP B 184 9.73 4.24 -13.97
CA TRP B 184 8.44 3.68 -14.46
C TRP B 184 7.97 2.56 -13.53
N LEU B 185 8.91 1.78 -12.99
CA LEU B 185 8.65 0.56 -12.19
C LEU B 185 8.85 0.85 -10.69
N ARG B 186 8.67 2.11 -10.28
CA ARG B 186 8.84 2.54 -8.86
C ARG B 186 7.72 1.95 -7.99
N TYR B 187 6.47 1.94 -8.48
CA TYR B 187 5.29 1.39 -7.75
C TYR B 187 5.05 -0.07 -8.16
N ILE B 188 6.13 -0.81 -8.46
CA ILE B 188 6.13 -2.25 -8.87
C ILE B 188 5.45 -3.11 -7.80
N LYS B 189 5.81 -2.90 -6.52
CA LYS B 189 5.41 -3.78 -5.39
C LYS B 189 3.90 -3.67 -5.15
N ASN B 190 3.29 -2.56 -5.57
CA ASN B 190 1.83 -2.31 -5.50
C ASN B 190 1.07 -3.23 -6.48
N PHE B 191 1.79 -3.93 -7.37
CA PHE B 191 1.20 -4.83 -8.39
C PHE B 191 1.61 -6.28 -8.15
N ILE B 192 2.79 -6.53 -7.59
CA ILE B 192 3.29 -7.90 -7.25
C ILE B 192 2.44 -8.45 -6.09
N SER B 193 2.02 -9.72 -6.21
CA SER B 193 1.27 -10.45 -5.15
C SER B 193 1.97 -10.28 -3.80
N PRO B 194 1.24 -9.96 -2.72
CA PRO B 194 1.82 -9.97 -1.37
C PRO B 194 2.31 -11.36 -0.94
N TYR B 195 2.04 -12.40 -1.72
CA TYR B 195 2.25 -13.83 -1.38
C TYR B 195 3.31 -14.48 -2.28
N TYR B 196 3.99 -13.70 -3.13
CA TYR B 196 4.90 -14.22 -4.18
C TYR B 196 6.18 -14.77 -3.56
N GLU B 197 6.53 -14.34 -2.35
CA GLU B 197 7.74 -14.80 -1.59
C GLU B 197 7.34 -15.35 -0.22
N THR B 198 6.04 -15.50 0.05
CA THR B 198 5.50 -15.93 1.37
C THR B 198 5.65 -17.45 1.52
N SER B 199 6.07 -17.89 2.71
CA SER B 199 6.06 -19.32 3.14
C SER B 199 4.65 -19.68 3.65
N ASP B 200 4.10 -20.79 3.15
CA ASP B 200 2.80 -21.37 3.59
C ASP B 200 1.70 -20.32 3.41
N PRO B 201 1.57 -19.71 2.21
CA PRO B 201 0.54 -18.70 1.97
C PRO B 201 -0.87 -19.25 2.24
N ASP B 202 -1.10 -20.52 1.89
CA ASP B 202 -2.37 -21.26 2.17
C ASP B 202 -2.71 -21.14 3.66
N VAL B 203 -1.74 -21.34 4.56
CA VAL B 203 -1.96 -21.27 6.03
C VAL B 203 -2.28 -19.82 6.43
N VAL B 204 -1.52 -18.85 5.90
CA VAL B 204 -1.66 -17.40 6.23
C VAL B 204 -3.05 -16.91 5.81
N ILE B 205 -3.52 -17.32 4.63
CA ILE B 205 -4.82 -16.89 4.02
C ILE B 205 -5.96 -17.57 4.80
N GLU B 206 -5.82 -18.86 5.10
CA GLU B 206 -6.84 -19.69 5.79
C GLU B 206 -7.14 -19.05 7.16
N LEU B 207 -6.11 -18.71 7.93
CA LEU B 207 -6.21 -18.05 9.26
C LEU B 207 -6.96 -16.72 9.12
N LEU B 208 -6.62 -15.95 8.07
CA LEU B 208 -7.23 -14.63 7.76
C LEU B 208 -8.74 -14.80 7.53
N LEU B 209 -9.12 -15.84 6.78
CA LEU B 209 -10.52 -16.14 6.37
C LEU B 209 -11.33 -16.67 7.57
N LYS B 210 -10.72 -17.45 8.46
CA LYS B 210 -11.39 -18.01 9.66
C LYS B 210 -11.64 -16.90 10.68
N ARG B 211 -10.66 -16.00 10.86
CA ARG B 211 -10.72 -14.86 11.80
C ARG B 211 -11.77 -13.85 11.31
N VAL B 212 -12.02 -13.82 10.00
CA VAL B 212 -13.05 -12.92 9.38
C VAL B 212 -14.45 -13.39 9.78
N GLY B 213 -14.64 -14.71 9.95
CA GLY B 213 -15.91 -15.27 10.42
C GLY B 213 -16.36 -16.51 9.65
N PHE B 214 -15.81 -16.77 8.47
CA PHE B 214 -16.21 -17.90 7.59
C PHE B 214 -16.20 -19.20 8.39
N ARG B 215 -17.36 -19.86 8.49
CA ARG B 215 -17.57 -21.10 9.28
C ARG B 215 -16.90 -22.30 8.58
N TYR B 216 -16.85 -22.28 7.25
CA TYR B 216 -16.12 -23.28 6.42
C TYR B 216 -15.09 -22.56 5.54
N VAL B 217 -13.85 -23.04 5.59
CA VAL B 217 -12.72 -22.50 4.79
C VAL B 217 -11.96 -23.66 4.13
N ASP B 218 -11.66 -23.51 2.84
CA ASP B 218 -10.77 -24.43 2.08
C ASP B 218 -9.90 -23.55 1.17
N VAL B 219 -8.59 -23.56 1.40
CA VAL B 219 -7.61 -22.80 0.57
C VAL B 219 -6.51 -23.77 0.14
N ARG B 220 -6.28 -23.85 -1.17
CA ARG B 220 -5.24 -24.70 -1.81
C ARG B 220 -4.28 -23.81 -2.58
N CYS B 221 -2.99 -24.10 -2.49
CA CYS B 221 -1.93 -23.56 -3.37
C CYS B 221 -1.75 -24.54 -4.54
N ARG B 222 -2.30 -24.20 -5.72
CA ARG B 222 -2.25 -25.07 -6.92
C ARG B 222 -1.07 -24.65 -7.81
N GLN B 223 -0.05 -25.51 -7.89
CA GLN B 223 1.04 -25.36 -8.89
C GLN B 223 0.42 -25.54 -10.27
N LYS B 224 0.68 -24.60 -11.17
CA LYS B 224 0.15 -24.59 -12.56
C LYS B 224 1.32 -24.46 -13.53
N LYS B 225 1.16 -25.05 -14.72
CA LYS B 225 2.01 -24.82 -15.90
C LYS B 225 1.12 -24.26 -17.01
N PHE B 226 1.59 -23.24 -17.73
CA PHE B 226 1.01 -22.78 -19.02
C PHE B 226 2.16 -22.62 -20.02
N GLU B 227 2.10 -23.38 -21.11
CA GLU B 227 3.13 -23.39 -22.19
C GLU B 227 2.69 -22.42 -23.29
N PHE B 228 3.66 -21.70 -23.87
CA PHE B 228 3.51 -20.91 -25.13
C PHE B 228 4.38 -21.59 -26.19
N TYR B 229 3.80 -21.84 -27.37
CA TYR B 229 4.38 -22.69 -28.44
C TYR B 229 5.16 -21.84 -29.45
N ASP B 230 4.78 -20.57 -29.58
CA ASP B 230 5.56 -19.52 -30.28
C ASP B 230 5.80 -18.36 -29.31
N LEU B 231 6.77 -17.50 -29.62
CA LEU B 231 7.16 -16.34 -28.77
C LEU B 231 6.09 -15.25 -28.82
N LYS B 232 5.33 -15.15 -29.92
CA LYS B 232 4.33 -14.07 -30.11
C LYS B 232 3.21 -14.19 -29.07
N SER B 233 2.75 -15.42 -28.79
CA SER B 233 1.68 -15.68 -27.78
C SER B 233 2.18 -15.31 -26.37
N PHE B 234 3.49 -15.46 -26.12
CA PHE B 234 4.14 -15.07 -24.83
C PHE B 234 4.28 -13.55 -24.74
N ARG B 235 4.62 -12.90 -25.86
CA ARG B 235 4.72 -11.41 -25.96
C ARG B 235 3.32 -10.81 -25.82
N ASN B 236 2.31 -11.46 -26.40
CA ASN B 236 0.88 -11.06 -26.27
C ASN B 236 0.48 -11.04 -24.79
N LEU B 237 0.85 -12.07 -24.03
CA LEU B 237 0.56 -12.17 -22.57
C LEU B 237 1.20 -10.99 -21.84
N LEU B 238 2.51 -10.82 -21.98
CA LEU B 238 3.31 -9.79 -21.25
C LEU B 238 2.71 -8.41 -21.50
N GLU B 239 2.21 -8.16 -22.71
CA GLU B 239 1.59 -6.87 -23.09
C GLU B 239 0.26 -6.67 -22.34
N ALA B 240 -0.58 -7.72 -22.31
CA ALA B 240 -1.91 -7.71 -21.68
C ALA B 240 -1.78 -7.44 -20.17
N VAL B 241 -0.83 -8.10 -19.51
CA VAL B 241 -0.75 -8.16 -18.01
C VAL B 241 0.18 -7.05 -17.48
N SER B 242 0.92 -6.35 -18.33
CA SER B 242 1.79 -5.20 -17.93
C SER B 242 0.94 -4.11 -17.28
N PRO B 243 1.15 -3.81 -15.97
CA PRO B 243 0.36 -2.77 -15.29
C PRO B 243 0.93 -1.36 -15.51
N PHE B 244 2.06 -1.27 -16.20
CA PHE B 244 2.79 0.00 -16.43
C PHE B 244 2.20 0.70 -17.65
N LYS B 245 2.37 2.03 -17.68
CA LYS B 245 1.89 2.92 -18.76
C LYS B 245 3.08 3.75 -19.24
N VAL B 246 3.99 3.09 -19.97
CA VAL B 246 5.29 3.66 -20.44
C VAL B 246 5.07 4.42 -21.75
N GLY B 247 3.83 4.43 -22.27
CA GLY B 247 3.52 5.17 -23.50
C GLY B 247 3.59 4.28 -24.72
N GLN B 248 3.88 4.88 -25.88
CA GLN B 248 3.94 4.18 -27.20
C GLN B 248 5.40 4.05 -27.65
N GLU B 249 6.18 5.13 -27.53
CA GLU B 249 7.62 5.19 -27.90
C GLU B 249 8.41 4.17 -27.07
N LEU B 250 8.18 4.13 -25.75
CA LEU B 250 8.93 3.27 -24.80
C LEU B 250 8.23 1.92 -24.63
N GLN B 251 6.93 1.85 -24.94
CA GLN B 251 6.10 0.66 -24.62
C GLN B 251 6.69 -0.61 -25.24
N GLU B 252 7.04 -0.54 -26.52
CA GLU B 252 7.61 -1.69 -27.27
C GLU B 252 9.00 -2.02 -26.71
N GLU B 253 9.74 -1.00 -26.26
CA GLU B 253 11.13 -1.12 -25.75
C GLU B 253 11.13 -1.86 -24.41
N LEU B 254 10.14 -1.59 -23.55
CA LEU B 254 10.00 -2.25 -22.22
C LEU B 254 9.88 -3.76 -22.42
N ILE B 255 8.88 -4.19 -23.18
CA ILE B 255 8.51 -5.62 -23.41
C ILE B 255 9.73 -6.36 -23.98
N ASP B 256 10.46 -5.72 -24.90
CA ASP B 256 11.71 -6.27 -25.52
C ASP B 256 12.72 -6.62 -24.41
N ASP B 257 12.91 -5.72 -23.44
CA ASP B 257 13.87 -5.91 -22.32
C ASP B 257 13.38 -7.02 -21.38
N VAL B 258 12.06 -7.15 -21.22
CA VAL B 258 11.39 -8.21 -20.41
C VAL B 258 11.60 -9.57 -21.09
N MET B 259 11.51 -9.60 -22.43
CA MET B 259 11.71 -10.84 -23.25
C MET B 259 13.16 -11.30 -23.11
N GLU B 260 14.11 -10.36 -23.15
CA GLU B 260 15.57 -10.63 -22.97
C GLU B 260 15.82 -11.24 -21.59
N VAL B 261 15.26 -10.65 -20.53
CA VAL B 261 15.36 -11.16 -19.15
C VAL B 261 14.75 -12.56 -19.09
N ALA B 262 13.62 -12.77 -19.80
CA ALA B 262 12.89 -14.06 -19.86
C ALA B 262 13.78 -15.15 -20.47
N LYS B 263 14.66 -14.78 -21.41
CA LYS B 263 15.66 -15.70 -22.02
C LYS B 263 16.72 -16.06 -20.97
N GLU B 264 17.23 -15.05 -20.24
CA GLU B 264 18.27 -15.22 -19.20
C GLU B 264 17.75 -16.12 -18.07
N MET B 265 16.46 -15.98 -17.72
CA MET B 265 15.80 -16.72 -16.61
C MET B 265 15.29 -18.08 -17.09
N ARG B 266 15.40 -18.37 -18.40
CA ARG B 266 15.07 -19.70 -19.00
C ARG B 266 13.55 -19.91 -19.04
N ILE B 267 12.77 -18.84 -18.93
CA ILE B 267 11.28 -18.89 -19.00
C ILE B 267 10.87 -19.07 -20.46
N ILE B 268 11.67 -18.54 -21.40
CA ILE B 268 11.54 -18.88 -22.85
C ILE B 268 12.78 -19.69 -23.26
N ASP B 269 12.54 -20.83 -23.90
CA ASP B 269 13.59 -21.73 -24.46
C ASP B 269 14.05 -21.12 -25.79
N THR B 270 15.32 -20.71 -25.87
CA THR B 270 15.86 -19.97 -27.04
C THR B 270 16.00 -20.91 -28.25
N GLN B 271 16.31 -22.19 -28.00
CA GLN B 271 16.49 -23.21 -29.09
C GLN B 271 15.17 -23.40 -29.85
N ASN B 272 14.06 -23.57 -29.12
CA ASN B 272 12.75 -24.01 -29.67
C ASN B 272 11.84 -22.82 -30.00
N SER B 273 12.15 -21.64 -29.44
CA SER B 273 11.26 -20.44 -29.46
C SER B 273 9.91 -20.78 -28.82
N THR B 274 9.96 -21.34 -27.61
CA THR B 274 8.78 -21.65 -26.75
C THR B 274 8.97 -20.95 -25.40
N ALA B 275 7.88 -20.83 -24.62
CA ALA B 275 7.89 -20.27 -23.25
C ALA B 275 7.14 -21.20 -22.29
N LYS B 276 7.62 -21.27 -21.06
CA LYS B 276 7.04 -22.11 -19.97
C LYS B 276 6.87 -21.23 -18.73
N LEU B 277 5.64 -21.14 -18.22
CA LEU B 277 5.32 -20.41 -16.95
C LEU B 277 4.86 -21.42 -15.90
N ILE B 278 5.65 -21.57 -14.83
CA ILE B 278 5.30 -22.39 -13.63
C ILE B 278 5.12 -21.43 -12.45
N TYR B 279 3.91 -21.42 -11.89
CA TYR B 279 3.43 -20.43 -10.90
C TYR B 279 2.47 -21.11 -9.93
N ASN B 280 2.10 -20.42 -8.86
CA ASN B 280 1.15 -20.93 -7.86
C ASN B 280 -0.14 -20.11 -7.93
N LEU B 281 -1.26 -20.78 -8.15
CA LEU B 281 -2.59 -20.12 -8.04
C LEU B 281 -3.25 -20.65 -6.78
N VAL B 282 -3.41 -19.79 -5.77
CA VAL B 282 -4.12 -20.18 -4.52
C VAL B 282 -5.61 -20.03 -4.83
N VAL B 283 -6.39 -21.09 -4.62
CA VAL B 283 -7.87 -21.12 -4.89
C VAL B 283 -8.57 -21.30 -3.55
N ILE B 284 -9.59 -20.48 -3.30
CA ILE B 284 -10.28 -20.37 -1.98
C ILE B 284 -11.75 -20.70 -2.19
N HIS B 285 -12.30 -21.57 -1.33
CA HIS B 285 -13.74 -21.90 -1.27
C HIS B 285 -14.20 -21.82 0.19
N CYS B 286 -14.98 -20.80 0.54
CA CYS B 286 -15.55 -20.61 1.90
C CYS B 286 -17.07 -20.62 1.86
N ARG B 287 -17.66 -20.78 3.04
CA ARG B 287 -19.12 -20.70 3.30
C ARG B 287 -19.29 -19.87 4.57
N LYS B 288 -20.22 -18.91 4.55
CA LYS B 288 -20.49 -18.03 5.72
C LYS B 288 -20.69 -18.91 6.97
N SER C 33 -5.17 23.12 -6.20
CA SER C 33 -5.02 24.38 -7.00
C SER C 33 -5.71 25.54 -6.27
N SER C 34 -5.00 26.64 -6.05
CA SER C 34 -5.52 27.86 -5.37
C SER C 34 -6.69 28.45 -6.15
N MET C 35 -6.57 28.45 -7.48
CA MET C 35 -7.62 28.88 -8.46
C MET C 35 -8.95 28.20 -8.12
N GLN C 36 -8.94 26.87 -7.96
CA GLN C 36 -10.15 26.02 -7.81
C GLN C 36 -10.80 26.25 -6.44
N ARG C 37 -10.01 26.52 -5.40
CA ARG C 37 -10.50 26.87 -4.03
C ARG C 37 -11.23 28.22 -4.07
N ARG C 38 -10.59 29.25 -4.64
CA ARG C 38 -11.16 30.61 -4.76
C ARG C 38 -12.53 30.53 -5.45
N ASP C 39 -12.58 29.88 -6.61
CA ASP C 39 -13.81 29.72 -7.44
C ASP C 39 -14.87 28.95 -6.65
N ALA C 40 -14.45 27.94 -5.88
CA ALA C 40 -15.34 27.13 -5.02
C ALA C 40 -15.93 28.01 -3.91
N LEU C 41 -15.11 28.83 -3.27
CA LEU C 41 -15.51 29.73 -2.16
C LEU C 41 -16.41 30.86 -2.70
N ASN C 42 -15.97 31.53 -3.77
CA ASN C 42 -16.74 32.62 -4.43
C ASN C 42 -18.12 32.11 -4.85
N SER C 43 -18.16 30.94 -5.48
CA SER C 43 -19.41 30.28 -5.96
C SER C 43 -20.35 30.05 -4.78
N LEU C 44 -19.86 29.43 -3.70
CA LEU C 44 -20.66 29.11 -2.48
C LEU C 44 -21.11 30.41 -1.81
N THR C 45 -20.21 31.38 -1.64
CA THR C 45 -20.50 32.69 -0.99
C THR C 45 -21.76 33.31 -1.61
N GLU C 46 -21.84 33.33 -2.94
CA GLU C 46 -22.89 34.05 -3.71
C GLU C 46 -24.21 33.24 -3.73
N TYR C 47 -24.14 31.91 -3.85
CA TYR C 47 -25.32 31.04 -4.13
C TYR C 47 -25.88 30.41 -2.86
N LEU C 48 -25.14 30.46 -1.74
CA LEU C 48 -25.55 29.86 -0.44
C LEU C 48 -26.89 30.42 0.01
N PRO C 49 -27.12 31.76 -0.04
CA PRO C 49 -28.40 32.34 0.39
C PRO C 49 -29.60 31.92 -0.47
N LYS C 50 -29.37 31.51 -1.72
CA LYS C 50 -30.42 31.16 -2.71
C LYS C 50 -30.93 29.73 -2.51
N PHE C 51 -30.21 28.90 -1.72
CA PHE C 51 -30.55 27.47 -1.50
C PHE C 51 -31.67 27.33 -0.48
N LYS C 52 -32.42 26.25 -0.60
CA LYS C 52 -33.50 25.86 0.34
C LYS C 52 -33.04 24.61 1.09
N TRP C 53 -32.87 24.72 2.40
CA TRP C 53 -32.47 23.61 3.31
C TRP C 53 -33.74 23.01 3.94
N LYS C 54 -34.60 23.89 4.46
CA LYS C 54 -36.04 23.65 4.78
C LYS C 54 -36.28 22.35 5.58
N GLU C 55 -35.25 21.78 6.22
CA GLU C 55 -35.40 20.56 7.07
C GLU C 55 -34.06 20.21 7.74
N SER C 56 -34.07 19.17 8.58
CA SER C 56 -32.88 18.55 9.22
C SER C 56 -32.54 17.22 8.53
N LYS C 57 -31.44 16.60 8.94
CA LYS C 57 -30.96 15.27 8.44
C LYS C 57 -30.80 15.33 6.92
N GLU C 58 -30.04 16.32 6.45
CA GLU C 58 -29.74 16.57 5.03
C GLU C 58 -28.80 15.48 4.49
N LYS C 59 -29.05 14.99 3.28
CA LYS C 59 -28.10 14.11 2.56
C LYS C 59 -27.56 14.88 1.36
N ILE C 60 -26.25 15.09 1.31
CA ILE C 60 -25.58 15.93 0.28
C ILE C 60 -24.46 15.11 -0.37
N LEU C 61 -24.22 15.36 -1.66
CA LEU C 61 -23.26 14.60 -2.52
C LEU C 61 -22.36 15.58 -3.26
N ASP C 62 -21.09 15.22 -3.44
CA ASP C 62 -20.11 15.99 -4.26
C ASP C 62 -19.54 15.05 -5.33
N ILE C 63 -19.55 15.49 -6.60
CA ILE C 63 -19.01 14.69 -7.73
C ILE C 63 -17.63 15.25 -8.10
N GLY C 64 -16.61 14.39 -8.14
CA GLY C 64 -15.23 14.82 -8.44
C GLY C 64 -14.59 15.46 -7.24
N CYS C 65 -14.39 14.69 -6.17
CA CYS C 65 -13.89 15.18 -4.86
C CYS C 65 -12.36 15.36 -4.88
N ALA C 66 -11.66 14.65 -5.76
CA ALA C 66 -10.18 14.68 -5.86
C ALA C 66 -9.59 14.36 -4.48
N ASP C 67 -8.68 15.20 -3.97
CA ASP C 67 -7.98 15.00 -2.68
C ASP C 67 -8.93 15.26 -1.50
N GLY C 68 -10.02 15.99 -1.74
CA GLY C 68 -11.14 16.15 -0.79
C GLY C 68 -11.08 17.43 0.00
N SER C 69 -10.22 18.40 -0.39
CA SER C 69 -10.02 19.70 0.30
C SER C 69 -11.15 20.67 -0.04
N VAL C 70 -11.59 20.73 -1.30
CA VAL C 70 -12.70 21.62 -1.76
C VAL C 70 -14.03 21.09 -1.23
N THR C 71 -14.16 19.77 -1.06
CA THR C 71 -15.39 19.14 -0.51
C THR C 71 -15.40 19.33 1.01
N ASN C 72 -14.24 19.53 1.62
CA ASN C 72 -14.10 19.94 3.05
C ASN C 72 -14.66 21.36 3.22
N ILE C 73 -14.44 22.23 2.23
CA ILE C 73 -14.95 23.64 2.21
C ILE C 73 -16.47 23.61 2.07
N ILE C 74 -17.00 22.88 1.09
CA ILE C 74 -18.47 22.77 0.81
C ILE C 74 -19.19 22.36 2.11
N SER C 75 -18.67 21.33 2.80
CA SER C 75 -19.26 20.73 4.02
C SER C 75 -19.30 21.77 5.16
N SER C 76 -18.25 22.59 5.26
CA SER C 76 -18.11 23.64 6.32
C SER C 76 -19.04 24.81 6.02
N CYS C 77 -19.11 25.26 4.76
CA CYS C 77 -19.90 26.44 4.31
C CYS C 77 -21.38 26.26 4.65
N CYS C 78 -22.03 25.23 4.08
CA CYS C 78 -23.49 24.98 4.20
C CYS C 78 -23.84 24.57 5.62
N PRO C 79 -24.50 25.45 6.42
CA PRO C 79 -24.69 25.20 7.85
C PRO C 79 -25.89 24.30 8.10
N THR C 80 -25.58 23.16 8.72
CA THR C 80 -26.52 22.10 9.13
C THR C 80 -25.66 20.94 9.63
N ASP C 81 -26.24 20.10 10.48
CA ASP C 81 -25.66 18.76 10.77
C ASP C 81 -26.24 17.84 9.72
N PHE C 82 -25.55 17.71 8.59
CA PHE C 82 -25.97 16.79 7.50
C PHE C 82 -25.83 15.38 8.04
N GLU C 83 -26.81 14.53 7.80
CA GLU C 83 -26.77 13.10 8.25
C GLU C 83 -25.62 12.40 7.53
N LEU C 84 -25.50 12.65 6.22
CA LEU C 84 -24.58 11.95 5.30
C LEU C 84 -24.08 12.94 4.26
N PHE C 85 -22.76 13.01 4.10
CA PHE C 85 -22.05 13.68 2.99
C PHE C 85 -21.22 12.64 2.25
N GLU C 86 -21.73 12.12 1.13
CA GLU C 86 -20.96 11.25 0.20
C GLU C 86 -20.19 12.15 -0.77
N ALA C 87 -18.98 11.72 -1.15
CA ALA C 87 -18.16 12.38 -2.18
C ALA C 87 -17.49 11.28 -3.02
N CYS C 88 -17.50 11.43 -4.35
CA CYS C 88 -17.03 10.38 -5.29
C CYS C 88 -16.05 10.97 -6.31
N ASP C 89 -15.32 10.08 -6.98
CA ASP C 89 -14.28 10.40 -7.99
C ASP C 89 -13.93 9.09 -8.71
N VAL C 90 -13.35 9.17 -9.91
CA VAL C 90 -12.92 7.97 -10.69
C VAL C 90 -11.46 7.65 -10.33
N ASN C 91 -10.72 8.63 -9.82
CA ASN C 91 -9.31 8.46 -9.43
C ASN C 91 -9.25 7.77 -8.06
N VAL C 92 -8.75 6.54 -8.02
CA VAL C 92 -8.72 5.69 -6.80
C VAL C 92 -7.70 6.26 -5.80
N LYS C 93 -6.54 6.75 -6.27
CA LYS C 93 -5.50 7.30 -5.35
C LYS C 93 -6.06 8.51 -4.63
N SER C 94 -6.80 9.37 -5.35
CA SER C 94 -7.40 10.61 -4.80
C SER C 94 -8.44 10.26 -3.74
N VAL C 95 -9.32 9.30 -4.02
CA VAL C 95 -10.41 8.88 -3.07
C VAL C 95 -9.76 8.37 -1.79
N LYS C 96 -8.66 7.62 -1.93
CA LYS C 96 -7.91 7.02 -0.80
C LYS C 96 -7.26 8.12 0.04
N TYR C 97 -6.57 9.07 -0.60
CA TYR C 97 -5.98 10.26 0.07
C TYR C 97 -7.09 10.99 0.83
N ALA C 98 -8.22 11.23 0.16
CA ALA C 98 -9.40 11.96 0.67
C ALA C 98 -9.99 11.24 1.88
N THR C 99 -10.17 9.93 1.80
CA THR C 99 -10.72 9.13 2.92
C THR C 99 -9.73 9.20 4.09
N GLU C 100 -8.42 9.23 3.80
CA GLU C 100 -7.36 9.30 4.85
C GLU C 100 -7.45 10.61 5.63
N HIS C 101 -7.63 11.76 4.96
CA HIS C 101 -7.49 13.07 5.66
C HIS C 101 -8.83 13.60 6.17
N TYR C 102 -9.92 13.41 5.44
CA TYR C 102 -11.22 14.04 5.78
C TYR C 102 -12.30 13.02 6.11
N GLY C 103 -12.00 11.72 6.01
CA GLY C 103 -13.01 10.67 6.23
C GLY C 103 -13.52 10.68 7.66
N THR C 104 -14.84 10.74 7.82
CA THR C 104 -15.58 10.61 9.11
C THR C 104 -16.63 9.50 8.94
N SER C 105 -17.57 9.40 9.89
CA SER C 105 -18.74 8.48 9.83
C SER C 105 -19.83 9.07 8.94
N LYS C 106 -19.92 10.40 8.87
CA LYS C 106 -20.95 11.11 8.05
C LYS C 106 -20.34 11.52 6.70
N MET C 107 -19.01 11.69 6.63
CA MET C 107 -18.27 12.10 5.42
C MET C 107 -17.57 10.89 4.81
N ARG C 108 -18.11 10.35 3.71
CA ARG C 108 -17.63 9.09 3.09
C ARG C 108 -17.23 9.34 1.63
N PHE C 109 -16.04 8.87 1.27
CA PHE C 109 -15.51 8.94 -0.11
C PHE C 109 -15.50 7.53 -0.72
N ARG C 110 -16.30 7.32 -1.76
CA ARG C 110 -16.35 6.05 -2.52
C ARG C 110 -15.87 6.33 -3.95
N VAL C 111 -15.52 5.28 -4.70
CA VAL C 111 -15.19 5.37 -6.15
C VAL C 111 -16.51 5.23 -6.92
N MET C 112 -16.74 6.14 -7.88
CA MET C 112 -17.97 6.16 -8.73
C MET C 112 -17.70 6.94 -10.01
N ASP C 113 -18.15 6.40 -11.14
CA ASP C 113 -18.16 7.09 -12.46
C ASP C 113 -19.56 7.66 -12.69
N ILE C 114 -19.66 8.99 -12.90
CA ILE C 114 -20.96 9.70 -13.08
C ILE C 114 -21.46 9.54 -14.53
N GLU C 115 -20.61 9.00 -15.42
CA GLU C 115 -20.97 8.66 -16.82
C GLU C 115 -21.63 7.27 -16.87
N SER C 116 -21.41 6.43 -15.85
CA SER C 116 -21.92 5.03 -15.78
C SER C 116 -23.33 5.00 -15.21
N ASP C 117 -23.97 3.83 -15.24
CA ASP C 117 -25.29 3.57 -14.59
C ASP C 117 -25.15 3.73 -13.08
N LEU C 118 -26.14 4.34 -12.43
CA LEU C 118 -26.18 4.55 -10.96
C LEU C 118 -26.69 3.30 -10.28
N PRO C 119 -26.17 2.94 -9.08
CA PRO C 119 -26.82 1.97 -8.21
C PRO C 119 -28.16 2.55 -7.73
N LYS C 120 -29.17 1.70 -7.54
CA LYS C 120 -30.56 2.11 -7.19
C LYS C 120 -30.61 2.72 -5.78
N GLU C 121 -29.64 2.38 -4.92
CA GLU C 121 -29.54 2.90 -3.52
C GLU C 121 -29.56 4.44 -3.55
N MET C 122 -28.97 5.05 -4.58
CA MET C 122 -28.70 6.51 -4.67
C MET C 122 -29.73 7.25 -5.53
N LYS C 123 -30.55 6.52 -6.30
CA LYS C 123 -31.64 7.14 -7.10
C LYS C 123 -32.51 8.01 -6.17
N GLY C 124 -32.48 9.33 -6.35
CA GLY C 124 -33.35 10.30 -5.65
C GLY C 124 -33.08 10.38 -4.16
N LYS C 125 -31.82 10.18 -3.76
CA LYS C 125 -31.39 10.02 -2.35
C LYS C 125 -30.93 11.37 -1.77
N PHE C 126 -30.34 12.24 -2.59
CA PHE C 126 -29.59 13.45 -2.13
C PHE C 126 -30.46 14.71 -2.25
N ASP C 127 -30.47 15.52 -1.18
CA ASP C 127 -31.22 16.80 -1.07
C ASP C 127 -30.44 17.90 -1.81
N HIS C 128 -29.10 17.79 -1.80
CA HIS C 128 -28.17 18.69 -2.54
C HIS C 128 -27.09 17.84 -3.21
N VAL C 129 -26.84 18.05 -4.50
CA VAL C 129 -25.67 17.46 -5.20
C VAL C 129 -24.78 18.61 -5.68
N PHE C 130 -23.50 18.55 -5.31
CA PHE C 130 -22.44 19.49 -5.73
C PHE C 130 -21.52 18.80 -6.75
N SER C 131 -20.98 19.62 -7.66
CA SER C 131 -19.85 19.26 -8.55
C SER C 131 -19.12 20.54 -8.97
N PHE C 132 -17.81 20.65 -8.71
CA PHE C 132 -16.99 21.79 -9.18
C PHE C 132 -15.81 21.27 -10.01
N TYR C 133 -15.58 21.89 -11.18
CA TYR C 133 -14.39 21.67 -12.04
C TYR C 133 -14.29 20.19 -12.46
N THR C 134 -15.42 19.53 -12.70
CA THR C 134 -15.48 18.06 -12.92
C THR C 134 -16.19 17.70 -14.23
N LEU C 135 -17.29 18.37 -14.55
CA LEU C 135 -18.19 17.95 -15.67
C LEU C 135 -17.59 18.30 -17.03
N HIS C 136 -16.53 19.14 -17.05
CA HIS C 136 -15.77 19.40 -18.30
C HIS C 136 -14.82 18.24 -18.63
N TRP C 137 -14.56 17.35 -17.67
CA TRP C 137 -13.75 16.12 -17.89
C TRP C 137 -14.54 15.09 -18.71
N ILE C 138 -15.84 15.27 -18.87
CA ILE C 138 -16.81 14.16 -19.12
C ILE C 138 -17.24 14.15 -20.58
N GLU C 139 -17.10 12.97 -21.23
CA GLU C 139 -17.50 12.71 -22.63
C GLU C 139 -19.03 12.65 -22.71
N ASN C 140 -19.66 11.70 -22.01
CA ASN C 140 -21.12 11.47 -22.05
C ASN C 140 -21.81 12.55 -21.20
N GLN C 141 -21.98 13.74 -21.78
CA GLN C 141 -22.56 14.93 -21.10
C GLN C 141 -24.02 14.66 -20.72
N GLU C 142 -24.80 14.04 -21.61
CA GLU C 142 -26.27 13.80 -21.42
C GLU C 142 -26.47 12.87 -20.23
N LYS C 143 -25.74 11.76 -20.17
CA LYS C 143 -25.87 10.77 -19.06
C LYS C 143 -25.47 11.42 -17.73
N ALA C 144 -24.36 12.15 -17.71
CA ALA C 144 -23.84 12.84 -16.51
C ALA C 144 -24.96 13.69 -15.89
N PHE C 145 -25.59 14.56 -16.69
CA PHE C 145 -26.67 15.48 -16.24
C PHE C 145 -27.94 14.68 -15.91
N GLN C 146 -28.24 13.64 -16.70
CA GLN C 146 -29.39 12.73 -16.43
C GLN C 146 -29.17 12.02 -15.09
N ASN C 147 -27.93 11.59 -14.81
CA ASN C 147 -27.54 10.93 -13.53
C ASN C 147 -27.67 11.92 -12.38
N ILE C 148 -27.20 13.15 -12.55
CA ILE C 148 -27.27 14.22 -11.50
C ILE C 148 -28.75 14.44 -11.14
N TYR C 149 -29.63 14.52 -12.14
CA TYR C 149 -31.10 14.64 -11.98
C TYR C 149 -31.64 13.42 -11.22
N ASP C 150 -31.27 12.21 -11.64
CA ASP C 150 -31.73 10.93 -11.04
C ASP C 150 -31.25 10.83 -9.59
N LEU C 151 -30.05 11.35 -9.31
CA LEU C 151 -29.40 11.32 -7.98
C LEU C 151 -30.16 12.20 -6.98
N THR C 152 -30.60 13.36 -7.43
CA THR C 152 -31.21 14.43 -6.60
C THR C 152 -32.60 14.01 -6.11
N ALA C 153 -32.94 14.35 -4.87
CA ALA C 153 -34.27 14.13 -4.28
C ALA C 153 -35.31 14.98 -5.02
N ASP C 154 -36.58 14.58 -4.93
CA ASP C 154 -37.72 15.15 -5.69
C ASP C 154 -37.86 16.66 -5.41
N ASP C 155 -37.58 17.08 -4.18
CA ASP C 155 -37.57 18.52 -3.76
C ASP C 155 -36.12 19.00 -3.63
N GLY C 156 -35.19 18.39 -4.35
CA GLY C 156 -33.75 18.65 -4.20
C GLY C 156 -33.28 19.71 -5.19
N GLU C 157 -32.11 20.30 -4.92
CA GLU C 157 -31.46 21.25 -5.85
C GLU C 157 -30.00 20.83 -6.03
N CYS C 158 -29.37 21.27 -7.12
CA CYS C 158 -27.96 20.96 -7.46
C CYS C 158 -27.18 22.26 -7.71
N PHE C 159 -25.88 22.25 -7.42
CA PHE C 159 -24.96 23.39 -7.68
C PHE C 159 -23.67 22.87 -8.32
N LEU C 160 -23.46 23.20 -9.59
CA LEU C 160 -22.35 22.68 -10.44
C LEU C 160 -21.55 23.86 -10.98
N THR C 161 -20.22 23.71 -11.06
CA THR C 161 -19.33 24.62 -11.83
C THR C 161 -18.56 23.80 -12.86
N LEU C 162 -18.16 24.46 -13.94
CA LEU C 162 -17.67 23.81 -15.18
C LEU C 162 -16.74 24.78 -15.87
N LEU C 163 -15.65 24.30 -16.46
CA LEU C 163 -14.78 25.17 -17.28
C LEU C 163 -15.29 25.15 -18.71
N ALA C 164 -15.42 26.34 -19.32
CA ALA C 164 -15.66 26.46 -20.76
C ALA C 164 -14.31 26.80 -21.40
N GLN C 165 -14.18 28.02 -21.90
CA GLN C 165 -12.88 28.54 -22.41
C GLN C 165 -11.90 28.65 -21.24
N MET C 166 -10.70 28.08 -21.40
CA MET C 166 -9.61 28.18 -20.39
C MET C 166 -8.27 28.13 -21.12
N PRO C 167 -7.45 29.20 -21.06
CA PRO C 167 -6.16 29.23 -21.75
C PRO C 167 -5.25 28.00 -21.57
N VAL C 168 -5.25 27.41 -20.37
CA VAL C 168 -4.41 26.21 -20.04
C VAL C 168 -4.69 25.11 -21.07
N PHE C 169 -5.93 24.99 -21.55
CA PHE C 169 -6.31 24.02 -22.62
C PHE C 169 -5.47 24.29 -23.88
N ASN C 170 -5.39 25.55 -24.30
CA ASN C 170 -4.73 25.99 -25.56
C ASN C 170 -3.21 25.86 -25.41
N LEU C 171 -2.70 26.02 -24.20
CA LEU C 171 -1.24 25.89 -23.87
C LEU C 171 -0.76 24.49 -24.24
N PHE C 172 -1.47 23.47 -23.75
CA PHE C 172 -1.14 22.04 -23.98
C PHE C 172 -1.59 21.62 -25.39
N ASP C 173 -2.64 22.27 -25.92
CA ASP C 173 -3.18 22.01 -27.28
C ASP C 173 -2.13 22.42 -28.33
N ALA C 174 -1.23 23.36 -27.99
CA ALA C 174 -0.16 23.87 -28.89
C ALA C 174 0.97 22.84 -29.01
N LEU C 175 0.97 21.78 -28.20
CA LEU C 175 2.07 20.78 -28.12
C LEU C 175 1.67 19.47 -28.82
N LYS C 176 0.43 19.36 -29.31
CA LYS C 176 -0.16 18.08 -29.79
C LYS C 176 0.36 17.73 -31.19
N HIS C 177 0.81 18.73 -31.96
CA HIS C 177 1.35 18.55 -33.34
C HIS C 177 2.87 18.76 -33.34
N THR C 178 3.56 18.22 -32.32
CA THR C 178 5.04 18.27 -32.18
C THR C 178 5.57 16.87 -31.84
N GLU C 179 6.63 16.44 -32.53
CA GLU C 179 7.27 15.10 -32.37
C GLU C 179 7.55 14.80 -30.90
N LYS C 180 7.99 15.81 -30.13
CA LYS C 180 8.31 15.69 -28.68
C LYS C 180 7.10 15.09 -27.95
N TRP C 181 5.90 15.66 -28.13
CA TRP C 181 4.69 15.30 -27.33
C TRP C 181 3.49 14.92 -28.21
N ARG C 182 3.68 14.60 -29.50
CA ARG C 182 2.58 14.19 -30.41
C ARG C 182 1.85 12.97 -29.80
N HIS C 183 2.58 12.08 -29.12
CA HIS C 183 2.09 10.75 -28.66
C HIS C 183 1.45 10.85 -27.26
N TRP C 184 2.12 11.50 -26.31
CA TRP C 184 1.65 11.67 -24.91
C TRP C 184 0.32 12.44 -24.89
N LEU C 185 0.19 13.44 -25.77
CA LEU C 185 -0.97 14.38 -25.83
C LEU C 185 -1.97 13.93 -26.91
N ARG C 186 -2.02 12.63 -27.21
CA ARG C 186 -2.94 12.03 -28.22
C ARG C 186 -4.39 12.08 -27.71
N TYR C 187 -4.60 11.80 -26.42
CA TYR C 187 -5.94 11.79 -25.77
C TYR C 187 -6.19 13.12 -25.05
N ILE C 188 -5.77 14.23 -25.68
CA ILE C 188 -5.93 15.63 -25.14
C ILE C 188 -7.41 16.00 -25.12
N LYS C 189 -8.15 15.69 -26.19
CA LYS C 189 -9.54 16.18 -26.40
C LYS C 189 -10.46 15.57 -25.31
N ASN C 190 -10.05 14.45 -24.72
CA ASN C 190 -10.80 13.74 -23.65
C ASN C 190 -10.67 14.49 -22.30
N PHE C 191 -9.73 15.43 -22.20
CA PHE C 191 -9.49 16.25 -20.98
C PHE C 191 -9.95 17.70 -21.20
N ILE C 192 -9.83 18.22 -22.42
CA ILE C 192 -10.32 19.60 -22.77
C ILE C 192 -11.85 19.62 -22.68
N SER C 193 -12.40 20.70 -22.11
CA SER C 193 -13.87 20.94 -21.98
C SER C 193 -14.56 20.78 -23.33
N PRO C 194 -15.76 20.15 -23.37
CA PRO C 194 -16.55 20.12 -24.61
C PRO C 194 -17.13 21.50 -24.96
N TYR C 195 -16.98 22.50 -24.08
CA TYR C 195 -17.57 23.85 -24.22
C TYR C 195 -16.48 24.90 -24.46
N TYR C 196 -15.20 24.50 -24.56
CA TYR C 196 -14.03 25.43 -24.61
C TYR C 196 -14.06 26.29 -25.89
N GLU C 197 -14.78 25.86 -26.93
CA GLU C 197 -14.89 26.58 -28.23
C GLU C 197 -16.36 26.73 -28.66
N THR C 198 -17.31 26.50 -27.75
CA THR C 198 -18.77 26.46 -28.03
C THR C 198 -19.35 27.88 -27.97
N SER C 199 -20.26 28.20 -28.88
CA SER C 199 -21.06 29.47 -28.88
C SER C 199 -22.31 29.29 -28.02
N ASP C 200 -22.54 30.20 -27.07
CA ASP C 200 -23.70 30.20 -26.14
C ASP C 200 -23.78 28.87 -25.40
N PRO C 201 -22.72 28.46 -24.66
CA PRO C 201 -22.74 27.21 -23.91
C PRO C 201 -23.81 27.23 -22.80
N ASP C 202 -24.15 28.43 -22.32
CA ASP C 202 -25.20 28.62 -21.28
C ASP C 202 -26.56 28.20 -21.86
N VAL C 203 -26.83 28.54 -23.13
CA VAL C 203 -28.08 28.16 -23.85
C VAL C 203 -28.11 26.64 -24.06
N VAL C 204 -26.97 26.05 -24.43
CA VAL C 204 -26.81 24.58 -24.71
C VAL C 204 -27.10 23.80 -23.42
N ILE C 205 -26.39 24.13 -22.33
CA ILE C 205 -26.46 23.40 -21.03
C ILE C 205 -27.89 23.53 -20.47
N GLU C 206 -28.45 24.74 -20.53
CA GLU C 206 -29.82 25.06 -20.02
C GLU C 206 -30.85 24.20 -20.75
N LEU C 207 -30.78 24.12 -22.07
CA LEU C 207 -31.68 23.28 -22.91
C LEU C 207 -31.58 21.83 -22.45
N LEU C 208 -30.35 21.37 -22.22
CA LEU C 208 -30.03 19.99 -21.77
C LEU C 208 -30.68 19.72 -20.42
N LEU C 209 -30.53 20.65 -19.47
CA LEU C 209 -31.04 20.48 -18.08
C LEU C 209 -32.58 20.53 -18.06
N LYS C 210 -33.19 21.35 -18.93
CA LYS C 210 -34.67 21.43 -19.05
C LYS C 210 -35.22 20.14 -19.64
N ARG C 211 -34.55 19.59 -20.66
CA ARG C 211 -34.95 18.32 -21.32
C ARG C 211 -34.74 17.14 -20.38
N VAL C 212 -33.74 17.20 -19.50
CA VAL C 212 -33.49 16.14 -18.48
C VAL C 212 -34.68 16.08 -17.52
N GLY C 213 -35.27 17.23 -17.16
CA GLY C 213 -36.48 17.27 -16.32
C GLY C 213 -36.45 18.35 -15.27
N PHE C 214 -35.28 18.91 -14.96
CA PHE C 214 -35.15 20.02 -13.97
C PHE C 214 -36.20 21.09 -14.28
N ARG C 215 -37.04 21.42 -13.29
CA ARG C 215 -38.13 22.43 -13.40
C ARG C 215 -37.55 23.84 -13.40
N TYR C 216 -36.69 24.14 -12.42
CA TYR C 216 -35.94 25.41 -12.33
C TYR C 216 -34.51 25.16 -12.80
N VAL C 217 -34.05 25.97 -13.76
CA VAL C 217 -32.65 25.91 -14.26
C VAL C 217 -32.11 27.33 -14.44
N ASP C 218 -30.93 27.58 -13.85
CA ASP C 218 -30.18 28.85 -13.96
C ASP C 218 -28.71 28.51 -14.22
N VAL C 219 -28.21 28.79 -15.42
CA VAL C 219 -26.78 28.56 -15.78
C VAL C 219 -26.19 29.90 -16.26
N ARG C 220 -25.07 30.31 -15.66
CA ARG C 220 -24.37 31.59 -15.97
C ARG C 220 -22.95 31.26 -16.46
N CYS C 221 -22.55 31.86 -17.57
CA CYS C 221 -21.14 31.85 -18.05
C CYS C 221 -20.39 33.02 -17.38
N ARG C 222 -19.62 32.73 -16.33
CA ARG C 222 -18.92 33.75 -15.52
C ARG C 222 -17.48 33.91 -16.01
N GLN C 223 -17.15 35.08 -16.57
CA GLN C 223 -15.77 35.48 -16.91
C GLN C 223 -14.99 35.68 -15.61
N LYS C 224 -13.91 34.92 -15.42
CA LYS C 224 -13.06 34.95 -14.20
C LYS C 224 -11.63 35.30 -14.59
N LYS C 225 -10.97 36.13 -13.77
CA LYS C 225 -9.50 36.38 -13.83
C LYS C 225 -8.85 35.69 -12.64
N PHE C 226 -7.67 35.09 -12.83
CA PHE C 226 -6.78 34.61 -11.75
C PHE C 226 -5.33 34.96 -12.11
N GLU C 227 -4.65 35.72 -11.24
CA GLU C 227 -3.28 36.24 -11.49
C GLU C 227 -2.27 35.44 -10.66
N PHE C 228 -1.10 35.18 -11.25
CA PHE C 228 0.10 34.58 -10.60
C PHE C 228 1.22 35.62 -10.60
N TYR C 229 1.71 35.94 -9.40
CA TYR C 229 2.60 37.11 -9.14
C TYR C 229 4.07 36.68 -9.21
N ASP C 230 4.31 35.37 -9.37
CA ASP C 230 5.64 34.76 -9.63
C ASP C 230 5.45 33.54 -10.55
N LEU C 231 6.48 33.19 -11.32
CA LEU C 231 6.44 32.04 -12.28
C LEU C 231 6.45 30.71 -11.51
N LYS C 232 6.83 30.73 -10.24
CA LYS C 232 6.85 29.52 -9.36
C LYS C 232 5.42 29.04 -9.14
N SER C 233 4.51 29.95 -8.77
CA SER C 233 3.08 29.65 -8.49
C SER C 233 2.38 29.17 -9.77
N PHE C 234 2.66 29.80 -10.92
CA PHE C 234 2.04 29.46 -12.22
C PHE C 234 2.48 28.07 -12.67
N ARG C 235 3.77 27.74 -12.49
CA ARG C 235 4.34 26.40 -12.83
C ARG C 235 3.70 25.34 -11.92
N ASN C 236 3.50 25.66 -10.64
CA ASN C 236 2.85 24.75 -9.65
C ASN C 236 1.50 24.31 -10.19
N LEU C 237 0.65 25.26 -10.62
CA LEU C 237 -0.71 25.00 -11.17
C LEU C 237 -0.61 24.05 -12.37
N LEU C 238 0.25 24.38 -13.34
CA LEU C 238 0.42 23.59 -14.59
C LEU C 238 0.77 22.13 -14.24
N GLU C 239 1.58 21.93 -13.20
CA GLU C 239 1.90 20.58 -12.65
C GLU C 239 0.62 19.90 -12.15
N ALA C 240 -0.13 20.59 -11.27
CA ALA C 240 -1.33 20.08 -10.58
C ALA C 240 -2.39 19.61 -11.59
N VAL C 241 -2.68 20.43 -12.59
CA VAL C 241 -3.86 20.27 -13.49
C VAL C 241 -3.49 19.42 -14.71
N SER C 242 -2.19 19.27 -15.00
CA SER C 242 -1.68 18.44 -16.13
C SER C 242 -2.23 17.02 -16.01
N PRO C 243 -3.13 16.59 -16.93
CA PRO C 243 -3.70 15.25 -16.89
C PRO C 243 -2.82 14.18 -17.55
N PHE C 244 -1.63 14.57 -18.00
CA PHE C 244 -0.69 13.70 -18.74
C PHE C 244 0.46 13.30 -17.83
N LYS C 245 0.68 11.99 -17.70
CA LYS C 245 1.80 11.40 -16.97
C LYS C 245 2.87 11.02 -17.98
N VAL C 246 3.91 11.84 -18.10
CA VAL C 246 5.00 11.60 -19.10
C VAL C 246 6.20 11.01 -18.37
N GLY C 247 6.14 10.92 -17.05
CA GLY C 247 7.22 10.37 -16.21
C GLY C 247 8.16 11.45 -15.73
N GLN C 248 8.92 11.13 -14.67
CA GLN C 248 9.88 12.05 -13.99
C GLN C 248 10.89 12.62 -15.00
N GLU C 249 11.43 11.78 -15.90
CA GLU C 249 12.42 12.18 -16.93
C GLU C 249 11.85 13.34 -17.77
N LEU C 250 10.65 13.16 -18.32
CA LEU C 250 10.01 14.09 -19.30
C LEU C 250 9.04 15.04 -18.58
N GLN C 251 8.71 14.77 -17.31
CA GLN C 251 7.79 15.58 -16.46
C GLN C 251 8.17 17.07 -16.57
N GLU C 252 9.38 17.40 -16.11
CA GLU C 252 9.91 18.79 -16.02
C GLU C 252 10.08 19.39 -17.42
N GLU C 253 10.36 18.55 -18.42
CA GLU C 253 10.61 18.98 -19.82
C GLU C 253 9.30 19.43 -20.48
N LEU C 254 8.19 18.74 -20.20
CA LEU C 254 6.83 19.07 -20.73
C LEU C 254 6.40 20.46 -20.22
N ILE C 255 6.53 20.70 -18.92
CA ILE C 255 6.10 21.96 -18.25
C ILE C 255 6.92 23.13 -18.83
N ASP C 256 8.24 22.94 -18.99
CA ASP C 256 9.17 23.93 -19.61
C ASP C 256 8.64 24.34 -21.00
N ASP C 257 8.17 23.38 -21.80
CA ASP C 257 7.70 23.62 -23.20
C ASP C 257 6.34 24.32 -23.16
N VAL C 258 5.51 24.03 -22.17
CA VAL C 258 4.20 24.72 -21.93
C VAL C 258 4.49 26.15 -21.48
N MET C 259 5.46 26.34 -20.57
CA MET C 259 5.88 27.65 -20.03
C MET C 259 6.38 28.56 -21.17
N GLU C 260 7.07 27.99 -22.17
CA GLU C 260 7.59 28.72 -23.36
C GLU C 260 6.41 29.22 -24.21
N VAL C 261 5.41 28.36 -24.45
CA VAL C 261 4.19 28.68 -25.26
C VAL C 261 3.37 29.75 -24.52
N ALA C 262 3.34 29.69 -23.19
CA ALA C 262 2.67 30.67 -22.30
C ALA C 262 3.28 32.06 -22.50
N LYS C 263 4.61 32.14 -22.63
CA LYS C 263 5.35 33.40 -22.92
C LYS C 263 4.89 33.96 -24.27
N GLU C 264 4.78 33.09 -25.29
CA GLU C 264 4.41 33.46 -26.67
C GLU C 264 2.93 33.86 -26.73
N MET C 265 2.08 33.23 -25.91
CA MET C 265 0.61 33.48 -25.87
C MET C 265 0.29 34.70 -24.99
N ARG C 266 1.30 35.28 -24.33
CA ARG C 266 1.16 36.50 -23.47
C ARG C 266 0.26 36.20 -22.28
N ILE C 267 0.23 34.93 -21.84
CA ILE C 267 -0.45 34.50 -20.59
C ILE C 267 0.47 34.87 -19.42
N ILE C 268 1.78 34.64 -19.56
CA ILE C 268 2.80 35.13 -18.59
C ILE C 268 3.48 36.36 -19.20
N ASP C 269 3.69 37.40 -18.39
CA ASP C 269 4.35 38.67 -18.78
C ASP C 269 5.83 38.57 -18.44
N THR C 270 6.69 38.57 -19.46
CA THR C 270 8.16 38.35 -19.36
C THR C 270 8.82 39.53 -18.61
N GLN C 271 8.29 40.74 -18.77
CA GLN C 271 8.86 41.98 -18.18
C GLN C 271 8.73 42.00 -16.66
N ASN C 272 7.66 41.43 -16.10
CA ASN C 272 7.39 41.45 -14.63
C ASN C 272 7.51 40.04 -14.03
N SER C 273 7.57 39.00 -14.87
CA SER C 273 7.54 37.57 -14.47
C SER C 273 6.28 37.27 -13.65
N THR C 274 5.12 37.66 -14.19
CA THR C 274 3.77 37.34 -13.64
C THR C 274 3.04 36.43 -14.63
N ALA C 275 1.81 36.02 -14.29
CA ALA C 275 0.92 35.25 -15.19
C ALA C 275 -0.55 35.65 -14.93
N LYS C 276 -1.32 35.77 -16.02
CA LYS C 276 -2.74 36.19 -16.02
C LYS C 276 -3.56 35.15 -16.78
N LEU C 277 -4.53 34.52 -16.11
CA LEU C 277 -5.51 33.59 -16.72
C LEU C 277 -6.90 34.22 -16.67
N ILE C 278 -7.46 34.53 -17.84
CA ILE C 278 -8.88 34.95 -18.01
C ILE C 278 -9.61 33.80 -18.71
N TYR C 279 -10.68 33.31 -18.09
CA TYR C 279 -11.36 32.05 -18.49
C TYR C 279 -12.84 32.17 -18.13
N ASN C 280 -13.65 31.25 -18.68
CA ASN C 280 -15.11 31.22 -18.42
C ASN C 280 -15.43 30.06 -17.50
N LEU C 281 -16.03 30.35 -16.36
CA LEU C 281 -16.55 29.31 -15.44
C LEU C 281 -18.07 29.32 -15.52
N VAL C 282 -18.66 28.29 -16.11
CA VAL C 282 -20.14 28.15 -16.14
C VAL C 282 -20.57 27.61 -14.77
N VAL C 283 -21.44 28.32 -14.08
CA VAL C 283 -22.02 27.91 -12.77
C VAL C 283 -23.50 27.61 -13.00
N ILE C 284 -23.95 26.44 -12.55
CA ILE C 284 -25.32 25.90 -12.77
C ILE C 284 -26.02 25.79 -11.40
N HIS C 285 -27.20 26.39 -11.28
CA HIS C 285 -28.11 26.22 -10.12
C HIS C 285 -29.47 25.73 -10.62
N CYS C 286 -29.83 24.49 -10.31
CA CYS C 286 -31.11 23.83 -10.71
C CYS C 286 -31.88 23.37 -9.47
N ARG C 287 -33.22 23.35 -9.56
CA ARG C 287 -34.14 22.63 -8.63
C ARG C 287 -34.89 21.54 -9.40
N LYS C 288 -34.97 20.33 -8.83
CA LYS C 288 -35.65 19.17 -9.47
C LYS C 288 -37.15 19.37 -9.35
N SER D 33 28.75 -12.09 9.79
CA SER D 33 27.62 -12.74 10.53
C SER D 33 26.33 -12.68 9.69
N SER D 34 25.74 -13.84 9.40
CA SER D 34 24.46 -14.02 8.66
C SER D 34 23.40 -13.07 9.21
N MET D 35 23.21 -13.09 10.53
CA MET D 35 22.26 -12.25 11.29
C MET D 35 22.46 -10.77 10.94
N GLN D 36 23.71 -10.31 10.99
CA GLN D 36 24.10 -8.90 10.75
C GLN D 36 23.78 -8.50 9.30
N ARG D 37 24.07 -9.38 8.34
CA ARG D 37 23.82 -9.16 6.89
C ARG D 37 22.32 -8.99 6.64
N ARG D 38 21.49 -9.86 7.22
CA ARG D 38 20.01 -9.83 7.06
C ARG D 38 19.46 -8.50 7.60
N ASP D 39 19.83 -8.17 8.84
CA ASP D 39 19.38 -6.92 9.52
C ASP D 39 19.79 -5.71 8.69
N ALA D 40 21.01 -5.72 8.14
CA ALA D 40 21.55 -4.66 7.25
C ALA D 40 20.65 -4.51 6.02
N LEU D 41 20.28 -5.63 5.39
CA LEU D 41 19.48 -5.67 4.14
C LEU D 41 18.03 -5.26 4.40
N ASN D 42 17.42 -5.78 5.48
CA ASN D 42 16.02 -5.49 5.87
C ASN D 42 15.90 -4.00 6.24
N SER D 43 16.91 -3.46 6.93
CA SER D 43 16.98 -2.04 7.37
C SER D 43 17.06 -1.12 6.14
N LEU D 44 17.93 -1.45 5.19
CA LEU D 44 18.13 -0.64 3.95
C LEU D 44 16.86 -0.68 3.08
N THR D 45 16.35 -1.88 2.81
CA THR D 45 15.12 -2.11 1.98
C THR D 45 13.98 -1.20 2.46
N GLU D 46 13.82 -1.04 3.78
CA GLU D 46 12.68 -0.29 4.40
C GLU D 46 12.91 1.23 4.29
N TYR D 47 14.12 1.71 4.62
CA TYR D 47 14.43 3.15 4.80
C TYR D 47 14.98 3.77 3.50
N LEU D 48 15.37 2.94 2.53
CA LEU D 48 15.93 3.39 1.22
C LEU D 48 14.97 4.37 0.55
N PRO D 49 13.64 4.07 0.46
CA PRO D 49 12.68 5.02 -0.11
C PRO D 49 12.55 6.34 0.66
N LYS D 50 12.85 6.33 1.96
CA LYS D 50 12.66 7.49 2.88
C LYS D 50 13.85 8.45 2.83
N PHE D 51 14.86 8.18 1.98
CA PHE D 51 16.09 9.01 1.85
C PHE D 51 15.94 9.99 0.69
N LYS D 52 16.55 11.17 0.83
CA LYS D 52 16.65 12.21 -0.24
C LYS D 52 18.12 12.34 -0.67
N TRP D 53 18.37 12.21 -1.98
CA TRP D 53 19.72 12.31 -2.60
C TRP D 53 19.88 13.70 -3.22
N LYS D 54 18.92 14.10 -4.05
CA LYS D 54 18.64 15.50 -4.45
C LYS D 54 19.74 16.09 -5.34
N GLU D 55 20.76 15.31 -5.71
CA GLU D 55 21.91 15.79 -6.53
C GLU D 55 22.76 14.60 -7.00
N SER D 56 23.75 14.87 -7.85
CA SER D 56 24.81 13.92 -8.29
C SER D 56 26.11 14.22 -7.53
N LYS D 57 27.10 13.33 -7.66
CA LYS D 57 28.41 13.42 -6.95
C LYS D 57 28.15 13.48 -5.43
N GLU D 58 27.58 12.42 -4.88
CA GLU D 58 27.29 12.27 -3.42
C GLU D 58 28.61 11.95 -2.70
N LYS D 59 28.62 11.99 -1.36
CA LYS D 59 29.75 11.53 -0.51
C LYS D 59 29.18 10.77 0.70
N ILE D 60 29.46 9.47 0.80
CA ILE D 60 28.89 8.56 1.83
C ILE D 60 30.03 8.01 2.70
N LEU D 61 29.72 7.70 3.97
CA LEU D 61 30.66 7.10 4.95
C LEU D 61 29.98 5.95 5.69
N ASP D 62 30.73 4.91 6.03
CA ASP D 62 30.24 3.76 6.85
C ASP D 62 31.18 3.58 8.05
N ILE D 63 30.66 3.72 9.25
CA ILE D 63 31.46 3.55 10.50
C ILE D 63 31.30 2.11 10.99
N GLY D 64 32.41 1.39 11.18
CA GLY D 64 32.41 0.00 11.67
C GLY D 64 32.25 -0.99 10.53
N CYS D 65 33.12 -0.91 9.52
CA CYS D 65 33.03 -1.72 8.28
C CYS D 65 33.50 -3.16 8.51
N ALA D 66 34.46 -3.37 9.41
CA ALA D 66 35.05 -4.71 9.71
C ALA D 66 35.61 -5.34 8.43
N ASP D 67 35.11 -6.52 8.04
CA ASP D 67 35.58 -7.26 6.83
C ASP D 67 35.19 -6.49 5.57
N GLY D 68 34.05 -5.79 5.60
CA GLY D 68 33.59 -4.90 4.52
C GLY D 68 32.45 -5.49 3.71
N SER D 69 32.03 -6.72 4.02
CA SER D 69 31.01 -7.50 3.28
C SER D 69 29.63 -6.81 3.36
N VAL D 70 29.39 -6.06 4.43
CA VAL D 70 28.10 -5.36 4.72
C VAL D 70 28.12 -3.96 4.11
N THR D 71 29.29 -3.31 4.09
CA THR D 71 29.51 -1.98 3.45
C THR D 71 29.38 -2.15 1.93
N ASN D 72 29.70 -3.34 1.43
CA ASN D 72 29.55 -3.72 0.00
C ASN D 72 28.05 -3.80 -0.35
N ILE D 73 27.23 -4.25 0.60
CA ILE D 73 25.74 -4.26 0.49
C ILE D 73 25.24 -2.81 0.40
N ILE D 74 25.71 -1.93 1.29
CA ILE D 74 25.28 -0.50 1.38
C ILE D 74 25.57 0.20 0.05
N SER D 75 26.80 0.11 -0.45
CA SER D 75 27.29 0.79 -1.68
C SER D 75 26.48 0.31 -2.89
N SER D 76 26.33 -1.02 -3.03
CA SER D 76 25.63 -1.68 -4.15
C SER D 76 24.16 -1.25 -4.17
N CYS D 77 23.56 -1.12 -2.99
CA CYS D 77 22.11 -0.81 -2.82
C CYS D 77 21.79 0.63 -3.26
N CYS D 78 22.53 1.66 -2.85
CA CYS D 78 22.13 3.05 -3.19
C CYS D 78 22.38 3.32 -4.68
N PRO D 79 21.34 3.85 -5.37
CA PRO D 79 21.36 4.07 -6.82
C PRO D 79 22.32 5.13 -7.37
N THR D 80 22.32 6.31 -6.74
CA THR D 80 23.09 7.49 -7.20
C THR D 80 24.56 7.09 -7.35
N ASP D 81 25.20 7.43 -8.47
CA ASP D 81 26.67 7.30 -8.56
C ASP D 81 27.23 8.24 -7.50
N PHE D 82 28.01 7.71 -6.57
CA PHE D 82 28.53 8.50 -5.43
C PHE D 82 29.98 8.79 -5.77
N GLU D 83 30.38 10.06 -5.74
CA GLU D 83 31.74 10.46 -6.17
C GLU D 83 32.76 9.64 -5.36
N LEU D 84 32.44 9.45 -4.08
CA LEU D 84 33.35 8.90 -3.04
C LEU D 84 32.52 8.14 -2.01
N PHE D 85 33.05 7.00 -1.53
CA PHE D 85 32.51 6.20 -0.41
C PHE D 85 33.66 5.78 0.51
N GLU D 86 33.77 6.44 1.67
CA GLU D 86 34.76 6.11 2.73
C GLU D 86 34.13 5.10 3.70
N ALA D 87 34.94 4.20 4.26
CA ALA D 87 34.57 3.22 5.30
C ALA D 87 35.70 3.14 6.32
N CYS D 88 35.39 3.14 7.62
CA CYS D 88 36.40 3.22 8.71
C CYS D 88 36.11 2.22 9.83
N ASP D 89 37.14 1.94 10.64
CA ASP D 89 37.15 0.88 11.69
C ASP D 89 38.43 1.00 12.51
N VAL D 90 38.38 0.69 13.81
CA VAL D 90 39.54 0.77 14.75
C VAL D 90 40.40 -0.49 14.61
N ASN D 91 39.83 -1.59 14.15
CA ASN D 91 40.57 -2.86 13.96
C ASN D 91 41.39 -2.76 12.67
N VAL D 92 42.72 -2.69 12.81
CA VAL D 92 43.68 -2.53 11.68
C VAL D 92 43.62 -3.77 10.78
N LYS D 93 43.53 -4.97 11.35
CA LYS D 93 43.53 -6.21 10.52
C LYS D 93 42.27 -6.23 9.63
N SER D 94 41.13 -5.78 10.17
CA SER D 94 39.80 -5.78 9.51
C SER D 94 39.83 -4.87 8.27
N VAL D 95 40.35 -3.65 8.42
CA VAL D 95 40.47 -2.65 7.32
C VAL D 95 41.40 -3.22 6.23
N LYS D 96 42.53 -3.80 6.66
CA LYS D 96 43.57 -4.38 5.77
C LYS D 96 42.96 -5.53 4.96
N TYR D 97 42.11 -6.34 5.59
CA TYR D 97 41.32 -7.41 4.90
C TYR D 97 40.37 -6.74 3.90
N ALA D 98 39.68 -5.68 4.33
CA ALA D 98 38.61 -4.98 3.59
C ALA D 98 39.19 -4.18 2.41
N THR D 99 40.34 -3.52 2.60
CA THR D 99 41.02 -2.68 1.56
C THR D 99 41.44 -3.58 0.39
N GLU D 100 41.96 -4.77 0.70
CA GLU D 100 42.47 -5.76 -0.30
C GLU D 100 41.31 -6.41 -1.05
N HIS D 101 40.15 -6.58 -0.40
CA HIS D 101 39.01 -7.41 -0.90
C HIS D 101 37.89 -6.62 -1.59
N TYR D 102 37.49 -5.46 -1.05
CA TYR D 102 36.35 -4.66 -1.57
C TYR D 102 36.82 -3.29 -2.07
N GLY D 103 38.11 -2.97 -1.88
CA GLY D 103 38.68 -1.65 -2.21
C GLY D 103 38.67 -1.37 -3.69
N THR D 104 38.15 -0.19 -4.08
CA THR D 104 38.10 0.32 -5.46
C THR D 104 38.74 1.72 -5.49
N SER D 105 38.62 2.45 -6.60
CA SER D 105 39.03 3.87 -6.73
C SER D 105 38.09 4.75 -5.89
N LYS D 106 36.81 4.39 -5.82
CA LYS D 106 35.72 5.17 -5.17
C LYS D 106 35.34 4.58 -3.81
N MET D 107 36.07 3.56 -3.35
CA MET D 107 35.80 2.84 -2.07
C MET D 107 37.12 2.66 -1.32
N ARG D 108 37.28 3.38 -0.21
CA ARG D 108 38.53 3.43 0.61
C ARG D 108 38.21 3.08 2.07
N PHE D 109 39.13 2.37 2.72
CA PHE D 109 38.96 1.83 4.10
C PHE D 109 40.06 2.40 5.00
N ARG D 110 39.78 3.52 5.67
CA ARG D 110 40.76 4.23 6.54
C ARG D 110 40.55 3.81 8.00
N VAL D 111 41.60 3.87 8.82
CA VAL D 111 41.54 3.58 10.28
C VAL D 111 41.04 4.84 11.00
N MET D 112 39.91 4.74 11.71
CA MET D 112 39.33 5.86 12.49
C MET D 112 38.66 5.31 13.75
N ASP D 113 38.73 6.09 14.85
CA ASP D 113 38.02 5.86 16.12
C ASP D 113 37.01 7.00 16.30
N ILE D 114 35.74 6.73 16.00
CA ILE D 114 34.60 7.71 16.04
C ILE D 114 34.47 8.27 17.46
N GLU D 115 35.08 7.62 18.46
CA GLU D 115 35.18 8.14 19.86
C GLU D 115 36.22 9.28 19.93
N SER D 116 37.25 9.23 19.09
CA SER D 116 38.38 10.19 19.08
C SER D 116 37.97 11.50 18.40
N ASP D 117 38.89 12.47 18.35
CA ASP D 117 38.67 13.80 17.73
C ASP D 117 38.66 13.65 16.21
N LEU D 118 37.72 14.32 15.53
CA LEU D 118 37.52 14.23 14.06
C LEU D 118 38.65 14.96 13.34
N PRO D 119 39.33 14.30 12.38
CA PRO D 119 40.14 14.98 11.38
C PRO D 119 39.36 16.10 10.68
N LYS D 120 39.96 17.28 10.54
CA LYS D 120 39.26 18.55 10.17
C LYS D 120 38.61 18.44 8.78
N GLU D 121 39.22 17.69 7.85
CA GLU D 121 38.86 17.73 6.41
C GLU D 121 37.57 16.96 6.14
N MET D 122 37.08 16.17 7.11
CA MET D 122 35.80 15.41 7.00
C MET D 122 34.79 15.92 8.03
N LYS D 123 34.92 17.17 8.47
CA LYS D 123 33.82 17.92 9.13
C LYS D 123 32.82 18.35 8.04
N GLY D 124 31.55 17.93 8.19
CA GLY D 124 30.43 18.29 7.30
C GLY D 124 30.72 17.93 5.85
N LYS D 125 31.34 16.77 5.61
CA LYS D 125 31.85 16.34 4.29
C LYS D 125 30.88 15.34 3.63
N PHE D 126 30.15 14.56 4.42
CA PHE D 126 29.40 13.37 3.95
C PHE D 126 27.90 13.68 3.86
N ASP D 127 27.31 13.39 2.69
CA ASP D 127 25.87 13.58 2.40
C ASP D 127 25.07 12.52 3.17
N HIS D 128 25.60 11.29 3.21
CA HIS D 128 25.05 10.16 4.01
C HIS D 128 26.15 9.60 4.92
N VAL D 129 25.80 9.27 6.16
CA VAL D 129 26.66 8.51 7.11
C VAL D 129 25.87 7.27 7.56
N PHE D 130 26.46 6.09 7.37
CA PHE D 130 25.91 4.78 7.79
C PHE D 130 26.81 4.19 8.89
N SER D 131 26.21 3.50 9.85
CA SER D 131 26.91 2.61 10.82
C SER D 131 25.92 1.59 11.36
N PHE D 132 26.22 0.30 11.14
CA PHE D 132 25.40 -0.85 11.57
C PHE D 132 26.19 -1.66 12.61
N TYR D 133 25.51 -2.08 13.69
CA TYR D 133 26.03 -3.05 14.69
C TYR D 133 27.38 -2.58 15.22
N THR D 134 27.54 -1.27 15.47
CA THR D 134 28.86 -0.70 15.86
C THR D 134 28.76 0.20 17.10
N LEU D 135 27.77 1.10 17.16
CA LEU D 135 27.72 2.18 18.17
C LEU D 135 27.46 1.61 19.57
N HIS D 136 27.04 0.34 19.68
CA HIS D 136 26.87 -0.34 20.98
C HIS D 136 28.23 -0.81 21.54
N TRP D 137 29.28 -0.82 20.72
CA TRP D 137 30.67 -1.10 21.16
C TRP D 137 31.21 0.03 22.03
N ILE D 138 30.63 1.23 21.88
CA ILE D 138 31.32 2.52 22.15
C ILE D 138 30.92 3.07 23.52
N GLU D 139 31.91 3.49 24.30
CA GLU D 139 31.78 3.98 25.70
C GLU D 139 31.27 5.42 25.68
N ASN D 140 32.04 6.34 25.08
CA ASN D 140 31.72 7.79 25.01
C ASN D 140 30.62 7.99 23.95
N GLN D 141 29.39 7.62 24.30
CA GLN D 141 28.22 7.57 23.38
C GLN D 141 27.89 8.98 22.86
N GLU D 142 28.05 10.02 23.69
CA GLU D 142 27.69 11.42 23.28
C GLU D 142 28.65 11.91 22.20
N LYS D 143 29.97 11.73 22.38
CA LYS D 143 31.00 12.21 21.42
C LYS D 143 30.78 11.51 20.06
N ALA D 144 30.49 10.20 20.09
CA ALA D 144 30.24 9.38 18.89
C ALA D 144 29.13 10.01 18.05
N PHE D 145 28.00 10.37 18.68
CA PHE D 145 26.82 10.96 18.01
C PHE D 145 27.10 12.41 17.62
N GLN D 146 27.92 13.13 18.41
CA GLN D 146 28.38 14.51 18.09
C GLN D 146 29.30 14.48 16.88
N ASN D 147 30.27 13.55 16.86
CA ASN D 147 31.20 13.32 15.73
C ASN D 147 30.40 12.96 14.47
N ILE D 148 29.36 12.12 14.61
CA ILE D 148 28.48 11.67 13.49
C ILE D 148 27.75 12.89 12.91
N TYR D 149 27.16 13.73 13.77
CA TYR D 149 26.51 15.01 13.38
C TYR D 149 27.51 15.91 12.67
N ASP D 150 28.73 16.02 13.22
CA ASP D 150 29.81 16.88 12.68
C ASP D 150 30.33 16.32 11.36
N LEU D 151 30.31 14.99 11.20
CA LEU D 151 30.68 14.31 9.93
C LEU D 151 29.68 14.65 8.82
N THR D 152 28.39 14.64 9.14
CA THR D 152 27.28 14.84 8.19
C THR D 152 27.35 16.25 7.58
N ALA D 153 27.06 16.37 6.28
CA ALA D 153 27.08 17.68 5.57
C ALA D 153 25.85 18.50 5.95
N ASP D 154 25.76 19.74 5.45
CA ASP D 154 24.73 20.75 5.79
C ASP D 154 23.33 20.14 5.70
N ASP D 155 22.97 19.60 4.52
CA ASP D 155 21.64 18.99 4.25
C ASP D 155 21.81 17.47 4.09
N GLY D 156 22.64 16.85 4.93
CA GLY D 156 22.92 15.40 4.90
C GLY D 156 22.04 14.65 5.90
N GLU D 157 21.93 13.33 5.72
CA GLU D 157 21.18 12.42 6.64
C GLU D 157 22.08 11.26 7.06
N CYS D 158 21.77 10.65 8.20
CA CYS D 158 22.50 9.48 8.77
C CYS D 158 21.53 8.34 9.04
N PHE D 159 21.99 7.10 8.87
CA PHE D 159 21.18 5.86 9.09
C PHE D 159 22.01 4.87 9.91
N LEU D 160 21.66 4.73 11.19
CA LEU D 160 22.44 3.94 12.19
C LEU D 160 21.58 2.81 12.75
N THR D 161 22.15 1.62 12.89
CA THR D 161 21.56 0.51 13.69
C THR D 161 22.50 0.23 14.87
N LEU D 162 21.93 -0.30 15.94
CA LEU D 162 22.59 -0.41 17.27
C LEU D 162 21.95 -1.54 18.04
N LEU D 163 22.74 -2.34 18.75
CA LEU D 163 22.17 -3.42 19.59
C LEU D 163 21.79 -2.85 20.95
N ALA D 164 20.61 -3.22 21.43
CA ALA D 164 20.14 -2.95 22.81
C ALA D 164 20.22 -4.27 23.55
N GLN D 165 19.09 -4.83 23.93
CA GLN D 165 19.04 -6.16 24.59
C GLN D 165 19.42 -7.23 23.56
N MET D 166 20.29 -8.16 23.94
CA MET D 166 20.70 -9.29 23.06
C MET D 166 21.12 -10.45 23.95
N PRO D 167 20.56 -11.66 23.78
CA PRO D 167 20.89 -12.81 24.62
C PRO D 167 22.39 -13.19 24.65
N VAL D 168 23.10 -12.96 23.54
CA VAL D 168 24.55 -13.30 23.41
C VAL D 168 25.34 -12.57 24.51
N PHE D 169 24.99 -11.31 24.81
CA PHE D 169 25.61 -10.51 25.89
C PHE D 169 25.50 -11.26 27.21
N ASN D 170 24.30 -11.78 27.49
CA ASN D 170 23.97 -12.50 28.74
C ASN D 170 24.73 -13.82 28.81
N LEU D 171 24.98 -14.48 27.68
CA LEU D 171 25.72 -15.75 27.63
C LEU D 171 27.14 -15.53 28.16
N PHE D 172 27.84 -14.54 27.61
CA PHE D 172 29.24 -14.23 27.98
C PHE D 172 29.28 -13.72 29.43
N ASP D 173 28.23 -13.04 29.87
CA ASP D 173 28.17 -12.48 31.25
C ASP D 173 28.05 -13.61 32.27
N ALA D 174 27.41 -14.73 31.91
CA ALA D 174 27.24 -15.90 32.79
C ALA D 174 28.61 -16.55 33.05
N LEU D 175 29.65 -16.14 32.31
CA LEU D 175 31.02 -16.71 32.39
C LEU D 175 31.96 -15.81 33.21
N LYS D 176 31.61 -14.54 33.43
CA LYS D 176 32.41 -13.65 34.34
C LYS D 176 32.11 -14.05 35.79
N HIS D 177 33.05 -13.79 36.70
CA HIS D 177 33.02 -14.17 38.14
C HIS D 177 33.32 -15.68 38.33
N THR D 178 33.59 -16.41 37.24
CA THR D 178 33.94 -17.86 37.26
C THR D 178 35.47 -18.00 37.19
N GLU D 179 36.04 -18.93 37.95
CA GLU D 179 37.51 -19.14 38.05
C GLU D 179 38.12 -19.29 36.65
N LYS D 180 37.46 -20.03 35.76
CA LYS D 180 38.00 -20.40 34.42
C LYS D 180 38.03 -19.15 33.50
N TRP D 181 37.17 -18.16 33.74
CA TRP D 181 36.93 -17.03 32.79
C TRP D 181 36.84 -15.66 33.46
N ARG D 182 37.05 -15.53 34.77
CA ARG D 182 36.80 -14.21 35.44
C ARG D 182 37.77 -13.14 34.91
N HIS D 183 39.05 -13.49 34.71
CA HIS D 183 40.10 -12.51 34.30
C HIS D 183 40.00 -12.17 32.80
N TRP D 184 39.72 -13.17 31.95
CA TRP D 184 39.78 -13.06 30.47
C TRP D 184 38.69 -12.13 29.94
N LEU D 185 37.55 -12.03 30.64
CA LEU D 185 36.40 -11.22 30.19
C LEU D 185 36.25 -10.00 31.12
N ARG D 186 37.33 -9.62 31.80
CA ARG D 186 37.29 -8.50 32.78
C ARG D 186 36.72 -7.26 32.09
N TYR D 187 37.11 -7.06 30.83
CA TYR D 187 36.66 -5.92 29.97
C TYR D 187 35.40 -6.32 29.19
N ILE D 188 34.53 -7.15 29.79
CA ILE D 188 33.23 -7.61 29.20
C ILE D 188 32.33 -6.40 28.93
N LYS D 189 32.21 -5.49 29.90
CA LYS D 189 31.19 -4.41 29.90
C LYS D 189 31.54 -3.35 28.84
N ASN D 190 32.81 -3.29 28.43
CA ASN D 190 33.29 -2.40 27.34
C ASN D 190 32.70 -2.83 26.00
N PHE D 191 32.34 -4.11 25.85
CA PHE D 191 31.86 -4.73 24.58
C PHE D 191 30.32 -4.82 24.58
N ILE D 192 29.72 -5.17 25.72
CA ILE D 192 28.23 -5.25 25.90
C ILE D 192 27.65 -3.86 25.67
N SER D 193 26.46 -3.80 25.06
CA SER D 193 25.71 -2.55 24.76
C SER D 193 25.46 -1.78 26.05
N PRO D 194 25.59 -0.43 26.04
CA PRO D 194 25.13 0.40 27.15
C PRO D 194 23.60 0.44 27.31
N TYR D 195 22.86 -0.19 26.38
CA TYR D 195 21.37 -0.10 26.27
C TYR D 195 20.71 -1.48 26.52
N TYR D 196 21.49 -2.53 26.80
CA TYR D 196 21.02 -3.93 26.89
C TYR D 196 20.06 -4.11 28.08
N GLU D 197 20.07 -3.18 29.04
CA GLU D 197 19.20 -3.20 30.24
C GLU D 197 18.63 -1.80 30.51
N THR D 198 18.59 -0.94 29.48
CA THR D 198 18.09 0.45 29.57
C THR D 198 16.58 0.44 29.31
N SER D 199 15.81 1.20 30.10
CA SER D 199 14.36 1.43 29.92
C SER D 199 14.15 2.56 28.91
N ASP D 200 13.32 2.32 27.87
CA ASP D 200 13.03 3.29 26.78
C ASP D 200 14.33 3.78 26.15
N PRO D 201 15.19 2.87 25.61
CA PRO D 201 16.45 3.29 25.01
C PRO D 201 16.22 4.23 23.81
N ASP D 202 15.16 3.96 23.03
CA ASP D 202 14.74 4.81 21.88
C ASP D 202 14.59 6.26 22.34
N VAL D 203 14.00 6.48 23.52
CA VAL D 203 13.77 7.85 24.09
C VAL D 203 15.13 8.46 24.46
N VAL D 204 15.99 7.69 25.14
CA VAL D 204 17.35 8.12 25.58
C VAL D 204 18.17 8.51 24.34
N ILE D 205 18.14 7.67 23.31
CA ILE D 205 18.88 7.85 22.01
C ILE D 205 18.32 9.08 21.28
N GLU D 206 17.01 9.08 21.01
CA GLU D 206 16.28 10.16 20.29
C GLU D 206 16.64 11.51 20.89
N LEU D 207 16.57 11.59 22.22
CA LEU D 207 16.86 12.81 23.02
C LEU D 207 18.30 13.25 22.75
N LEU D 208 19.20 12.28 22.75
CA LEU D 208 20.66 12.48 22.59
C LEU D 208 20.94 13.12 21.22
N LEU D 209 20.31 12.61 20.17
CA LEU D 209 20.50 13.08 18.77
C LEU D 209 19.94 14.50 18.61
N LYS D 210 18.77 14.79 19.18
CA LYS D 210 18.14 16.15 19.11
C LYS D 210 19.11 17.17 19.71
N ARG D 211 19.70 16.84 20.85
CA ARG D 211 20.70 17.66 21.60
C ARG D 211 21.93 17.91 20.73
N VAL D 212 22.40 16.87 20.06
CA VAL D 212 23.65 16.91 19.25
C VAL D 212 23.46 17.90 18.09
N GLY D 213 22.23 18.11 17.61
CA GLY D 213 21.93 19.16 16.63
C GLY D 213 20.91 18.75 15.57
N PHE D 214 20.65 17.45 15.40
CA PHE D 214 19.79 16.91 14.30
C PHE D 214 18.40 17.55 14.36
N ARG D 215 17.97 18.11 13.23
CA ARG D 215 16.66 18.80 13.05
C ARG D 215 15.53 17.76 12.99
N TYR D 216 15.72 16.70 12.21
CA TYR D 216 14.81 15.52 12.13
C TYR D 216 15.48 14.34 12.83
N VAL D 217 14.70 13.62 13.65
CA VAL D 217 15.13 12.37 14.33
C VAL D 217 14.00 11.35 14.26
N ASP D 218 14.35 10.11 13.91
CA ASP D 218 13.45 8.93 14.01
C ASP D 218 14.29 7.77 14.53
N VAL D 219 14.05 7.34 15.77
CA VAL D 219 14.71 6.14 16.36
C VAL D 219 13.61 5.15 16.76
N ARG D 220 13.76 3.89 16.33
CA ARG D 220 12.84 2.77 16.63
C ARG D 220 13.64 1.69 17.36
N CYS D 221 13.05 1.08 18.38
CA CYS D 221 13.49 -0.22 18.93
C CYS D 221 12.78 -1.33 18.14
N ARG D 222 13.54 -2.11 17.37
CA ARG D 222 13.01 -3.20 16.51
C ARG D 222 13.33 -4.55 17.16
N GLN D 223 12.32 -5.20 17.73
CA GLN D 223 12.41 -6.61 18.20
C GLN D 223 12.65 -7.47 16.95
N LYS D 224 13.68 -8.32 16.99
CA LYS D 224 14.10 -9.20 15.87
C LYS D 224 14.16 -10.65 16.36
N LYS D 225 13.87 -11.60 15.47
CA LYS D 225 14.15 -13.04 15.67
C LYS D 225 15.15 -13.50 14.60
N PHE D 226 16.14 -14.31 14.99
CA PHE D 226 17.01 -15.08 14.07
C PHE D 226 17.08 -16.53 14.56
N GLU D 227 16.73 -17.47 13.69
CA GLU D 227 16.67 -18.92 13.98
C GLU D 227 17.92 -19.62 13.42
N PHE D 228 18.50 -20.53 14.20
CA PHE D 228 19.56 -21.47 13.77
C PHE D 228 18.96 -22.87 13.73
N TYR D 229 19.06 -23.54 12.58
CA TYR D 229 18.41 -24.85 12.28
C TYR D 229 19.36 -26.00 12.62
N ASP D 230 20.60 -25.67 12.98
CA ASP D 230 21.61 -26.64 13.51
C ASP D 230 22.54 -25.91 14.48
N LEU D 231 23.21 -26.65 15.36
CA LEU D 231 24.12 -26.10 16.40
C LEU D 231 25.42 -25.59 15.77
N LYS D 232 25.80 -26.15 14.61
CA LYS D 232 27.03 -25.73 13.86
C LYS D 232 26.90 -24.24 13.50
N SER D 233 25.76 -23.84 12.92
CA SER D 233 25.48 -22.45 12.45
C SER D 233 25.49 -21.48 13.64
N PHE D 234 24.95 -21.91 14.80
CA PHE D 234 24.92 -21.12 16.06
C PHE D 234 26.34 -20.98 16.62
N ARG D 235 27.13 -22.06 16.60
CA ARG D 235 28.56 -22.05 17.04
C ARG D 235 29.34 -21.06 16.17
N ASN D 236 29.13 -21.11 14.85
CA ASN D 236 29.77 -20.20 13.85
C ASN D 236 29.56 -18.74 14.27
N LEU D 237 28.33 -18.36 14.65
CA LEU D 237 27.98 -16.97 15.05
C LEU D 237 28.75 -16.57 16.31
N LEU D 238 28.69 -17.40 17.36
CA LEU D 238 29.33 -17.13 18.67
C LEU D 238 30.84 -16.92 18.45
N GLU D 239 31.43 -17.69 17.54
CA GLU D 239 32.87 -17.59 17.18
C GLU D 239 33.16 -16.23 16.56
N ALA D 240 32.34 -15.85 15.57
CA ALA D 240 32.48 -14.63 14.75
C ALA D 240 32.40 -13.37 15.63
N VAL D 241 31.40 -13.32 16.51
CA VAL D 241 31.04 -12.08 17.26
C VAL D 241 31.92 -11.97 18.52
N SER D 242 32.41 -13.08 19.07
CA SER D 242 33.28 -13.11 20.28
C SER D 242 34.36 -12.02 20.17
N PRO D 243 34.37 -11.04 21.10
CA PRO D 243 35.39 -9.97 21.08
C PRO D 243 36.64 -10.23 21.91
N PHE D 244 36.84 -11.46 22.39
CA PHE D 244 37.92 -11.80 23.34
C PHE D 244 39.07 -12.47 22.61
N LYS D 245 40.27 -11.92 22.79
CA LYS D 245 41.51 -12.53 22.28
C LYS D 245 41.94 -13.56 23.32
N VAL D 246 41.72 -14.85 23.05
CA VAL D 246 42.02 -15.92 24.03
C VAL D 246 42.90 -16.98 23.36
N GLY D 247 43.51 -16.66 22.22
CA GLY D 247 44.37 -17.61 21.51
C GLY D 247 43.55 -18.71 20.88
N GLN D 248 44.12 -19.92 20.78
CA GLN D 248 43.46 -21.09 20.16
C GLN D 248 43.21 -22.16 21.23
N GLU D 249 44.27 -22.55 21.94
CA GLU D 249 44.22 -23.56 23.02
C GLU D 249 42.89 -23.46 23.76
N LEU D 250 42.61 -22.31 24.38
CA LEU D 250 41.40 -22.06 25.21
C LEU D 250 40.22 -21.58 24.36
N GLN D 251 40.46 -21.24 23.08
CA GLN D 251 39.43 -20.59 22.21
C GLN D 251 38.22 -21.51 21.99
N GLU D 252 38.47 -22.76 21.62
CA GLU D 252 37.38 -23.77 21.43
C GLU D 252 36.70 -24.03 22.77
N GLU D 253 37.47 -24.03 23.86
CA GLU D 253 37.03 -24.39 25.24
C GLU D 253 36.04 -23.34 25.77
N LEU D 254 36.21 -22.06 25.37
CA LEU D 254 35.33 -20.93 25.78
C LEU D 254 33.96 -21.07 25.12
N ILE D 255 33.95 -21.31 23.81
CA ILE D 255 32.70 -21.43 22.99
C ILE D 255 31.88 -22.61 23.55
N ASP D 256 32.52 -23.75 23.80
CA ASP D 256 31.91 -24.97 24.41
C ASP D 256 31.13 -24.57 25.67
N ASP D 257 31.74 -23.74 26.53
CA ASP D 257 31.16 -23.31 27.83
C ASP D 257 30.04 -22.31 27.58
N VAL D 258 30.15 -21.46 26.55
CA VAL D 258 29.10 -20.50 26.12
C VAL D 258 27.90 -21.29 25.58
N MET D 259 28.14 -22.41 24.90
CA MET D 259 27.10 -23.27 24.28
C MET D 259 26.26 -23.96 25.36
N GLU D 260 26.89 -24.47 26.43
CA GLU D 260 26.19 -25.15 27.55
C GLU D 260 25.31 -24.13 28.29
N VAL D 261 25.81 -22.91 28.50
CA VAL D 261 25.06 -21.78 29.13
C VAL D 261 23.82 -21.47 28.27
N ALA D 262 23.94 -21.58 26.94
CA ALA D 262 22.85 -21.36 25.97
C ALA D 262 21.79 -22.46 26.12
N LYS D 263 22.21 -23.70 26.39
CA LYS D 263 21.29 -24.85 26.64
C LYS D 263 20.50 -24.59 27.93
N GLU D 264 21.16 -24.09 28.98
CA GLU D 264 20.57 -23.78 30.29
C GLU D 264 19.61 -22.59 30.16
N MET D 265 19.96 -21.59 29.35
CA MET D 265 19.17 -20.34 29.16
C MET D 265 18.04 -20.54 28.13
N ARG D 266 17.98 -21.73 27.50
CA ARG D 266 16.87 -22.12 26.58
C ARG D 266 16.98 -21.37 25.25
N ILE D 267 18.17 -20.85 24.93
CA ILE D 267 18.45 -20.16 23.64
C ILE D 267 18.56 -21.22 22.54
N ILE D 268 19.29 -22.30 22.80
CA ILE D 268 19.34 -23.49 21.89
C ILE D 268 18.41 -24.57 22.47
N ASP D 269 17.57 -25.16 21.61
CA ASP D 269 16.59 -26.22 21.96
C ASP D 269 17.30 -27.58 21.83
N THR D 270 17.57 -28.22 22.97
CA THR D 270 18.33 -29.50 23.09
C THR D 270 17.60 -30.63 22.35
N GLN D 271 16.27 -30.58 22.31
CA GLN D 271 15.40 -31.63 21.70
C GLN D 271 15.62 -31.70 20.18
N ASN D 272 15.63 -30.55 19.49
CA ASN D 272 15.68 -30.48 18.00
C ASN D 272 17.08 -30.11 17.49
N SER D 273 18.00 -29.74 18.39
CA SER D 273 19.34 -29.19 18.07
C SER D 273 19.18 -27.93 17.20
N THR D 274 18.36 -26.99 17.66
CA THR D 274 18.14 -25.65 17.03
C THR D 274 18.40 -24.56 18.05
N ALA D 275 18.47 -23.30 17.59
CA ALA D 275 18.74 -22.11 18.45
C ALA D 275 17.89 -20.93 17.99
N LYS D 276 17.47 -20.11 18.95
CA LYS D 276 16.63 -18.90 18.72
C LYS D 276 17.25 -17.72 19.46
N LEU D 277 17.51 -16.63 18.73
CA LEU D 277 17.87 -15.32 19.31
C LEU D 277 16.72 -14.34 19.08
N ILE D 278 16.18 -13.78 20.17
CA ILE D 278 15.21 -12.66 20.17
C ILE D 278 15.91 -11.47 20.86
N TYR D 279 15.94 -10.32 20.19
CA TYR D 279 16.82 -9.17 20.57
C TYR D 279 16.25 -7.87 20.00
N ASN D 280 16.73 -6.74 20.54
CA ASN D 280 16.31 -5.38 20.12
C ASN D 280 17.43 -4.73 19.31
N LEU D 281 17.11 -4.37 18.08
CA LEU D 281 18.00 -3.58 17.21
C LEU D 281 17.38 -2.18 17.11
N VAL D 282 17.99 -1.19 17.77
CA VAL D 282 17.53 0.21 17.63
C VAL D 282 18.04 0.67 16.27
N VAL D 283 17.14 1.14 15.40
CA VAL D 283 17.50 1.69 14.06
C VAL D 283 17.18 3.19 14.11
N ILE D 284 18.14 4.00 13.66
CA ILE D 284 18.12 5.49 13.77
C ILE D 284 18.15 6.07 12.35
N HIS D 285 17.27 7.04 12.07
CA HIS D 285 17.24 7.83 10.82
C HIS D 285 17.11 9.31 11.14
N CYS D 286 18.20 10.07 10.97
CA CYS D 286 18.27 11.54 11.23
C CYS D 286 18.65 12.29 9.96
N ARG D 287 18.05 13.47 9.77
CA ARG D 287 18.46 14.53 8.79
C ARG D 287 19.09 15.68 9.59
N LYS D 288 20.06 16.38 8.97
CA LYS D 288 20.78 17.52 9.58
C LYS D 288 20.43 18.80 8.81
N SER E 33 -0.37 -6.28 39.71
CA SER E 33 1.11 -6.37 39.56
C SER E 33 1.72 -4.96 39.55
N SER E 34 2.82 -4.77 40.29
CA SER E 34 3.60 -3.51 40.40
C SER E 34 4.06 -3.06 39.01
N MET E 35 4.62 -4.01 38.24
CA MET E 35 5.09 -3.82 36.84
C MET E 35 4.01 -3.12 36.00
N GLN E 36 2.77 -3.62 36.04
CA GLN E 36 1.63 -3.16 35.20
C GLN E 36 1.18 -1.76 35.63
N ARG E 37 1.34 -1.44 36.92
CA ARG E 37 1.07 -0.10 37.48
C ARG E 37 2.10 0.93 36.98
N ARG E 38 3.38 0.63 37.16
CA ARG E 38 4.51 1.50 36.71
C ARG E 38 4.34 1.82 35.22
N ASP E 39 4.24 0.79 34.38
CA ASP E 39 4.16 0.91 32.90
C ASP E 39 2.94 1.75 32.51
N ALA E 40 1.80 1.54 33.18
CA ALA E 40 0.54 2.29 32.96
C ALA E 40 0.75 3.77 33.32
N LEU E 41 1.35 4.04 34.49
CA LEU E 41 1.69 5.42 34.94
C LEU E 41 2.73 6.05 34.02
N ASN E 42 3.77 5.29 33.65
CA ASN E 42 4.85 5.74 32.73
C ASN E 42 4.24 6.12 31.36
N SER E 43 3.40 5.25 30.80
CA SER E 43 2.78 5.40 29.46
C SER E 43 1.84 6.60 29.46
N LEU E 44 0.88 6.63 30.39
CA LEU E 44 -0.16 7.70 30.51
C LEU E 44 0.52 9.06 30.62
N THR E 45 1.46 9.21 31.57
CA THR E 45 2.14 10.49 31.89
C THR E 45 2.85 11.05 30.66
N GLU E 46 3.51 10.19 29.87
CA GLU E 46 4.29 10.59 28.66
C GLU E 46 3.36 11.07 27.54
N TYR E 47 2.29 10.33 27.27
CA TYR E 47 1.40 10.51 26.08
C TYR E 47 0.21 11.43 26.41
N LEU E 48 -0.01 11.72 27.69
CA LEU E 48 -1.13 12.58 28.18
C LEU E 48 -1.09 13.93 27.45
N PRO E 49 0.09 14.60 27.32
CA PRO E 49 0.17 15.89 26.63
C PRO E 49 -0.03 15.85 25.11
N LYS E 50 -0.13 14.65 24.50
CA LYS E 50 -0.33 14.47 23.03
C LYS E 50 -1.81 14.25 22.72
N PHE E 51 -2.65 14.05 23.74
CA PHE E 51 -4.10 13.77 23.59
C PHE E 51 -4.87 15.08 23.39
N LYS E 52 -5.96 15.01 22.61
CA LYS E 52 -6.93 16.12 22.42
C LYS E 52 -8.29 15.70 23.00
N TRP E 53 -8.92 16.57 23.78
CA TRP E 53 -10.21 16.34 24.47
C TRP E 53 -11.30 17.17 23.80
N LYS E 54 -10.99 18.45 23.52
CA LYS E 54 -11.66 19.31 22.50
C LYS E 54 -13.17 19.48 22.80
N GLU E 55 -13.60 19.25 24.03
CA GLU E 55 -15.02 19.42 24.47
C GLU E 55 -15.18 18.92 25.91
N SER E 56 -16.31 19.24 26.54
CA SER E 56 -16.80 18.62 27.80
C SER E 56 -17.67 17.40 27.46
N LYS E 57 -18.15 16.68 28.48
CA LYS E 57 -18.98 15.45 28.34
C LYS E 57 -18.29 14.48 27.37
N GLU E 58 -17.15 13.95 27.79
CA GLU E 58 -16.35 12.94 27.04
C GLU E 58 -16.85 11.55 27.45
N LYS E 59 -16.92 10.60 26.51
CA LYS E 59 -17.21 9.18 26.83
C LYS E 59 -15.92 8.39 26.61
N ILE E 60 -15.39 7.73 27.64
CA ILE E 60 -14.10 7.01 27.46
C ILE E 60 -14.30 5.55 27.85
N LEU E 61 -13.49 4.66 27.28
CA LEU E 61 -13.63 3.20 27.50
C LEU E 61 -12.26 2.60 27.78
N ASP E 62 -12.24 1.57 28.62
CA ASP E 62 -11.02 0.81 28.97
C ASP E 62 -11.31 -0.67 28.75
N ILE E 63 -10.44 -1.38 28.01
CA ILE E 63 -10.63 -2.82 27.72
C ILE E 63 -9.61 -3.62 28.55
N GLY E 64 -10.06 -4.72 29.16
CA GLY E 64 -9.23 -5.55 30.07
C GLY E 64 -8.93 -4.81 31.36
N CYS E 65 -9.95 -4.22 31.97
CA CYS E 65 -9.86 -3.35 33.18
C CYS E 65 -9.41 -4.15 34.42
N ALA E 66 -9.72 -5.46 34.48
CA ALA E 66 -9.41 -6.38 35.60
C ALA E 66 -10.08 -5.90 36.90
N ASP E 67 -9.32 -5.78 38.00
CA ASP E 67 -9.83 -5.40 39.35
C ASP E 67 -10.31 -3.95 39.37
N GLY E 68 -9.77 -3.09 38.51
CA GLY E 68 -10.20 -1.68 38.41
C GLY E 68 -9.11 -0.70 38.81
N SER E 69 -8.00 -1.19 39.39
CA SER E 69 -6.89 -0.36 39.95
C SER E 69 -6.26 0.50 38.85
N VAL E 70 -5.82 -0.10 37.75
CA VAL E 70 -5.14 0.64 36.63
C VAL E 70 -6.16 1.55 35.94
N THR E 71 -7.38 1.07 35.73
CA THR E 71 -8.49 1.86 35.11
C THR E 71 -8.84 3.04 36.02
N ASN E 72 -8.57 2.93 37.34
CA ASN E 72 -8.69 4.04 38.31
C ASN E 72 -7.56 5.06 38.09
N ILE E 73 -6.35 4.58 37.78
CA ILE E 73 -5.17 5.44 37.43
C ILE E 73 -5.50 6.23 36.16
N ILE E 74 -6.12 5.57 35.17
CA ILE E 74 -6.54 6.21 33.88
C ILE E 74 -7.58 7.30 34.17
N SER E 75 -8.60 6.95 34.97
CA SER E 75 -9.70 7.87 35.35
C SER E 75 -9.13 9.09 36.08
N SER E 76 -8.31 8.84 37.11
CA SER E 76 -7.64 9.86 37.97
C SER E 76 -6.76 10.78 37.11
N CYS E 77 -5.80 10.20 36.38
CA CYS E 77 -4.77 10.92 35.58
C CYS E 77 -5.43 11.94 34.65
N CYS E 78 -6.32 11.47 33.77
CA CYS E 78 -6.94 12.29 32.68
C CYS E 78 -7.61 13.54 33.25
N PRO E 79 -7.35 14.71 32.65
CA PRO E 79 -7.82 15.99 33.19
C PRO E 79 -9.33 16.29 33.12
N THR E 80 -9.97 16.14 31.95
CA THR E 80 -11.34 16.66 31.78
C THR E 80 -12.32 15.74 32.53
N ASP E 81 -13.43 16.31 32.97
CA ASP E 81 -14.56 15.53 33.54
C ASP E 81 -15.28 14.90 32.34
N PHE E 82 -15.79 13.70 32.51
CA PHE E 82 -16.44 12.92 31.44
C PHE E 82 -17.85 12.59 31.90
N GLU E 83 -18.78 12.41 30.97
CA GLU E 83 -20.18 12.08 31.33
C GLU E 83 -20.33 10.57 31.55
N LEU E 84 -19.32 9.78 31.17
CA LEU E 84 -19.42 8.31 31.16
C LEU E 84 -18.04 7.71 30.99
N PHE E 85 -17.75 6.61 31.70
CA PHE E 85 -16.50 5.85 31.57
C PHE E 85 -16.84 4.37 31.72
N GLU E 86 -16.88 3.60 30.63
CA GLU E 86 -17.15 2.15 30.73
C GLU E 86 -15.83 1.38 30.78
N ALA E 87 -15.83 0.25 31.48
CA ALA E 87 -14.69 -0.69 31.62
C ALA E 87 -15.23 -2.11 31.48
N CYS E 88 -14.56 -2.96 30.69
CA CYS E 88 -15.03 -4.34 30.37
C CYS E 88 -13.89 -5.35 30.54
N ASP E 89 -14.28 -6.63 30.61
CA ASP E 89 -13.37 -7.79 30.88
C ASP E 89 -14.16 -9.09 30.64
N VAL E 90 -13.48 -10.14 30.18
CA VAL E 90 -14.12 -11.47 29.93
C VAL E 90 -14.27 -12.21 31.27
N ASN E 91 -13.36 -11.95 32.23
CA ASN E 91 -13.39 -12.53 33.60
C ASN E 91 -14.50 -11.84 34.40
N VAL E 92 -15.59 -12.56 34.70
CA VAL E 92 -16.81 -12.02 35.37
C VAL E 92 -16.49 -11.70 36.83
N LYS E 93 -15.64 -12.50 37.48
CA LYS E 93 -15.26 -12.34 38.92
C LYS E 93 -14.52 -11.00 39.09
N SER E 94 -13.68 -10.64 38.11
CA SER E 94 -12.88 -9.38 38.08
C SER E 94 -13.81 -8.15 38.03
N VAL E 95 -14.85 -8.18 37.17
CA VAL E 95 -15.74 -7.00 36.94
C VAL E 95 -16.62 -6.80 38.18
N LYS E 96 -16.99 -7.89 38.87
CA LYS E 96 -17.75 -7.82 40.16
C LYS E 96 -16.89 -7.08 41.18
N TYR E 97 -15.66 -7.53 41.41
CA TYR E 97 -14.72 -6.87 42.36
C TYR E 97 -14.56 -5.40 41.95
N ALA E 98 -14.41 -5.13 40.65
CA ALA E 98 -14.19 -3.76 40.12
C ALA E 98 -15.40 -2.87 40.43
N THR E 99 -16.62 -3.37 40.22
CA THR E 99 -17.86 -2.60 40.48
C THR E 99 -17.97 -2.29 41.98
N GLU E 100 -17.72 -3.27 42.84
CA GLU E 100 -17.85 -3.12 44.31
C GLU E 100 -16.84 -2.10 44.84
N HIS E 101 -15.58 -2.19 44.39
CA HIS E 101 -14.43 -1.46 45.00
C HIS E 101 -14.17 -0.12 44.28
N TYR E 102 -14.43 -0.03 42.97
CA TYR E 102 -14.15 1.21 42.19
C TYR E 102 -15.40 1.74 41.46
N GLY E 103 -16.55 1.08 41.58
CA GLY E 103 -17.75 1.48 40.82
C GLY E 103 -18.27 2.84 41.27
N THR E 104 -18.67 3.70 40.31
CA THR E 104 -19.38 4.98 40.56
C THR E 104 -20.52 5.11 39.54
N SER E 105 -21.32 6.17 39.65
CA SER E 105 -22.47 6.44 38.74
C SER E 105 -21.97 6.61 37.31
N LYS E 106 -20.80 7.23 37.12
CA LYS E 106 -20.19 7.48 35.79
C LYS E 106 -19.24 6.35 35.39
N MET E 107 -18.79 5.53 36.33
CA MET E 107 -17.83 4.42 36.06
C MET E 107 -18.52 3.07 36.27
N ARG E 108 -18.86 2.41 35.17
CA ARG E 108 -19.64 1.15 35.17
C ARG E 108 -18.81 0.04 34.51
N PHE E 109 -18.72 -1.11 35.18
CA PHE E 109 -17.98 -2.32 34.72
C PHE E 109 -18.99 -3.35 34.20
N ARG E 110 -18.85 -3.73 32.93
CA ARG E 110 -19.68 -4.79 32.28
C ARG E 110 -18.77 -5.91 31.77
N VAL E 111 -19.36 -7.06 31.44
CA VAL E 111 -18.68 -8.20 30.75
C VAL E 111 -18.72 -7.94 29.25
N MET E 112 -17.61 -8.20 28.54
CA MET E 112 -17.49 -8.01 27.07
C MET E 112 -16.21 -8.68 26.55
N ASP E 113 -16.36 -9.60 25.58
CA ASP E 113 -15.23 -10.16 24.79
C ASP E 113 -15.01 -9.22 23.58
N ILE E 114 -13.82 -8.63 23.50
CA ILE E 114 -13.45 -7.65 22.43
C ILE E 114 -13.19 -8.40 21.11
N GLU E 115 -13.11 -9.74 21.16
CA GLU E 115 -12.97 -10.64 19.98
C GLU E 115 -14.34 -10.90 19.33
N SER E 116 -15.44 -10.65 20.05
CA SER E 116 -16.83 -10.92 19.60
C SER E 116 -17.37 -9.72 18.80
N ASP E 117 -18.58 -9.86 18.26
CA ASP E 117 -19.29 -8.79 17.53
C ASP E 117 -19.69 -7.70 18.53
N LEU E 118 -19.64 -6.45 18.10
CA LEU E 118 -20.03 -5.28 18.92
C LEU E 118 -21.55 -5.19 18.97
N PRO E 119 -22.13 -4.81 20.13
CA PRO E 119 -23.53 -4.40 20.17
C PRO E 119 -23.58 -3.06 19.43
N LYS E 120 -24.63 -2.79 18.66
CA LYS E 120 -24.66 -1.60 17.77
C LYS E 120 -24.65 -0.30 18.60
N GLU E 121 -25.01 -0.34 19.88
CA GLU E 121 -25.12 0.85 20.77
C GLU E 121 -23.76 1.55 20.94
N MET E 122 -22.68 0.78 21.15
CA MET E 122 -21.33 1.30 21.51
C MET E 122 -20.56 1.73 20.27
N LYS E 123 -21.02 1.37 19.07
CA LYS E 123 -20.33 1.71 17.79
C LYS E 123 -20.16 3.23 17.69
N GLY E 124 -18.92 3.70 17.65
CA GLY E 124 -18.56 5.12 17.47
C GLY E 124 -19.04 6.00 18.61
N LYS E 125 -18.99 5.47 19.84
CA LYS E 125 -19.59 6.08 21.06
C LYS E 125 -18.50 6.75 21.90
N PHE E 126 -17.27 6.22 21.89
CA PHE E 126 -16.18 6.56 22.85
C PHE E 126 -15.17 7.51 22.20
N ASP E 127 -14.92 8.63 22.88
CA ASP E 127 -13.99 9.71 22.42
C ASP E 127 -12.56 9.29 22.73
N HIS E 128 -12.39 8.41 23.71
CA HIS E 128 -11.11 7.73 24.06
C HIS E 128 -11.38 6.25 24.33
N VAL E 129 -10.46 5.41 23.88
CA VAL E 129 -10.42 3.96 24.20
C VAL E 129 -9.04 3.65 24.75
N PHE E 130 -8.98 3.07 25.94
CA PHE E 130 -7.73 2.56 26.56
C PHE E 130 -7.78 1.04 26.65
N SER E 131 -6.62 0.39 26.61
CA SER E 131 -6.42 -1.02 27.00
C SER E 131 -4.94 -1.29 27.18
N PHE E 132 -4.56 -1.75 28.37
CA PHE E 132 -3.14 -2.07 28.73
C PHE E 132 -3.04 -3.53 29.13
N TYR E 133 -1.96 -4.20 28.72
CA TYR E 133 -1.60 -5.59 29.12
C TYR E 133 -2.72 -6.57 28.81
N THR E 134 -3.47 -6.35 27.74
CA THR E 134 -4.69 -7.12 27.41
C THR E 134 -4.62 -7.76 26.02
N LEU E 135 -4.35 -6.94 24.99
CA LEU E 135 -4.49 -7.35 23.57
C LEU E 135 -3.56 -8.52 23.23
N HIS E 136 -2.58 -8.82 24.07
CA HIS E 136 -1.62 -9.94 23.81
C HIS E 136 -2.22 -11.26 24.32
N TRP E 137 -3.33 -11.18 25.06
CA TRP E 137 -4.12 -12.36 25.50
C TRP E 137 -4.91 -12.95 24.32
N ILE E 138 -5.10 -12.15 23.25
CA ILE E 138 -6.24 -12.32 22.30
C ILE E 138 -5.76 -12.99 21.00
N GLU E 139 -6.54 -13.96 20.52
CA GLU E 139 -6.26 -14.78 19.33
C GLU E 139 -6.60 -13.96 18.07
N ASN E 140 -7.89 -13.69 17.84
CA ASN E 140 -8.37 -12.91 16.67
C ASN E 140 -7.90 -11.46 16.83
N GLN E 141 -6.64 -11.22 16.51
CA GLN E 141 -5.93 -9.92 16.64
C GLN E 141 -6.59 -8.88 15.71
N GLU E 142 -6.99 -9.31 14.51
CA GLU E 142 -7.53 -8.39 13.46
C GLU E 142 -8.95 -7.93 13.85
N LYS E 143 -9.78 -8.83 14.41
CA LYS E 143 -11.15 -8.46 14.85
C LYS E 143 -11.07 -7.48 16.02
N ALA E 144 -10.13 -7.70 16.95
CA ALA E 144 -9.91 -6.87 18.15
C ALA E 144 -9.63 -5.42 17.74
N PHE E 145 -8.67 -5.21 16.85
CA PHE E 145 -8.24 -3.87 16.36
C PHE E 145 -9.35 -3.24 15.52
N GLN E 146 -10.10 -4.04 14.77
CA GLN E 146 -11.27 -3.59 13.97
C GLN E 146 -12.41 -3.17 14.92
N ASN E 147 -12.62 -3.93 16.00
CA ASN E 147 -13.63 -3.61 17.04
C ASN E 147 -13.24 -2.31 17.74
N ILE E 148 -11.96 -2.15 18.08
CA ILE E 148 -11.43 -0.94 18.78
C ILE E 148 -11.68 0.30 17.90
N TYR E 149 -11.43 0.19 16.59
CA TYR E 149 -11.68 1.27 15.59
C TYR E 149 -13.18 1.59 15.56
N ASP E 150 -14.02 0.55 15.45
CA ASP E 150 -15.51 0.65 15.43
C ASP E 150 -16.00 1.30 16.71
N LEU E 151 -15.35 1.03 17.84
CA LEU E 151 -15.75 1.52 19.19
C LEU E 151 -15.49 3.02 19.30
N THR E 152 -14.40 3.49 18.70
CA THR E 152 -13.94 4.90 18.74
C THR E 152 -14.94 5.79 17.98
N ALA E 153 -15.22 6.99 18.49
CA ALA E 153 -16.09 7.98 17.83
C ALA E 153 -15.30 8.80 16.81
N ASP E 154 -16.01 9.57 15.98
CA ASP E 154 -15.42 10.51 14.98
C ASP E 154 -14.46 11.46 15.71
N ASP E 155 -13.26 11.66 15.17
CA ASP E 155 -12.19 12.51 15.76
C ASP E 155 -11.79 11.99 17.15
N GLY E 156 -12.16 10.75 17.48
CA GLY E 156 -11.73 10.07 18.72
C GLY E 156 -10.28 9.64 18.60
N GLU E 157 -9.70 9.08 19.67
CA GLU E 157 -8.31 8.56 19.65
C GLU E 157 -8.22 7.41 20.67
N CYS E 158 -7.28 6.48 20.44
CA CYS E 158 -7.09 5.27 21.28
C CYS E 158 -5.66 5.26 21.84
N PHE E 159 -5.50 4.74 23.05
CA PHE E 159 -4.18 4.53 23.71
C PHE E 159 -4.11 3.09 24.23
N LEU E 160 -3.31 2.25 23.56
CA LEU E 160 -3.17 0.80 23.88
C LEU E 160 -1.73 0.51 24.31
N THR E 161 -1.55 -0.50 25.17
CA THR E 161 -0.23 -1.12 25.47
C THR E 161 -0.38 -2.63 25.37
N LEU E 162 0.69 -3.27 24.90
CA LEU E 162 0.72 -4.70 24.52
C LEU E 162 2.08 -5.27 24.89
N LEU E 163 2.12 -6.55 25.23
CA LEU E 163 3.40 -7.25 25.53
C LEU E 163 3.87 -7.97 24.26
N ALA E 164 5.14 -7.77 23.92
CA ALA E 164 5.83 -8.56 22.87
C ALA E 164 6.67 -9.60 23.60
N GLN E 165 7.98 -9.62 23.41
CA GLN E 165 8.81 -10.59 24.14
C GLN E 165 8.73 -10.29 25.63
N MET E 166 8.80 -11.35 26.44
CA MET E 166 8.64 -11.26 27.91
C MET E 166 9.16 -12.56 28.52
N PRO E 167 10.30 -12.52 29.26
CA PRO E 167 10.92 -13.73 29.79
C PRO E 167 9.99 -14.66 30.58
N VAL E 168 8.94 -14.12 31.21
CA VAL E 168 7.93 -14.89 31.98
C VAL E 168 7.29 -15.93 31.06
N PHE E 169 7.05 -15.59 29.79
CA PHE E 169 6.49 -16.52 28.77
C PHE E 169 7.44 -17.72 28.61
N ASN E 170 8.72 -17.45 28.39
CA ASN E 170 9.79 -18.46 28.18
C ASN E 170 9.92 -19.35 29.42
N LEU E 171 9.69 -18.78 30.61
CA LEU E 171 9.81 -19.49 31.91
C LEU E 171 8.83 -20.67 31.97
N PHE E 172 7.56 -20.41 31.67
CA PHE E 172 6.49 -21.43 31.70
C PHE E 172 6.53 -22.26 30.41
N ASP E 173 7.11 -21.69 29.35
CA ASP E 173 7.29 -22.38 28.04
C ASP E 173 8.34 -23.49 28.19
N ALA E 174 9.18 -23.42 29.22
CA ALA E 174 10.19 -24.47 29.55
C ALA E 174 9.51 -25.66 30.24
N LEU E 175 8.21 -25.53 30.57
CA LEU E 175 7.42 -26.51 31.36
C LEU E 175 6.25 -27.08 30.54
N LYS E 176 6.32 -27.04 29.21
CA LYS E 176 5.20 -27.49 28.34
C LYS E 176 5.44 -28.91 27.83
N HIS E 177 6.68 -29.43 27.93
CA HIS E 177 7.09 -30.77 27.44
C HIS E 177 7.49 -31.68 28.62
N THR E 178 7.22 -31.23 29.85
CA THR E 178 7.57 -31.94 31.12
C THR E 178 6.38 -32.80 31.55
N GLU E 179 6.66 -34.06 31.92
CA GLU E 179 5.64 -35.05 32.39
C GLU E 179 4.75 -34.39 33.46
N LYS E 180 5.39 -33.68 34.39
CA LYS E 180 4.74 -32.98 35.54
C LYS E 180 3.61 -32.05 35.04
N TRP E 181 3.91 -31.19 34.06
CA TRP E 181 3.07 -30.02 33.68
C TRP E 181 2.68 -30.02 32.19
N ARG E 182 3.04 -31.05 31.42
CA ARG E 182 2.78 -31.10 29.95
C ARG E 182 1.29 -30.82 29.67
N HIS E 183 0.42 -31.30 30.56
CA HIS E 183 -1.06 -31.28 30.39
C HIS E 183 -1.66 -30.00 30.97
N TRP E 184 -1.09 -29.47 32.05
CA TRP E 184 -1.54 -28.19 32.69
C TRP E 184 -1.16 -27.00 31.81
N LEU E 185 -0.12 -27.14 30.97
CA LEU E 185 0.42 -26.07 30.09
C LEU E 185 0.21 -26.45 28.61
N ARG E 186 -0.93 -27.05 28.29
CA ARG E 186 -1.34 -27.40 26.90
C ARG E 186 -1.77 -26.14 26.16
N TYR E 187 -2.77 -25.45 26.72
CA TYR E 187 -3.24 -24.12 26.24
C TYR E 187 -2.31 -23.05 26.83
N ILE E 188 -1.05 -23.11 26.43
CA ILE E 188 0.05 -22.17 26.85
C ILE E 188 0.15 -21.06 25.80
N LYS E 189 0.02 -21.41 24.52
CA LYS E 189 0.18 -20.50 23.36
C LYS E 189 -1.02 -19.54 23.26
N ASN E 190 -2.16 -19.90 23.87
CA ASN E 190 -3.37 -19.04 23.96
C ASN E 190 -3.08 -17.80 24.82
N PHE E 191 -2.13 -17.91 25.77
CA PHE E 191 -1.83 -16.88 26.79
C PHE E 191 -0.54 -16.11 26.44
N ILE E 192 0.45 -16.78 25.84
CA ILE E 192 1.69 -16.13 25.32
C ILE E 192 1.30 -15.14 24.22
N SER E 193 1.96 -13.98 24.20
CA SER E 193 1.81 -12.91 23.17
C SER E 193 2.05 -13.49 21.77
N PRO E 194 1.17 -13.21 20.78
CA PRO E 194 1.45 -13.59 19.40
C PRO E 194 2.60 -12.78 18.77
N TYR E 195 3.19 -11.84 19.54
CA TYR E 195 4.30 -10.95 19.09
C TYR E 195 5.60 -11.26 19.85
N TYR E 196 5.62 -12.35 20.63
CA TYR E 196 6.72 -12.65 21.59
C TYR E 196 7.98 -13.11 20.85
N GLU E 197 7.85 -13.59 19.61
CA GLU E 197 8.96 -14.08 18.76
C GLU E 197 8.91 -13.44 17.37
N THR E 198 8.19 -12.34 17.22
CA THR E 198 7.88 -11.68 15.91
C THR E 198 8.97 -10.65 15.58
N SER E 199 9.43 -10.62 14.33
CA SER E 199 10.36 -9.60 13.78
C SER E 199 9.57 -8.32 13.43
N ASP E 200 9.98 -7.18 13.97
CA ASP E 200 9.39 -5.84 13.69
C ASP E 200 7.90 -5.86 14.05
N PRO E 201 7.53 -6.23 15.30
CA PRO E 201 6.13 -6.27 15.70
C PRO E 201 5.46 -4.90 15.59
N ASP E 202 6.23 -3.83 15.79
CA ASP E 202 5.80 -2.41 15.60
C ASP E 202 5.29 -2.21 14.16
N VAL E 203 5.98 -2.77 13.17
CA VAL E 203 5.63 -2.65 11.72
C VAL E 203 4.32 -3.42 11.47
N VAL E 204 4.23 -4.64 12.00
CA VAL E 204 3.05 -5.56 11.84
C VAL E 204 1.81 -4.87 12.41
N ILE E 205 1.90 -4.40 13.66
CA ILE E 205 0.78 -3.78 14.42
C ILE E 205 0.32 -2.51 13.68
N GLU E 206 1.27 -1.64 13.33
CA GLU E 206 1.05 -0.36 12.61
C GLU E 206 0.22 -0.61 11.34
N LEU E 207 0.68 -1.54 10.50
CA LEU E 207 0.05 -1.88 9.20
C LEU E 207 -1.41 -2.32 9.44
N LEU E 208 -1.62 -3.14 10.46
CA LEU E 208 -2.96 -3.64 10.87
C LEU E 208 -3.88 -2.46 11.22
N LEU E 209 -3.36 -1.53 12.03
CA LEU E 209 -4.12 -0.37 12.54
C LEU E 209 -4.45 0.59 11.39
N LYS E 210 -3.51 0.84 10.48
CA LYS E 210 -3.72 1.71 9.30
C LYS E 210 -4.76 1.10 8.36
N ARG E 211 -4.68 -0.23 8.15
CA ARG E 211 -5.59 -0.99 7.24
C ARG E 211 -7.00 -1.04 7.84
N VAL E 212 -7.10 -0.97 9.17
CA VAL E 212 -8.39 -0.96 9.92
C VAL E 212 -9.05 0.42 9.71
N GLY E 213 -8.25 1.45 9.41
CA GLY E 213 -8.73 2.75 8.89
C GLY E 213 -8.27 3.95 9.70
N PHE E 214 -7.54 3.75 10.80
CA PHE E 214 -7.00 4.85 11.66
C PHE E 214 -6.18 5.81 10.78
N ARG E 215 -6.56 7.09 10.77
CA ARG E 215 -5.91 8.17 9.97
C ARG E 215 -4.49 8.42 10.50
N TYR E 216 -4.36 8.59 11.82
CA TYR E 216 -3.05 8.72 12.50
C TYR E 216 -2.78 7.45 13.30
N VAL E 217 -1.55 6.94 13.18
CA VAL E 217 -1.05 5.75 13.93
C VAL E 217 0.39 6.01 14.36
N ASP E 218 0.72 5.65 15.60
CA ASP E 218 2.10 5.68 16.15
C ASP E 218 2.26 4.51 17.13
N VAL E 219 2.90 3.43 16.69
CA VAL E 219 3.18 2.24 17.54
C VAL E 219 4.69 2.17 17.80
N ARG E 220 5.06 2.11 19.08
CA ARG E 220 6.46 2.05 19.56
C ARG E 220 6.68 0.73 20.27
N CYS E 221 7.81 0.08 20.02
CA CYS E 221 8.33 -1.04 20.84
C CYS E 221 9.24 -0.47 21.92
N ARG E 222 8.78 -0.44 23.17
CA ARG E 222 9.53 0.14 24.32
C ARG E 222 10.18 -1.00 25.12
N GLN E 223 11.51 -1.12 25.02
CA GLN E 223 12.31 -2.02 25.89
C GLN E 223 12.18 -1.50 27.33
N LYS E 224 11.73 -2.36 28.25
CA LYS E 224 11.56 -2.03 29.69
C LYS E 224 12.43 -2.97 30.52
N LYS E 225 12.94 -2.46 31.65
CA LYS E 225 13.54 -3.28 32.74
C LYS E 225 12.67 -3.11 33.99
N PHE E 226 12.32 -4.23 34.65
CA PHE E 226 11.72 -4.24 36.00
C PHE E 226 12.55 -5.16 36.92
N GLU E 227 13.18 -4.57 37.94
CA GLU E 227 14.05 -5.29 38.91
C GLU E 227 13.20 -5.73 40.12
N PHE E 228 13.41 -6.95 40.59
CA PHE E 228 12.92 -7.46 41.90
C PHE E 228 14.13 -7.61 42.82
N TYR E 229 14.11 -6.90 43.94
CA TYR E 229 15.23 -6.83 44.92
C TYR E 229 15.24 -8.13 45.74
N ASP E 230 14.06 -8.63 46.11
CA ASP E 230 13.91 -9.91 46.85
C ASP E 230 13.15 -10.92 45.98
N LEU E 231 13.45 -12.21 46.16
CA LEU E 231 12.81 -13.36 45.44
C LEU E 231 11.31 -13.42 45.77
N LYS E 232 10.93 -13.04 46.99
CA LYS E 232 9.51 -13.02 47.45
C LYS E 232 8.66 -12.22 46.46
N SER E 233 9.07 -11.00 46.14
CA SER E 233 8.33 -10.04 45.26
C SER E 233 8.27 -10.56 43.82
N PHE E 234 9.26 -11.35 43.38
CA PHE E 234 9.31 -11.98 42.05
C PHE E 234 8.34 -13.17 42.02
N ARG E 235 8.35 -13.98 43.08
CA ARG E 235 7.45 -15.15 43.26
C ARG E 235 5.99 -14.66 43.36
N ASN E 236 5.80 -13.44 43.88
CA ASN E 236 4.48 -12.76 43.97
C ASN E 236 3.94 -12.49 42.56
N LEU E 237 4.77 -11.90 41.69
CA LEU E 237 4.40 -11.61 40.27
C LEU E 237 4.02 -12.91 39.55
N LEU E 238 4.86 -13.94 39.67
CA LEU E 238 4.70 -15.23 38.93
C LEU E 238 3.39 -15.92 39.34
N GLU E 239 2.85 -15.60 40.52
CA GLU E 239 1.54 -16.11 41.01
C GLU E 239 0.40 -15.27 40.39
N ALA E 240 0.52 -13.94 40.43
CA ALA E 240 -0.50 -12.97 40.01
C ALA E 240 -0.84 -13.13 38.53
N VAL E 241 0.18 -13.37 37.69
CA VAL E 241 0.05 -13.35 36.19
C VAL E 241 -0.15 -14.78 35.66
N SER E 242 0.22 -15.80 36.44
CA SER E 242 0.06 -17.24 36.08
C SER E 242 -1.38 -17.48 35.64
N PRO E 243 -1.64 -17.78 34.35
CA PRO E 243 -3.00 -17.97 33.85
C PRO E 243 -3.60 -19.36 34.13
N PHE E 244 -2.79 -20.28 34.68
CA PHE E 244 -3.16 -21.69 34.94
C PHE E 244 -3.68 -21.82 36.37
N LYS E 245 -4.67 -22.70 36.54
CA LYS E 245 -5.22 -23.09 37.85
C LYS E 245 -4.89 -24.57 38.03
N VAL E 246 -3.89 -24.90 38.84
CA VAL E 246 -3.55 -26.33 39.10
C VAL E 246 -4.07 -26.69 40.49
N GLY E 247 -5.08 -25.94 40.95
CA GLY E 247 -5.69 -26.10 42.27
C GLY E 247 -4.84 -25.48 43.37
N GLN E 248 -4.59 -26.23 44.43
CA GLN E 248 -3.91 -25.77 45.67
C GLN E 248 -2.72 -26.68 45.97
N GLU E 249 -2.95 -28.00 45.93
CA GLU E 249 -1.91 -29.06 46.01
C GLU E 249 -0.73 -28.70 45.11
N LEU E 250 -0.99 -28.55 43.80
CA LEU E 250 0.04 -28.38 42.74
C LEU E 250 0.40 -26.90 42.54
N GLN E 251 -0.52 -25.98 42.89
CA GLN E 251 -0.34 -24.51 42.75
C GLN E 251 1.10 -24.11 43.12
N GLU E 252 1.50 -24.39 44.36
CA GLU E 252 2.80 -23.97 44.94
C GLU E 252 3.95 -24.71 44.25
N GLU E 253 3.72 -25.96 43.81
CA GLU E 253 4.76 -26.84 43.21
C GLU E 253 5.15 -26.31 41.82
N LEU E 254 4.18 -25.82 41.04
CA LEU E 254 4.41 -25.22 39.69
C LEU E 254 5.38 -24.04 39.81
N ILE E 255 5.04 -23.06 40.66
CA ILE E 255 5.79 -21.79 40.85
C ILE E 255 7.23 -22.11 41.25
N ASP E 256 7.42 -23.13 42.10
CA ASP E 256 8.76 -23.61 42.55
C ASP E 256 9.60 -24.04 41.33
N ASP E 257 8.99 -24.80 40.41
CA ASP E 257 9.66 -25.34 39.19
C ASP E 257 10.02 -24.20 38.25
N VAL E 258 9.15 -23.19 38.14
CA VAL E 258 9.37 -21.96 37.31
C VAL E 258 10.53 -21.16 37.91
N MET E 259 10.59 -21.04 39.24
CA MET E 259 11.67 -20.34 39.98
C MET E 259 13.01 -21.04 39.70
N GLU E 260 13.00 -22.37 39.60
CA GLU E 260 14.21 -23.19 39.32
C GLU E 260 14.67 -22.93 37.87
N VAL E 261 13.72 -22.87 36.93
CA VAL E 261 13.99 -22.56 35.49
C VAL E 261 14.59 -21.14 35.40
N ALA E 262 14.02 -20.19 36.13
CA ALA E 262 14.44 -18.76 36.16
C ALA E 262 15.90 -18.64 36.60
N LYS E 263 16.33 -19.47 37.57
CA LYS E 263 17.75 -19.58 38.02
C LYS E 263 18.63 -20.03 36.85
N GLU E 264 18.17 -21.02 36.09
CA GLU E 264 18.92 -21.59 34.93
C GLU E 264 19.00 -20.55 33.81
N MET E 265 17.96 -19.72 33.65
CA MET E 265 17.83 -18.71 32.57
C MET E 265 18.50 -17.39 32.98
N ARG E 266 18.95 -17.26 34.23
CA ARG E 266 19.68 -16.08 34.75
C ARG E 266 18.74 -14.87 34.88
N ILE E 267 17.43 -15.10 34.96
CA ILE E 267 16.42 -14.02 35.17
C ILE E 267 16.48 -13.60 36.63
N ILE E 268 16.74 -14.54 37.54
CA ILE E 268 16.98 -14.27 38.98
C ILE E 268 18.44 -14.58 39.29
N ASP E 269 19.15 -13.62 39.91
CA ASP E 269 20.58 -13.70 40.27
C ASP E 269 20.73 -14.51 41.56
N THR E 270 21.28 -15.72 41.46
CA THR E 270 21.42 -16.69 42.59
C THR E 270 22.29 -16.08 43.70
N GLN E 271 23.31 -15.30 43.33
CA GLN E 271 24.31 -14.70 44.25
C GLN E 271 23.67 -13.65 45.17
N ASN E 272 22.93 -12.69 44.60
CA ASN E 272 22.34 -11.53 45.34
C ASN E 272 20.92 -11.84 45.79
N SER E 273 20.31 -12.91 45.27
CA SER E 273 18.87 -13.24 45.41
C SER E 273 18.04 -12.04 44.95
N THR E 274 18.30 -11.56 43.74
CA THR E 274 17.50 -10.53 43.00
C THR E 274 16.92 -11.18 41.74
N ALA E 275 16.02 -10.46 41.06
CA ALA E 275 15.43 -10.86 39.76
C ALA E 275 15.40 -9.66 38.81
N LYS E 276 15.64 -9.91 37.52
CA LYS E 276 15.68 -8.88 36.46
C LYS E 276 14.82 -9.34 35.28
N LEU E 277 13.79 -8.56 34.94
CA LEU E 277 12.93 -8.79 33.75
C LEU E 277 13.18 -7.69 32.73
N ILE E 278 13.81 -8.05 31.61
CA ILE E 278 13.96 -7.19 30.39
C ILE E 278 12.96 -7.69 29.35
N TYR E 279 12.03 -6.84 28.93
CA TYR E 279 10.89 -7.18 28.04
C TYR E 279 10.55 -5.99 27.15
N ASN E 280 9.66 -6.23 26.19
CA ASN E 280 9.21 -5.23 25.19
C ASN E 280 7.73 -4.93 25.40
N LEU E 281 7.42 -3.66 25.64
CA LEU E 281 6.05 -3.14 25.72
C LEU E 281 5.78 -2.33 24.46
N VAL E 282 4.93 -2.83 23.58
CA VAL E 282 4.46 -2.04 22.39
C VAL E 282 3.35 -1.12 22.90
N VAL E 283 3.52 0.20 22.73
CA VAL E 283 2.53 1.23 23.13
C VAL E 283 2.01 1.88 21.84
N ILE E 284 0.69 2.04 21.75
CA ILE E 284 -0.05 2.42 20.51
C ILE E 284 -0.87 3.68 20.80
N HIS E 285 -0.67 4.71 19.98
CA HIS E 285 -1.45 5.98 20.00
C HIS E 285 -1.97 6.25 18.58
N CYS E 286 -3.27 6.09 18.36
CA CYS E 286 -3.97 6.33 17.06
C CYS E 286 -5.04 7.40 17.22
N ARG E 287 -5.41 8.05 16.11
CA ARG E 287 -6.56 8.99 16.00
C ARG E 287 -7.46 8.56 14.85
N LYS E 288 -8.77 8.74 15.00
CA LYS E 288 -9.82 8.37 14.01
C LYS E 288 -10.43 9.65 13.42
N SER F 33 -18.01 44.68 -39.97
CA SER F 33 -17.40 43.32 -39.79
C SER F 33 -18.48 42.24 -39.93
N SER F 34 -18.09 41.05 -40.41
CA SER F 34 -18.97 39.86 -40.57
C SER F 34 -19.37 39.30 -39.20
N MET F 35 -18.40 39.23 -38.28
CA MET F 35 -18.58 38.79 -36.87
C MET F 35 -19.74 39.56 -36.24
N GLN F 36 -19.62 40.90 -36.20
CA GLN F 36 -20.57 41.84 -35.55
C GLN F 36 -22.00 41.55 -36.00
N ARG F 37 -22.21 41.33 -37.30
CA ARG F 37 -23.56 41.13 -37.90
C ARG F 37 -24.19 39.84 -37.36
N ARG F 38 -23.46 38.73 -37.39
CA ARG F 38 -23.93 37.40 -36.89
C ARG F 38 -24.45 37.57 -35.45
N ASP F 39 -23.62 38.13 -34.57
CA ASP F 39 -23.92 38.33 -33.13
C ASP F 39 -25.16 39.23 -32.98
N ALA F 40 -25.22 40.34 -33.74
CA ALA F 40 -26.36 41.28 -33.79
C ALA F 40 -27.65 40.54 -34.15
N LEU F 41 -27.61 39.73 -35.22
CA LEU F 41 -28.78 38.97 -35.74
C LEU F 41 -29.18 37.88 -34.75
N ASN F 42 -28.21 37.08 -34.30
CA ASN F 42 -28.43 35.95 -33.35
C ASN F 42 -29.01 36.46 -32.02
N SER F 43 -28.50 37.59 -31.53
CA SER F 43 -28.96 38.23 -30.26
C SER F 43 -30.41 38.66 -30.41
N LEU F 44 -30.68 39.49 -31.43
CA LEU F 44 -32.04 39.99 -31.77
C LEU F 44 -33.01 38.81 -31.91
N THR F 45 -32.66 37.84 -32.76
CA THR F 45 -33.46 36.62 -33.09
C THR F 45 -34.00 36.02 -31.78
N GLU F 46 -33.11 35.71 -30.84
CA GLU F 46 -33.43 35.03 -29.55
C GLU F 46 -34.30 35.94 -28.66
N TYR F 47 -33.97 37.23 -28.58
CA TYR F 47 -34.54 38.18 -27.59
C TYR F 47 -35.79 38.89 -28.14
N LEU F 48 -35.95 38.96 -29.47
CA LEU F 48 -37.13 39.57 -30.14
C LEU F 48 -38.42 39.06 -29.49
N PRO F 49 -38.63 37.72 -29.41
CA PRO F 49 -39.85 37.15 -28.82
C PRO F 49 -40.18 37.52 -27.37
N LYS F 50 -39.27 38.16 -26.64
CA LYS F 50 -39.49 38.56 -25.22
C LYS F 50 -39.74 40.08 -25.11
N PHE F 51 -39.63 40.82 -26.21
CA PHE F 51 -39.79 42.30 -26.22
C PHE F 51 -41.26 42.64 -26.02
N LYS F 52 -41.52 43.85 -25.49
CA LYS F 52 -42.86 44.41 -25.19
C LYS F 52 -43.05 45.70 -25.98
N TRP F 53 -44.16 45.81 -26.73
CA TRP F 53 -44.44 46.93 -27.67
C TRP F 53 -45.68 47.71 -27.22
N LYS F 54 -46.85 47.07 -27.23
CA LYS F 54 -48.12 47.62 -26.66
C LYS F 54 -48.72 48.72 -27.53
N GLU F 55 -48.01 49.23 -28.54
CA GLU F 55 -48.56 50.30 -29.42
C GLU F 55 -47.79 50.37 -30.73
N SER F 56 -48.40 51.02 -31.73
CA SER F 56 -47.85 51.23 -33.09
C SER F 56 -47.06 52.54 -33.14
N LYS F 57 -46.31 52.73 -34.23
CA LYS F 57 -45.55 53.98 -34.52
C LYS F 57 -44.78 54.39 -33.26
N GLU F 58 -43.97 53.46 -32.75
CA GLU F 58 -43.03 53.69 -31.62
C GLU F 58 -41.81 54.43 -32.14
N LYS F 59 -41.02 55.00 -31.24
CA LYS F 59 -39.73 55.65 -31.56
C LYS F 59 -38.62 54.68 -31.15
N ILE F 60 -37.75 54.32 -32.09
CA ILE F 60 -36.62 53.37 -31.85
C ILE F 60 -35.31 54.07 -32.21
N LEU F 61 -34.25 53.79 -31.44
CA LEU F 61 -32.90 54.42 -31.56
C LEU F 61 -31.84 53.32 -31.57
N ASP F 62 -30.83 53.46 -32.46
CA ASP F 62 -29.64 52.56 -32.52
C ASP F 62 -28.40 53.40 -32.24
N ILE F 63 -27.70 53.13 -31.14
CA ILE F 63 -26.47 53.86 -30.72
C ILE F 63 -25.28 53.24 -31.45
N GLY F 64 -24.29 54.07 -31.81
CA GLY F 64 -23.10 53.66 -32.59
C GLY F 64 -23.46 53.27 -34.01
N PHE F 85 -37.60 55.92 -36.08
CA PHE F 85 -36.37 55.08 -36.06
C PHE F 85 -35.15 55.96 -36.39
N GLU F 86 -34.42 56.39 -35.35
CA GLU F 86 -33.23 57.28 -35.46
C GLU F 86 -31.96 56.48 -35.17
N ALA F 87 -30.79 57.09 -35.38
CA ALA F 87 -29.45 56.49 -35.21
C ALA F 87 -28.41 57.58 -34.89
N CYS F 88 -27.18 57.19 -34.59
CA CYS F 88 -26.05 58.12 -34.26
C CYS F 88 -24.71 57.38 -34.16
N ASP F 89 -23.63 58.16 -34.07
CA ASP F 89 -22.21 57.70 -33.95
C ASP F 89 -21.38 58.88 -33.39
N VAL F 90 -20.12 58.65 -32.98
CA VAL F 90 -19.23 59.74 -32.47
C VAL F 90 -18.46 60.32 -33.67
N VAL F 111 -24.77 62.17 -35.38
CA VAL F 111 -23.52 62.14 -34.57
C VAL F 111 -23.87 62.60 -33.15
N MET F 112 -23.47 61.82 -32.13
CA MET F 112 -23.81 62.07 -30.70
C MET F 112 -22.76 61.42 -29.79
N ASP F 113 -22.43 62.10 -28.69
CA ASP F 113 -21.58 61.57 -27.59
C ASP F 113 -22.50 61.11 -26.45
N ILE F 114 -22.64 59.80 -26.27
CA ILE F 114 -23.39 59.17 -25.13
C ILE F 114 -22.71 59.59 -23.82
N GLU F 115 -21.42 59.89 -23.89
CA GLU F 115 -20.54 60.27 -22.74
C GLU F 115 -20.82 61.72 -22.34
N SER F 116 -21.58 62.47 -23.15
CA SER F 116 -21.94 63.90 -22.93
C SER F 116 -23.35 64.00 -22.33
N ASP F 117 -23.81 65.23 -22.06
CA ASP F 117 -25.19 65.52 -21.58
C ASP F 117 -26.13 65.44 -22.77
N LEU F 118 -27.25 64.73 -22.62
CA LEU F 118 -28.28 64.66 -23.68
C LEU F 118 -28.97 66.01 -23.78
N PRO F 119 -29.23 66.53 -24.99
CA PRO F 119 -30.13 67.67 -25.14
C PRO F 119 -31.52 67.14 -24.77
N LYS F 120 -32.38 67.98 -24.20
CA LYS F 120 -33.70 67.57 -23.63
C LYS F 120 -34.64 67.00 -24.70
N GLU F 121 -34.35 67.25 -25.98
CA GLU F 121 -35.14 66.80 -27.16
C GLU F 121 -35.28 65.26 -27.17
N MET F 122 -34.24 64.53 -26.77
CA MET F 122 -34.21 63.04 -26.88
C MET F 122 -34.66 62.37 -25.58
N LYS F 123 -34.57 63.08 -24.45
CA LYS F 123 -34.86 62.51 -23.10
C LYS F 123 -36.27 61.91 -23.07
N GLY F 124 -36.34 60.58 -22.98
CA GLY F 124 -37.57 59.81 -22.72
C GLY F 124 -38.55 59.83 -23.88
N LYS F 125 -38.06 59.82 -25.12
CA LYS F 125 -38.89 59.86 -26.35
C LYS F 125 -38.88 58.50 -27.06
N PHE F 126 -37.91 57.63 -26.75
CA PHE F 126 -37.70 56.32 -27.43
C PHE F 126 -38.28 55.18 -26.59
N ASP F 127 -39.21 54.41 -27.18
CA ASP F 127 -39.87 53.24 -26.54
C ASP F 127 -38.94 52.03 -26.60
N HIS F 128 -37.96 52.05 -27.52
CA HIS F 128 -36.90 51.02 -27.67
C HIS F 128 -35.57 51.69 -27.99
N VAL F 129 -34.49 51.19 -27.38
CA VAL F 129 -33.09 51.65 -27.60
C VAL F 129 -32.23 50.42 -27.88
N PHE F 130 -31.46 50.45 -28.97
CA PHE F 130 -30.53 49.37 -29.36
C PHE F 130 -29.11 49.93 -29.43
N SER F 131 -28.12 49.06 -29.19
CA SER F 131 -26.68 49.38 -29.20
C SER F 131 -25.88 48.09 -29.18
N PHE F 132 -25.15 47.81 -30.26
CA PHE F 132 -24.31 46.59 -30.42
C PHE F 132 -22.87 47.02 -30.69
N TYR F 133 -21.93 46.42 -29.98
CA TYR F 133 -20.46 46.65 -30.15
C TYR F 133 -20.13 48.14 -30.07
N THR F 134 -20.70 48.83 -29.07
CA THR F 134 -20.46 50.30 -28.91
C THR F 134 -19.89 50.60 -27.52
N LEU F 135 -20.60 50.18 -26.48
CA LEU F 135 -20.37 50.61 -25.07
C LEU F 135 -18.99 50.21 -24.55
N HIS F 136 -18.40 49.14 -25.10
CA HIS F 136 -17.02 48.70 -24.76
C HIS F 136 -16.00 49.74 -25.26
N TRP F 137 -16.48 50.78 -25.96
CA TRP F 137 -15.67 51.91 -26.49
C TRP F 137 -15.62 53.06 -25.47
N ILE F 138 -16.56 53.11 -24.53
CA ILE F 138 -16.84 54.28 -23.65
C ILE F 138 -16.08 54.13 -22.32
N GLU F 139 -15.32 55.15 -21.94
CA GLU F 139 -14.58 55.25 -20.65
C GLU F 139 -15.60 55.42 -19.52
N ASN F 140 -16.41 56.48 -19.58
CA ASN F 140 -17.44 56.82 -18.57
C ASN F 140 -18.65 55.89 -18.77
N GLN F 141 -18.61 54.73 -18.11
CA GLN F 141 -19.63 53.65 -18.22
C GLN F 141 -20.96 54.12 -17.62
N GLU F 142 -20.90 54.79 -16.46
CA GLU F 142 -22.08 55.20 -15.65
C GLU F 142 -22.89 56.26 -16.40
N LYS F 143 -22.22 57.28 -16.96
CA LYS F 143 -22.85 58.37 -17.74
C LYS F 143 -23.57 57.79 -18.95
N ALA F 144 -23.00 56.76 -19.58
CA ALA F 144 -23.50 56.11 -20.82
C ALA F 144 -24.82 55.39 -20.54
N PHE F 145 -24.85 54.53 -19.51
CA PHE F 145 -26.04 53.75 -19.08
C PHE F 145 -27.11 54.72 -18.55
N GLN F 146 -26.69 55.75 -17.81
CA GLN F 146 -27.59 56.81 -17.27
C GLN F 146 -28.25 57.55 -18.44
N ASN F 147 -27.48 57.84 -19.50
CA ASN F 147 -27.98 58.50 -20.73
C ASN F 147 -28.93 57.55 -21.47
N ILE F 148 -28.55 56.27 -21.60
CA ILE F 148 -29.38 55.22 -22.25
C ILE F 148 -30.74 55.17 -21.53
N TYR F 149 -30.72 55.19 -20.19
CA TYR F 149 -31.93 55.18 -19.32
C TYR F 149 -32.76 56.44 -19.58
N ASP F 150 -32.09 57.58 -19.72
CA ASP F 150 -32.73 58.92 -19.92
C ASP F 150 -33.39 58.98 -21.30
N LEU F 151 -32.76 58.37 -22.31
CA LEU F 151 -33.29 58.31 -23.70
C LEU F 151 -34.59 57.50 -23.72
N THR F 152 -34.64 56.43 -22.93
CA THR F 152 -35.76 55.47 -22.88
C THR F 152 -37.04 56.15 -22.40
N ALA F 153 -38.19 55.78 -22.98
CA ALA F 153 -39.52 56.27 -22.56
C ALA F 153 -39.85 55.71 -21.17
N ASP F 154 -40.98 56.13 -20.59
CA ASP F 154 -41.39 55.82 -19.20
C ASP F 154 -41.62 54.31 -19.05
N ASP F 155 -42.18 53.65 -20.07
CA ASP F 155 -42.48 52.18 -20.07
C ASP F 155 -41.78 51.51 -21.25
N GLY F 156 -40.62 52.03 -21.65
CA GLY F 156 -39.81 51.48 -22.77
C GLY F 156 -38.88 50.39 -22.28
N GLU F 157 -38.06 49.83 -23.18
CA GLU F 157 -37.03 48.81 -22.84
C GLU F 157 -35.82 48.99 -23.77
N CYS F 158 -34.66 48.45 -23.36
CA CYS F 158 -33.37 48.58 -24.08
C CYS F 158 -32.78 47.19 -24.34
N PHE F 159 -32.04 47.05 -25.44
CA PHE F 159 -31.27 45.84 -25.81
C PHE F 159 -29.86 46.27 -26.22
N LEU F 160 -28.86 45.89 -25.43
CA LEU F 160 -27.44 46.29 -25.63
C LEU F 160 -26.56 45.05 -25.59
N THR F 161 -25.60 44.96 -26.51
CA THR F 161 -24.54 43.92 -26.54
C THR F 161 -23.20 44.61 -26.29
N LEU F 162 -22.35 44.00 -25.48
CA LEU F 162 -21.06 44.60 -25.05
C LEU F 162 -19.97 43.56 -25.22
N LEU F 163 -18.78 43.99 -25.62
CA LEU F 163 -17.62 43.07 -25.65
C LEU F 163 -17.00 43.05 -24.26
N ALA F 164 -16.64 41.87 -23.78
CA ALA F 164 -15.84 41.71 -22.55
C ALA F 164 -14.45 41.28 -22.99
N GLN F 165 -14.07 40.05 -22.70
CA GLN F 165 -12.76 39.48 -23.14
C GLN F 165 -12.81 39.25 -24.66
N MET F 166 -11.75 39.65 -25.36
CA MET F 166 -11.65 39.52 -26.84
C MET F 166 -10.16 39.46 -27.20
N PRO F 167 -9.67 38.34 -27.80
CA PRO F 167 -8.26 38.19 -28.12
C PRO F 167 -7.63 39.34 -28.93
N VAL F 168 -8.43 40.05 -29.72
CA VAL F 168 -7.99 41.21 -30.54
C VAL F 168 -7.38 42.29 -29.63
N PHE F 169 -7.99 42.55 -28.47
CA PHE F 169 -7.51 43.55 -27.48
C PHE F 169 -6.09 43.19 -27.04
N ASN F 170 -5.91 41.94 -26.60
CA ASN F 170 -4.61 41.37 -26.13
C ASN F 170 -3.61 41.44 -27.29
N LEU F 171 -4.11 41.27 -28.53
CA LEU F 171 -3.32 41.39 -29.79
C LEU F 171 -2.73 42.81 -29.88
N PHE F 172 -3.57 43.83 -29.72
CA PHE F 172 -3.20 45.27 -29.85
C PHE F 172 -2.60 45.81 -28.54
N ASP F 173 -2.58 45.00 -27.47
CA ASP F 173 -1.92 45.36 -26.18
C ASP F 173 -0.45 44.91 -26.21
N ALA F 174 -0.18 43.75 -26.83
CA ALA F 174 1.13 43.07 -26.84
C ALA F 174 2.17 43.87 -27.63
N LEU F 175 1.73 44.70 -28.58
CA LEU F 175 2.64 45.50 -29.46
C LEU F 175 2.73 46.96 -29.01
N LYS F 176 1.94 47.37 -28.01
CA LYS F 176 2.20 48.63 -27.25
C LYS F 176 3.53 48.42 -26.53
N HIS F 177 3.80 47.15 -26.19
CA HIS F 177 5.03 46.66 -25.52
C HIS F 177 6.06 46.23 -26.57
N PHE F 191 -9.75 52.11 -25.78
CA PHE F 191 -10.27 51.32 -26.94
C PHE F 191 -10.48 49.86 -26.54
N ILE F 192 -9.68 49.33 -25.62
CA ILE F 192 -9.91 48.00 -24.94
C ILE F 192 -11.11 48.14 -24.00
N SER F 193 -12.01 47.16 -24.02
CA SER F 193 -13.22 47.08 -23.16
C SER F 193 -12.82 47.25 -21.70
N PRO F 194 -13.58 48.04 -20.90
CA PRO F 194 -13.34 48.10 -19.45
C PRO F 194 -13.52 46.74 -18.76
N TYR F 195 -14.22 45.80 -19.41
CA TYR F 195 -14.64 44.49 -18.84
C TYR F 195 -13.78 43.33 -19.37
N TYR F 196 -12.71 43.62 -20.10
CA TYR F 196 -11.88 42.61 -20.85
C TYR F 196 -11.09 41.73 -19.87
N GLU F 197 -10.89 42.17 -18.63
CA GLU F 197 -10.17 41.43 -17.55
C GLU F 197 -11.00 41.36 -16.27
N THR F 198 -12.23 41.88 -16.27
CA THR F 198 -13.11 41.96 -15.08
C THR F 198 -13.58 40.55 -14.72
N SER F 199 -13.65 40.24 -13.41
CA SER F 199 -14.28 39.02 -12.84
C SER F 199 -15.78 39.28 -12.67
N ASP F 200 -16.61 38.36 -13.17
CA ASP F 200 -18.10 38.45 -13.07
C ASP F 200 -18.56 39.79 -13.64
N PRO F 201 -18.21 40.13 -14.91
CA PRO F 201 -18.63 41.40 -15.51
C PRO F 201 -20.16 41.55 -15.56
N ASP F 202 -20.88 40.43 -15.75
CA ASP F 202 -22.36 40.36 -15.72
C ASP F 202 -22.89 40.96 -14.41
N VAL F 203 -22.27 40.62 -13.28
CA VAL F 203 -22.71 41.05 -11.92
C VAL F 203 -22.44 42.55 -11.76
N VAL F 204 -21.26 43.00 -12.19
CA VAL F 204 -20.80 44.42 -12.10
C VAL F 204 -21.79 45.30 -12.90
N ILE F 205 -22.05 44.92 -14.16
CA ILE F 205 -22.89 45.71 -15.11
C ILE F 205 -24.33 45.72 -14.60
N GLU F 206 -24.81 44.58 -14.12
CA GLU F 206 -26.17 44.42 -13.56
C GLU F 206 -26.35 45.42 -12.40
N LEU F 207 -25.38 45.47 -11.49
CA LEU F 207 -25.40 46.41 -10.33
C LEU F 207 -25.48 47.84 -10.85
N LEU F 208 -24.74 48.13 -11.93
CA LEU F 208 -24.70 49.48 -12.56
C LEU F 208 -26.07 49.83 -13.13
N LEU F 209 -26.76 48.88 -13.77
CA LEU F 209 -28.10 49.14 -14.40
C LEU F 209 -29.19 49.31 -13.35
N LYS F 210 -29.21 48.48 -12.31
CA LYS F 210 -30.21 48.54 -11.20
C LYS F 210 -30.06 49.87 -10.45
N ARG F 211 -28.81 50.33 -10.33
CA ARG F 211 -28.43 51.63 -9.71
C ARG F 211 -28.94 52.79 -10.56
N VAL F 212 -28.84 52.65 -11.89
CA VAL F 212 -29.26 53.68 -12.89
C VAL F 212 -30.79 53.84 -12.83
N GLY F 213 -31.50 52.80 -12.37
CA GLY F 213 -32.93 52.88 -11.97
C GLY F 213 -33.84 51.95 -12.75
N PHE F 214 -33.28 51.02 -13.54
CA PHE F 214 -34.06 50.02 -14.34
C PHE F 214 -34.72 49.03 -13.39
N ARG F 215 -36.00 48.71 -13.64
CA ARG F 215 -36.81 47.80 -12.80
C ARG F 215 -36.53 46.34 -13.18
N TYR F 216 -36.63 46.00 -14.46
CA TYR F 216 -36.17 44.69 -15.00
C TYR F 216 -34.75 44.86 -15.55
N VAL F 217 -33.86 43.90 -15.24
CA VAL F 217 -32.46 43.86 -15.74
C VAL F 217 -32.02 42.40 -15.90
N ASP F 218 -31.80 41.99 -17.15
CA ASP F 218 -31.24 40.66 -17.52
C ASP F 218 -29.91 40.89 -18.22
N VAL F 219 -28.81 40.43 -17.61
CA VAL F 219 -27.42 40.58 -18.14
C VAL F 219 -26.78 39.19 -18.22
N ARG F 220 -26.47 38.74 -19.43
CA ARG F 220 -25.76 37.46 -19.68
C ARG F 220 -24.38 37.79 -20.24
N CYS F 221 -23.39 36.97 -19.91
CA CYS F 221 -22.08 36.89 -20.60
C CYS F 221 -22.15 35.68 -21.54
N ARG F 222 -22.17 35.93 -22.85
CA ARG F 222 -22.28 34.88 -23.90
C ARG F 222 -20.89 34.62 -24.49
N GLN F 223 -20.34 33.41 -24.26
CA GLN F 223 -19.12 32.93 -24.94
C GLN F 223 -19.46 32.77 -26.42
N LYS F 224 -18.58 33.26 -27.29
CA LYS F 224 -18.76 33.22 -28.77
C LYS F 224 -17.49 32.65 -29.42
N LYS F 225 -17.68 31.94 -30.54
CA LYS F 225 -16.59 31.52 -31.47
C LYS F 225 -16.88 32.12 -32.85
N PHE F 226 -15.86 32.68 -33.49
CA PHE F 226 -15.90 33.07 -34.92
C PHE F 226 -14.59 32.62 -35.59
N GLU F 227 -14.73 31.89 -36.71
CA GLU F 227 -13.60 31.25 -37.42
C GLU F 227 -13.32 32.00 -38.71
N PHE F 228 -12.03 32.18 -39.03
CA PHE F 228 -11.52 32.69 -40.33
C PHE F 228 -10.78 31.54 -41.03
N TYR F 229 -11.24 31.18 -42.22
CA TYR F 229 -10.78 30.00 -42.99
C TYR F 229 -9.60 30.40 -43.89
N ASP F 230 -9.35 31.70 -44.02
CA ASP F 230 -8.15 32.27 -44.70
C ASP F 230 -7.60 33.42 -43.85
N LEU F 231 -6.28 33.65 -43.91
CA LEU F 231 -5.56 34.74 -43.19
C LEU F 231 -6.01 36.11 -43.72
N LYS F 232 -6.39 36.19 -45.00
CA LYS F 232 -6.80 37.44 -45.69
C LYS F 232 -8.03 38.04 -44.99
N SER F 233 -9.03 37.20 -44.68
CA SER F 233 -10.31 37.59 -44.03
C SER F 233 -10.03 38.09 -42.60
N PHE F 234 -9.08 37.48 -41.91
CA PHE F 234 -8.65 37.85 -40.53
C PHE F 234 -7.94 39.21 -40.57
N ARG F 235 -7.08 39.43 -41.58
CA ARG F 235 -6.36 40.72 -41.80
C ARG F 235 -7.38 41.84 -42.03
N ASN F 236 -8.40 41.58 -42.85
CA ASN F 236 -9.48 42.56 -43.16
C ASN F 236 -10.07 43.09 -41.85
N LEU F 237 -10.48 42.21 -40.93
CA LEU F 237 -11.01 42.60 -39.60
C LEU F 237 -9.97 43.47 -38.87
N LEU F 238 -8.73 42.97 -38.73
CA LEU F 238 -7.63 43.66 -38.01
C LEU F 238 -7.41 45.06 -38.60
N GLU F 239 -7.37 45.18 -39.94
CA GLU F 239 -7.20 46.47 -40.65
C GLU F 239 -8.33 47.43 -40.30
N ALA F 240 -9.55 46.91 -40.11
CA ALA F 240 -10.78 47.69 -39.83
C ALA F 240 -10.82 48.10 -38.35
N VAL F 241 -11.03 47.12 -37.47
CA VAL F 241 -11.29 47.36 -36.01
C VAL F 241 -10.11 48.09 -35.39
N SER F 242 -8.92 48.01 -36.01
CA SER F 242 -7.76 48.79 -35.54
C SER F 242 -8.23 50.22 -35.34
N PRO F 243 -8.07 50.81 -34.15
CA PRO F 243 -8.54 52.16 -33.85
C PRO F 243 -7.40 53.18 -34.02
N PHE F 244 -6.34 52.76 -34.72
CA PHE F 244 -5.07 53.50 -34.88
C PHE F 244 -4.94 54.01 -36.33
N LEU F 250 1.95 54.17 -44.02
CA LEU F 250 2.47 52.76 -43.99
C LEU F 250 2.04 52.10 -42.67
N GLN F 251 0.73 51.91 -42.50
CA GLN F 251 0.19 51.12 -41.38
C GLN F 251 0.28 49.65 -41.81
N GLU F 252 0.94 49.40 -42.94
CA GLU F 252 1.12 48.03 -43.48
C GLU F 252 2.08 47.26 -42.58
N GLU F 253 3.20 47.88 -42.22
CA GLU F 253 4.28 47.25 -41.40
C GLU F 253 3.73 46.93 -40.00
N LEU F 254 2.89 47.79 -39.43
CA LEU F 254 2.33 47.60 -38.07
C LEU F 254 1.51 46.31 -38.04
N ILE F 255 0.60 46.14 -39.00
CA ILE F 255 -0.30 44.96 -39.08
C ILE F 255 0.54 43.70 -39.17
N ASP F 256 1.59 43.74 -39.99
CA ASP F 256 2.47 42.57 -40.28
C ASP F 256 2.96 42.00 -38.96
N ASP F 257 3.35 42.90 -38.04
CA ASP F 257 3.90 42.59 -36.70
C ASP F 257 2.78 42.07 -35.79
N VAL F 258 1.55 42.60 -35.93
CA VAL F 258 0.33 42.07 -35.24
C VAL F 258 0.12 40.61 -35.67
N MET F 259 0.00 40.39 -36.98
CA MET F 259 -0.27 39.06 -37.60
C MET F 259 0.75 38.04 -37.10
N GLU F 260 1.99 38.47 -36.87
CA GLU F 260 3.08 37.60 -36.33
C GLU F 260 2.88 37.40 -34.82
N VAL F 261 2.36 38.42 -34.13
CA VAL F 261 1.95 38.34 -32.69
C VAL F 261 0.76 37.40 -32.57
N ALA F 262 -0.16 37.41 -33.54
CA ALA F 262 -1.36 36.53 -33.60
C ALA F 262 -0.94 35.06 -33.77
N LYS F 263 0.22 34.82 -34.39
CA LYS F 263 0.81 33.47 -34.59
C LYS F 263 1.43 32.97 -33.28
N GLU F 264 2.11 33.85 -32.54
CA GLU F 264 2.71 33.54 -31.21
C GLU F 264 1.59 33.21 -30.21
N MET F 265 0.44 33.89 -30.33
CA MET F 265 -0.72 33.78 -29.40
C MET F 265 -1.64 32.64 -29.81
N ARG F 266 -1.36 31.97 -30.94
CA ARG F 266 -2.13 30.76 -31.37
C ARG F 266 -3.56 31.15 -31.75
N ILE F 267 -3.78 32.43 -32.06
CA ILE F 267 -5.10 32.95 -32.50
C ILE F 267 -5.30 32.53 -33.96
N ILE F 268 -4.22 32.59 -34.75
CA ILE F 268 -4.18 31.99 -36.12
C ILE F 268 -3.33 30.72 -36.05
N ASP F 269 -3.83 29.63 -36.64
CA ASP F 269 -3.16 28.31 -36.72
C ASP F 269 -2.22 28.32 -37.92
N THR F 270 -0.90 28.40 -37.68
CA THR F 270 0.17 28.47 -38.72
C THR F 270 0.05 27.30 -39.70
N GLN F 271 -0.41 26.13 -39.21
CA GLN F 271 -0.65 24.91 -40.03
C GLN F 271 -1.61 25.24 -41.18
N ASN F 272 -2.87 25.55 -40.84
CA ASN F 272 -4.02 25.56 -41.80
C ASN F 272 -4.21 26.94 -42.43
N SER F 273 -3.43 27.94 -42.01
CA SER F 273 -3.62 29.36 -42.39
C SER F 273 -5.05 29.77 -42.04
N THR F 274 -5.49 29.43 -40.82
CA THR F 274 -6.83 29.74 -40.25
C THR F 274 -6.67 30.59 -38.99
N ALA F 275 -7.66 31.43 -38.70
CA ALA F 275 -7.75 32.25 -37.46
C ALA F 275 -9.03 31.90 -36.70
N LYS F 276 -8.96 31.90 -35.37
CA LYS F 276 -10.06 31.52 -34.46
C LYS F 276 -10.13 32.54 -33.32
N LEU F 277 -11.29 33.16 -33.12
CA LEU F 277 -11.58 34.09 -32.00
C LEU F 277 -12.63 33.46 -31.09
N ILE F 278 -12.26 33.12 -29.84
CA ILE F 278 -13.22 32.84 -28.74
C ILE F 278 -13.21 34.04 -27.80
N TYR F 279 -14.37 34.66 -27.61
CA TYR F 279 -14.55 35.94 -26.86
C TYR F 279 -15.87 35.91 -26.09
N ASN F 280 -16.06 36.89 -25.22
CA ASN F 280 -17.29 37.07 -24.38
C ASN F 280 -18.05 38.30 -24.89
N LEU F 281 -19.29 38.07 -25.32
CA LEU F 281 -20.23 39.16 -25.65
C LEU F 281 -21.27 39.23 -24.54
N VAL F 282 -21.24 40.30 -23.74
CA VAL F 282 -22.25 40.53 -22.67
C VAL F 282 -23.45 41.20 -23.34
N VAL F 283 -24.63 40.58 -23.21
CA VAL F 283 -25.89 41.05 -23.84
C VAL F 283 -26.85 41.45 -22.71
N ILE F 284 -27.46 42.63 -22.84
CA ILE F 284 -28.26 43.30 -21.77
C ILE F 284 -29.68 43.51 -22.29
N HIS F 285 -30.67 43.13 -21.48
CA HIS F 285 -32.12 43.39 -21.70
C HIS F 285 -32.70 44.02 -20.42
N CYS F 286 -33.11 45.29 -20.49
CA CYS F 286 -33.76 46.03 -19.38
C CYS F 286 -35.14 46.54 -19.82
N ARG F 287 -36.10 46.57 -18.89
CA ARG F 287 -37.41 47.24 -19.03
C ARG F 287 -37.42 48.44 -18.09
N LYS F 288 -38.23 49.46 -18.36
CA LYS F 288 -38.22 50.70 -17.54
C LYS F 288 -39.59 50.92 -16.92
#